data_7T9W
#
_entry.id   7T9W
#
_cell.length_a   157.462
_cell.length_b   157.462
_cell.length_c   79.619
_cell.angle_alpha   90.000
_cell.angle_beta   90.000
_cell.angle_gamma   90.000
#
_symmetry.space_group_name_H-M   'P 43'
#
loop_
_entity.id
_entity.type
_entity.pdbx_description
1 polymer 'Papain-like protease nsp3'
2 non-polymer 'CHLORIDE ION'
3 non-polymer GLYCEROL
4 water water
#
_entity_poly.entity_id   1
_entity_poly.type   'polypeptide(L)'
_entity_poly.pdbx_seq_one_letter_code
;SEEVVENPTIQKDVLECNVKTTEVVGDIILKPANNSLKITEEVGHTDLMAAYVDNSSLTIKKPNELSRVLGLKTLATHGL
AAVNSVPWDTIANYAKPFLNKVVST
;
_entity_poly.pdbx_strand_id   A,B,C,D,E,F,G,H,I,J,K,L,M,N,O,P
#
# COMPACT_ATOMS: atom_id res chain seq x y z
N LYS A 12 -26.14 -26.13 -36.40
CA LYS A 12 -24.79 -25.94 -35.89
C LYS A 12 -23.87 -25.35 -36.95
N ASP A 13 -22.95 -24.50 -36.53
CA ASP A 13 -22.00 -23.90 -37.46
C ASP A 13 -20.90 -24.89 -37.83
N VAL A 14 -20.28 -24.65 -38.97
CA VAL A 14 -19.37 -25.60 -39.61
C VAL A 14 -18.04 -24.92 -39.89
N LEU A 15 -16.94 -25.63 -39.66
CA LEU A 15 -15.60 -25.13 -39.95
C LEU A 15 -14.85 -26.17 -40.75
N GLU A 16 -14.45 -25.82 -41.97
CA GLU A 16 -13.58 -26.67 -42.77
C GLU A 16 -12.15 -26.48 -42.30
N CYS A 17 -11.55 -27.52 -41.74
CA CYS A 17 -10.20 -27.43 -41.21
C CYS A 17 -9.50 -28.78 -41.39
N ASN A 18 -8.30 -28.89 -40.83
CA ASN A 18 -7.42 -30.03 -41.03
C ASN A 18 -7.70 -31.18 -40.07
N VAL A 19 -8.88 -31.23 -39.45
CA VAL A 19 -9.20 -32.34 -38.58
C VAL A 19 -9.31 -33.63 -39.41
N LYS A 20 -9.12 -34.76 -38.73
CA LYS A 20 -9.20 -36.06 -39.39
C LYS A 20 -10.58 -36.69 -39.28
N THR A 21 -11.31 -36.40 -38.22
CA THR A 21 -12.67 -36.90 -38.04
C THR A 21 -13.61 -35.73 -37.79
N THR A 22 -14.86 -35.90 -38.22
CA THR A 22 -15.89 -34.91 -37.91
C THR A 22 -16.12 -34.87 -36.41
N GLU A 23 -15.94 -33.70 -35.81
CA GLU A 23 -16.01 -33.54 -34.37
C GLU A 23 -16.84 -32.31 -34.02
N VAL A 24 -17.63 -32.44 -32.97
CA VAL A 24 -18.42 -31.33 -32.43
C VAL A 24 -17.64 -30.71 -31.29
N VAL A 25 -17.34 -29.43 -31.40
CA VAL A 25 -16.58 -28.69 -30.39
C VAL A 25 -17.42 -27.48 -30.00
N GLY A 26 -17.96 -27.50 -28.78
CA GLY A 26 -18.82 -26.43 -28.33
C GLY A 26 -20.14 -26.39 -29.07
N ASP A 27 -20.39 -25.30 -29.79
CA ASP A 27 -21.62 -25.13 -30.56
C ASP A 27 -21.38 -25.22 -32.07
N ILE A 28 -20.18 -25.60 -32.49
CA ILE A 28 -19.84 -25.70 -33.91
C ILE A 28 -19.32 -27.10 -34.20
N ILE A 29 -19.09 -27.37 -35.48
CA ILE A 29 -18.68 -28.69 -35.95
C ILE A 29 -17.47 -28.52 -36.85
N LEU A 30 -16.43 -29.32 -36.60
CA LEU A 30 -15.24 -29.34 -37.45
C LEU A 30 -15.39 -30.43 -38.49
N LYS A 31 -15.28 -30.05 -39.78
CA LYS A 31 -15.39 -31.07 -40.81
C LYS A 31 -14.04 -31.29 -41.48
N PRO A 32 -13.69 -32.55 -41.76
CA PRO A 32 -12.36 -32.84 -42.32
C PRO A 32 -12.21 -32.29 -43.73
N ALA A 33 -11.17 -31.51 -43.94
CA ALA A 33 -10.83 -30.95 -45.25
C ALA A 33 -9.32 -30.93 -45.39
N ASN A 34 -8.81 -31.57 -46.44
CA ASN A 34 -7.37 -31.73 -46.58
C ASN A 34 -6.71 -30.41 -46.99
N ASN A 35 -5.53 -30.17 -46.41
CA ASN A 35 -4.74 -28.96 -46.68
C ASN A 35 -5.55 -27.70 -46.44
N SER A 36 -6.28 -27.68 -45.33
CA SER A 36 -7.13 -26.56 -44.95
C SER A 36 -6.49 -25.85 -43.75
N LEU A 37 -7.33 -25.33 -42.85
CA LEU A 37 -6.84 -24.52 -41.74
C LEU A 37 -6.23 -25.39 -40.66
N LYS A 38 -5.05 -25.00 -40.19
CA LYS A 38 -4.39 -25.73 -39.11
C LYS A 38 -5.11 -25.47 -37.79
N ILE A 39 -5.29 -26.53 -37.01
CA ILE A 39 -6.01 -26.46 -35.74
C ILE A 39 -5.05 -26.85 -34.62
N THR A 40 -4.91 -25.97 -33.64
CA THR A 40 -4.15 -26.27 -32.43
C THR A 40 -5.09 -26.83 -31.39
N GLU A 41 -4.81 -28.05 -30.91
CA GLU A 41 -5.69 -28.68 -29.93
C GLU A 41 -5.72 -27.87 -28.63
N GLU A 42 -4.55 -27.67 -28.04
CA GLU A 42 -4.40 -26.78 -26.89
C GLU A 42 -3.09 -26.03 -27.03
N VAL A 43 -3.12 -24.72 -26.82
CA VAL A 43 -1.96 -23.88 -27.13
C VAL A 43 -0.82 -24.20 -26.18
N GLY A 44 0.40 -24.11 -26.70
CA GLY A 44 1.61 -24.36 -25.93
C GLY A 44 2.74 -23.44 -26.35
N HIS A 45 3.94 -23.66 -25.79
CA HIS A 45 5.06 -22.79 -26.09
C HIS A 45 5.46 -22.87 -27.56
N THR A 46 5.54 -24.09 -28.10
CA THR A 46 5.95 -24.24 -29.49
C THR A 46 4.94 -23.63 -30.45
N ASP A 47 3.64 -23.75 -30.15
CA ASP A 47 2.62 -23.14 -30.99
C ASP A 47 2.78 -21.64 -31.05
N LEU A 48 3.03 -20.99 -29.91
CA LEU A 48 3.20 -19.54 -29.90
C LEU A 48 4.53 -19.13 -30.50
N MET A 49 5.57 -19.96 -30.32
CA MET A 49 6.87 -19.65 -30.93
C MET A 49 6.78 -19.75 -32.45
N ALA A 50 6.00 -20.71 -32.96
CA ALA A 50 5.87 -20.90 -34.40
C ALA A 50 4.99 -19.84 -35.03
N ALA A 51 3.91 -19.43 -34.35
CA ALA A 51 3.06 -18.37 -34.88
C ALA A 51 3.82 -17.06 -34.97
N TYR A 52 4.75 -16.81 -34.03
CA TYR A 52 5.58 -15.62 -34.09
C TYR A 52 6.52 -15.66 -35.29
N VAL A 53 7.12 -16.83 -35.55
CA VAL A 53 8.11 -16.95 -36.61
C VAL A 53 7.44 -17.01 -37.98
N ASP A 54 6.33 -17.75 -38.09
CA ASP A 54 5.67 -17.95 -39.37
C ASP A 54 4.85 -16.76 -39.84
N ASN A 55 4.87 -15.65 -39.10
CA ASN A 55 4.04 -14.49 -39.42
C ASN A 55 2.57 -14.89 -39.54
N SER A 56 2.11 -15.67 -38.59
CA SER A 56 0.79 -16.28 -38.63
C SER A 56 0.10 -16.13 -37.29
N SER A 57 -1.20 -16.40 -37.28
CA SER A 57 -2.01 -16.43 -36.07
C SER A 57 -2.19 -17.88 -35.63
N LEU A 58 -3.18 -18.13 -34.79
CA LEU A 58 -3.46 -19.47 -34.30
C LEU A 58 -4.97 -19.65 -34.14
N THR A 59 -5.43 -20.88 -34.36
CA THR A 59 -6.80 -21.27 -34.13
C THR A 59 -6.78 -22.41 -33.11
N ILE A 60 -6.75 -22.05 -31.83
CA ILE A 60 -6.77 -23.03 -30.75
CA ILE A 60 -6.76 -23.05 -30.77
C ILE A 60 -8.18 -23.59 -30.61
N LYS A 61 -8.29 -24.90 -30.42
CA LYS A 61 -9.57 -25.58 -30.40
C LYS A 61 -10.14 -25.76 -28.99
N LYS A 62 -9.31 -26.14 -28.01
CA LYS A 62 -9.78 -26.30 -26.65
C LYS A 62 -8.93 -25.48 -25.69
N PRO A 63 -9.54 -24.82 -24.71
CA PRO A 63 -8.78 -23.94 -23.84
C PRO A 63 -8.02 -24.68 -22.74
N ASN A 64 -6.93 -24.06 -22.30
CA ASN A 64 -6.18 -24.47 -21.13
C ASN A 64 -5.85 -23.22 -20.32
N GLU A 65 -5.00 -23.36 -19.31
CA GLU A 65 -4.66 -22.21 -18.47
C GLU A 65 -3.97 -21.12 -19.28
N LEU A 66 -3.07 -21.51 -20.19
CA LEU A 66 -2.31 -20.52 -20.95
C LEU A 66 -3.24 -19.70 -21.86
N SER A 67 -4.17 -20.36 -22.54
CA SER A 67 -5.06 -19.65 -23.44
C SER A 67 -5.98 -18.69 -22.69
N ARG A 68 -6.40 -19.06 -21.47
CA ARG A 68 -7.26 -18.18 -20.70
C ARG A 68 -6.48 -16.98 -20.16
N VAL A 69 -5.29 -17.22 -19.61
CA VAL A 69 -4.50 -16.13 -19.05
C VAL A 69 -4.00 -15.18 -20.14
N LEU A 70 -3.90 -15.64 -21.38
CA LEU A 70 -3.57 -14.79 -22.51
C LEU A 70 -4.79 -14.13 -23.14
N GLY A 71 -5.99 -14.38 -22.59
CA GLY A 71 -7.20 -13.81 -23.13
C GLY A 71 -7.50 -14.24 -24.55
N LEU A 72 -7.29 -15.52 -24.85
CA LEU A 72 -7.42 -16.02 -26.21
C LEU A 72 -8.78 -16.69 -26.40
N LYS A 73 -9.28 -16.61 -27.63
CA LYS A 73 -10.51 -17.27 -28.01
C LYS A 73 -10.20 -18.66 -28.55
N THR A 74 -11.06 -19.62 -28.19
CA THR A 74 -10.93 -20.99 -28.67
C THR A 74 -12.20 -21.38 -29.42
N LEU A 75 -12.08 -22.43 -30.23
CA LEU A 75 -13.25 -22.93 -30.95
C LEU A 75 -14.30 -23.48 -30.00
N ALA A 76 -13.87 -24.03 -28.86
CA ALA A 76 -14.82 -24.59 -27.91
C ALA A 76 -15.63 -23.51 -27.19
N THR A 77 -15.05 -22.31 -27.04
CA THR A 77 -15.69 -21.25 -26.28
C THR A 77 -16.16 -20.08 -27.11
N HIS A 78 -15.69 -19.94 -28.36
CA HIS A 78 -16.05 -18.80 -29.18
C HIS A 78 -16.46 -19.17 -30.60
N GLY A 79 -16.53 -20.45 -30.93
CA GLY A 79 -16.99 -20.86 -32.24
C GLY A 79 -16.08 -20.39 -33.36
N LEU A 80 -16.69 -20.09 -34.51
CA LEU A 80 -15.94 -19.67 -35.69
C LEU A 80 -15.14 -18.40 -35.47
N ALA A 81 -15.42 -17.64 -34.40
CA ALA A 81 -14.70 -16.41 -34.16
C ALA A 81 -13.25 -16.64 -33.75
N ALA A 82 -12.88 -17.86 -33.35
CA ALA A 82 -11.51 -18.16 -32.97
C ALA A 82 -10.60 -18.41 -34.16
N VAL A 83 -11.14 -18.48 -35.37
CA VAL A 83 -10.37 -18.76 -36.57
C VAL A 83 -9.35 -17.66 -36.79
N ASN A 84 -8.07 -17.98 -36.59
CA ASN A 84 -6.97 -17.03 -36.74
C ASN A 84 -7.21 -15.76 -35.92
N SER A 85 -7.74 -15.95 -34.71
CA SER A 85 -8.16 -14.85 -33.86
C SER A 85 -7.11 -14.43 -32.85
N VAL A 86 -6.06 -15.22 -32.65
CA VAL A 86 -5.02 -14.90 -31.67
C VAL A 86 -4.32 -13.63 -32.12
N PRO A 87 -4.42 -12.53 -31.37
CA PRO A 87 -3.86 -11.26 -31.83
C PRO A 87 -2.33 -11.33 -31.90
N TRP A 88 -1.76 -10.50 -32.76
CA TRP A 88 -0.31 -10.52 -32.95
C TRP A 88 0.43 -9.92 -31.76
N ASP A 89 -0.19 -8.97 -31.06
CA ASP A 89 0.47 -8.40 -29.88
C ASP A 89 0.58 -9.43 -28.76
N THR A 90 -0.34 -10.40 -28.72
CA THR A 90 -0.25 -11.45 -27.70
C THR A 90 0.86 -12.44 -28.04
N ILE A 91 0.94 -12.87 -29.30
CA ILE A 91 2.00 -13.79 -29.71
C ILE A 91 3.36 -13.13 -29.54
N ALA A 92 3.46 -11.85 -29.92
CA ALA A 92 4.76 -11.17 -29.88
C ALA A 92 5.20 -10.91 -28.45
N ASN A 93 4.27 -10.53 -27.57
CA ASN A 93 4.66 -10.20 -26.20
C ASN A 93 5.00 -11.44 -25.38
N TYR A 94 4.39 -12.58 -25.68
CA TYR A 94 4.71 -13.81 -24.96
C TYR A 94 6.08 -14.33 -25.35
N ALA A 95 6.45 -14.21 -26.62
CA ALA A 95 7.59 -14.91 -27.18
C ALA A 95 8.92 -14.18 -27.00
N LYS A 96 8.94 -13.03 -26.33
CA LYS A 96 10.16 -12.25 -26.28
C LYS A 96 11.03 -12.56 -25.06
N PRO A 97 10.48 -12.95 -23.91
CA PRO A 97 11.32 -13.56 -22.86
C PRO A 97 12.08 -14.80 -23.33
N PHE A 98 11.74 -15.36 -24.50
CA PHE A 98 12.36 -16.57 -25.01
C PHE A 98 13.27 -16.31 -26.19
N LEU A 99 13.65 -15.06 -26.44
CA LEU A 99 14.55 -14.73 -27.53
C LEU A 99 15.73 -13.89 -27.05
N THR B 9 -37.88 -0.46 27.98
CA THR B 9 -38.96 -1.15 27.27
C THR B 9 -38.39 -2.13 26.27
N ILE B 10 -37.15 -2.55 26.50
CA ILE B 10 -36.43 -3.40 25.55
C ILE B 10 -37.01 -4.80 25.57
N GLN B 11 -37.16 -5.39 24.38
CA GLN B 11 -37.50 -6.80 24.24
C GLN B 11 -36.23 -7.56 23.88
N LYS B 12 -35.73 -8.36 24.82
CA LYS B 12 -34.47 -9.06 24.63
C LYS B 12 -34.64 -10.25 23.70
N ASP B 13 -33.56 -10.61 23.02
CA ASP B 13 -33.54 -11.84 22.22
C ASP B 13 -33.51 -13.04 23.15
N VAL B 14 -34.22 -14.10 22.77
CA VAL B 14 -34.29 -15.32 23.57
C VAL B 14 -33.54 -16.42 22.83
N LEU B 15 -32.93 -17.31 23.61
CA LEU B 15 -32.19 -18.45 23.07
C LEU B 15 -32.60 -19.69 23.86
N GLU B 16 -33.45 -20.51 23.26
CA GLU B 16 -33.80 -21.81 23.85
C GLU B 16 -32.57 -22.71 23.82
N CYS B 17 -32.10 -23.12 24.99
CA CYS B 17 -30.88 -23.92 25.07
C CYS B 17 -30.98 -24.86 26.27
N ASN B 18 -29.89 -25.57 26.55
CA ASN B 18 -29.86 -26.62 27.55
C ASN B 18 -29.64 -26.10 28.97
N VAL B 19 -29.76 -24.79 29.20
CA VAL B 19 -29.66 -24.29 30.56
C VAL B 19 -30.81 -24.85 31.40
N LYS B 20 -30.60 -24.84 32.71
CA LYS B 20 -31.59 -25.38 33.64
C LYS B 20 -32.50 -24.32 34.23
N THR B 21 -32.06 -23.05 34.24
CA THR B 21 -32.89 -21.94 34.71
C THR B 21 -32.86 -20.83 33.68
N THR B 22 -33.91 -20.01 33.70
CA THR B 22 -33.92 -18.79 32.88
C THR B 22 -32.76 -17.90 33.32
N GLU B 23 -31.93 -17.48 32.36
CA GLU B 23 -30.69 -16.78 32.67
C GLU B 23 -30.48 -15.64 31.70
N VAL B 24 -30.14 -14.47 32.24
CA VAL B 24 -29.78 -13.31 31.42
C VAL B 24 -28.28 -13.35 31.19
N VAL B 25 -27.88 -13.35 29.92
CA VAL B 25 -26.48 -13.37 29.52
C VAL B 25 -26.26 -12.22 28.54
N GLY B 26 -25.57 -11.18 28.97
CA GLY B 26 -25.30 -10.06 28.08
C GLY B 26 -26.57 -9.36 27.69
N ASP B 27 -26.85 -9.33 26.38
CA ASP B 27 -28.03 -8.69 25.84
C ASP B 27 -29.14 -9.67 25.49
N ILE B 28 -28.96 -10.95 25.78
CA ILE B 28 -29.94 -11.97 25.46
C ILE B 28 -30.34 -12.69 26.75
N ILE B 29 -31.39 -13.50 26.66
CA ILE B 29 -31.88 -14.30 27.77
C ILE B 29 -31.93 -15.75 27.31
N LEU B 30 -31.31 -16.64 28.09
CA LEU B 30 -31.37 -18.07 27.83
C LEU B 30 -32.58 -18.66 28.54
N LYS B 31 -33.49 -19.27 27.77
CA LYS B 31 -34.60 -19.93 28.41
C LYS B 31 -34.45 -21.44 28.33
N PRO B 32 -34.73 -22.16 29.41
CA PRO B 32 -34.56 -23.62 29.40
C PRO B 32 -35.47 -24.27 28.36
N ALA B 33 -34.91 -25.23 27.64
CA ALA B 33 -35.66 -26.03 26.68
C ALA B 33 -35.07 -27.43 26.66
N ASN B 34 -35.90 -28.41 26.31
CA ASN B 34 -35.49 -29.80 26.31
C ASN B 34 -34.90 -30.18 24.95
N ASN B 35 -33.78 -30.90 24.99
CA ASN B 35 -33.11 -31.40 23.79
C ASN B 35 -32.77 -30.27 22.83
N SER B 36 -32.39 -29.11 23.37
CA SER B 36 -32.01 -27.96 22.56
C SER B 36 -30.49 -27.95 22.39
N LEU B 37 -29.95 -26.84 21.90
CA LEU B 37 -28.51 -26.74 21.70
C LEU B 37 -27.78 -26.63 23.02
N LYS B 38 -26.60 -27.25 23.08
CA LYS B 38 -25.81 -27.28 24.30
C LYS B 38 -24.94 -26.04 24.38
N ILE B 39 -24.93 -25.40 25.55
CA ILE B 39 -24.14 -24.19 25.79
C ILE B 39 -22.83 -24.60 26.46
N THR B 40 -21.72 -24.16 25.89
CA THR B 40 -20.41 -24.30 26.52
C THR B 40 -20.16 -23.07 27.38
N GLU B 41 -20.06 -23.27 28.69
CA GLU B 41 -19.91 -22.14 29.61
C GLU B 41 -18.69 -21.31 29.25
N GLU B 42 -17.51 -21.91 29.32
CA GLU B 42 -16.27 -21.29 28.87
C GLU B 42 -15.49 -22.32 28.07
N VAL B 43 -14.87 -21.89 26.98
CA VAL B 43 -14.23 -22.83 26.07
C VAL B 43 -12.99 -23.41 26.73
N GLY B 44 -12.74 -24.70 26.47
CA GLY B 44 -11.58 -25.39 27.00
C GLY B 44 -10.98 -26.31 25.95
N HIS B 45 -9.94 -27.02 26.37
CA HIS B 45 -9.24 -27.91 25.45
C HIS B 45 -10.15 -29.07 25.01
N THR B 46 -10.88 -29.67 25.94
CA THR B 46 -11.74 -30.79 25.60
C THR B 46 -12.94 -30.33 24.77
N ASP B 47 -13.43 -29.11 25.02
CA ASP B 47 -14.51 -28.58 24.18
C ASP B 47 -14.08 -28.46 22.73
N LEU B 48 -12.84 -28.01 22.50
CA LEU B 48 -12.36 -27.83 21.15
C LEU B 48 -11.95 -29.14 20.50
N MET B 49 -11.43 -30.09 21.28
CA MET B 49 -11.08 -31.40 20.73
C MET B 49 -12.33 -32.16 20.32
N ALA B 50 -13.35 -32.18 21.17
CA ALA B 50 -14.58 -32.88 20.84
C ALA B 50 -15.29 -32.23 19.66
N ALA B 51 -15.24 -30.89 19.57
CA ALA B 51 -15.86 -30.21 18.46
C ALA B 51 -15.17 -30.51 17.14
N TYR B 52 -13.87 -30.83 17.18
CA TYR B 52 -13.14 -31.12 15.95
C TYR B 52 -13.45 -32.52 15.43
N VAL B 53 -13.47 -33.52 16.32
CA VAL B 53 -13.66 -34.89 15.86
C VAL B 53 -15.10 -35.15 15.46
N ASP B 54 -16.04 -34.41 16.02
CA ASP B 54 -17.46 -34.62 15.75
C ASP B 54 -17.99 -33.75 14.61
N ASN B 55 -17.13 -32.93 14.00
CA ASN B 55 -17.53 -32.05 12.90
C ASN B 55 -18.70 -31.15 13.30
N SER B 56 -18.56 -30.53 14.47
CA SER B 56 -19.58 -29.65 15.01
C SER B 56 -18.93 -28.35 15.49
N SER B 57 -19.78 -27.41 15.90
CA SER B 57 -19.34 -26.12 16.40
C SER B 57 -19.69 -25.98 17.87
N LEU B 58 -19.35 -24.83 18.45
CA LEU B 58 -19.60 -24.56 19.86
C LEU B 58 -20.40 -23.27 20.00
N THR B 59 -21.11 -23.16 21.13
CA THR B 59 -21.79 -21.94 21.53
C THR B 59 -21.25 -21.57 22.91
N ILE B 60 -20.33 -20.60 22.95
CA ILE B 60 -19.65 -20.23 24.17
C ILE B 60 -20.46 -19.15 24.88
N LYS B 61 -20.71 -19.35 26.17
CA LYS B 61 -21.54 -18.41 26.92
C LYS B 61 -20.74 -17.17 27.33
N LYS B 62 -19.66 -17.36 28.07
CA LYS B 62 -18.86 -16.25 28.57
C LYS B 62 -17.42 -16.38 28.08
N PRO B 63 -16.74 -15.26 27.84
CA PRO B 63 -15.40 -15.32 27.26
C PRO B 63 -14.31 -15.58 28.30
N ASN B 64 -13.19 -16.08 27.81
CA ASN B 64 -11.96 -16.21 28.59
C ASN B 64 -10.79 -15.87 27.68
N GLU B 65 -9.57 -16.03 28.22
CA GLU B 65 -8.38 -15.69 27.43
C GLU B 65 -8.27 -16.55 26.18
N LEU B 66 -8.67 -17.82 26.27
CA LEU B 66 -8.58 -18.71 25.11
C LEU B 66 -9.56 -18.27 24.02
N SER B 67 -10.82 -18.03 24.39
CA SER B 67 -11.82 -17.61 23.41
C SER B 67 -11.44 -16.26 22.79
N ARG B 68 -10.89 -15.36 23.60
CA ARG B 68 -10.52 -14.03 23.08
C ARG B 68 -9.32 -14.13 22.14
N VAL B 69 -8.30 -14.90 22.52
CA VAL B 69 -7.11 -14.99 21.67
C VAL B 69 -7.41 -15.73 20.37
N LEU B 70 -8.41 -16.60 20.37
CA LEU B 70 -8.87 -17.26 19.15
C LEU B 70 -9.90 -16.43 18.39
N GLY B 71 -10.24 -15.24 18.88
CA GLY B 71 -11.20 -14.39 18.21
C GLY B 71 -12.61 -14.95 18.18
N LEU B 72 -13.00 -15.68 19.22
CA LEU B 72 -14.30 -16.34 19.24
C LEU B 72 -15.36 -15.43 19.85
N LYS B 73 -16.59 -15.59 19.37
CA LYS B 73 -17.73 -14.86 19.89
C LYS B 73 -18.36 -15.62 21.04
N THR B 74 -18.91 -14.87 22.00
CA THR B 74 -19.59 -15.45 23.15
C THR B 74 -20.94 -14.78 23.34
N LEU B 75 -21.87 -15.51 23.96
CA LEU B 75 -23.21 -14.97 24.20
C LEU B 75 -23.16 -13.74 25.09
N ALA B 76 -22.22 -13.70 26.04
CA ALA B 76 -22.13 -12.56 26.94
C ALA B 76 -21.63 -11.31 26.23
N THR B 77 -20.85 -11.47 25.15
CA THR B 77 -20.27 -10.35 24.44
C THR B 77 -20.87 -10.12 23.06
N HIS B 78 -21.47 -11.14 22.44
CA HIS B 78 -21.99 -11.02 21.09
C HIS B 78 -23.46 -11.38 20.93
N GLY B 79 -24.09 -11.96 21.96
CA GLY B 79 -25.50 -12.28 21.84
C GLY B 79 -25.75 -13.45 20.90
N LEU B 80 -26.90 -13.38 20.20
CA LEU B 80 -27.30 -14.46 19.32
C LEU B 80 -26.31 -14.71 18.18
N ALA B 81 -25.45 -13.73 17.89
CA ALA B 81 -24.45 -13.92 16.84
C ALA B 81 -23.42 -14.97 17.20
N ALA B 82 -23.32 -15.34 18.48
CA ALA B 82 -22.37 -16.36 18.93
C ALA B 82 -22.92 -17.77 18.84
N VAL B 83 -24.21 -17.93 18.55
CA VAL B 83 -24.84 -19.24 18.49
C VAL B 83 -24.20 -20.07 17.39
N ASN B 84 -23.42 -21.08 17.77
CA ASN B 84 -22.75 -21.98 16.83
C ASN B 84 -21.84 -21.21 15.90
N SER B 85 -21.17 -20.18 16.43
CA SER B 85 -20.40 -19.26 15.60
C SER B 85 -18.94 -19.64 15.47
N VAL B 86 -18.43 -20.53 16.33
CA VAL B 86 -17.02 -20.91 16.30
C VAL B 86 -16.70 -21.55 14.95
N PRO B 87 -15.87 -20.91 14.12
CA PRO B 87 -15.64 -21.41 12.77
C PRO B 87 -14.94 -22.76 12.78
N TRP B 88 -15.13 -23.49 11.68
CA TRP B 88 -14.55 -24.83 11.58
C TRP B 88 -13.04 -24.78 11.46
N ASP B 89 -12.51 -23.83 10.67
CA ASP B 89 -11.06 -23.75 10.52
C ASP B 89 -10.36 -23.35 11.81
N THR B 90 -11.03 -22.56 12.66
CA THR B 90 -10.45 -22.20 13.95
C THR B 90 -10.30 -23.43 14.84
N ILE B 91 -11.31 -24.29 14.87
CA ILE B 91 -11.25 -25.48 15.71
C ILE B 91 -10.19 -26.45 15.20
N ALA B 92 -10.12 -26.64 13.88
CA ALA B 92 -9.14 -27.56 13.32
C ALA B 92 -7.72 -27.05 13.51
N ASN B 93 -7.52 -25.73 13.40
CA ASN B 93 -6.18 -25.17 13.61
C ASN B 93 -5.73 -25.31 15.05
N TYR B 94 -6.67 -25.35 16.00
CA TYR B 94 -6.31 -25.60 17.39
C TYR B 94 -6.06 -27.08 17.64
N ALA B 95 -6.91 -27.95 17.07
CA ALA B 95 -6.87 -29.37 17.38
C ALA B 95 -5.77 -30.11 16.64
N LYS B 96 -5.26 -29.55 15.54
CA LYS B 96 -4.28 -30.27 14.74
C LYS B 96 -3.00 -30.62 15.50
N PRO B 97 -2.36 -29.71 16.24
CA PRO B 97 -1.11 -30.08 16.92
C PRO B 97 -1.30 -31.11 18.04
N PHE B 98 -2.53 -31.39 18.46
CA PHE B 98 -2.79 -32.33 19.55
C PHE B 98 -3.11 -33.73 19.05
N LEU B 99 -3.03 -33.98 17.74
CA LEU B 99 -3.28 -35.29 17.17
C LEU B 99 -1.99 -36.02 16.82
N ASN B 100 -0.87 -35.58 17.35
CA ASN B 100 0.43 -36.18 17.03
C ASN B 100 0.69 -37.40 17.90
N GLN C 11 -0.35 29.39 2.09
CA GLN C 11 -0.70 28.13 1.43
C GLN C 11 0.56 27.30 1.17
N LYS C 12 1.15 26.78 2.24
CA LYS C 12 2.35 25.97 2.11
C LYS C 12 2.06 24.69 1.34
N ASP C 13 2.99 24.33 0.47
CA ASP C 13 2.83 23.10 -0.31
C ASP C 13 2.94 21.89 0.59
N VAL C 14 2.18 20.85 0.27
CA VAL C 14 2.08 19.64 1.08
C VAL C 14 2.60 18.47 0.27
N LEU C 15 3.35 17.59 0.95
CA LEU C 15 3.93 16.40 0.32
C LEU C 15 3.52 15.18 1.12
N GLU C 16 2.65 14.35 0.56
CA GLU C 16 2.32 13.07 1.17
C GLU C 16 3.51 12.13 1.05
N CYS C 17 4.06 11.72 2.20
CA CYS C 17 5.24 10.88 2.22
C CYS C 17 5.20 9.99 3.46
N ASN C 18 6.28 9.25 3.67
CA ASN C 18 6.34 8.22 4.71
C ASN C 18 6.64 8.77 6.10
N VAL C 19 6.56 10.08 6.30
CA VAL C 19 6.71 10.60 7.66
C VAL C 19 5.52 10.12 8.50
N LYS C 20 5.75 10.06 9.81
CA LYS C 20 4.74 9.55 10.73
C LYS C 20 4.05 10.65 11.53
N THR C 21 4.48 11.90 11.37
CA THR C 21 3.77 13.04 11.93
C THR C 21 3.80 14.18 10.91
N THR C 22 2.76 15.00 10.94
CA THR C 22 2.75 16.21 10.13
C THR C 22 3.82 17.17 10.63
N GLU C 23 4.65 17.66 9.71
CA GLU C 23 5.73 18.57 10.09
C GLU C 23 5.97 19.56 8.96
N VAL C 24 6.40 20.76 9.34
CA VAL C 24 6.72 21.81 8.39
C VAL C 24 8.21 21.76 8.10
N VAL C 25 8.56 21.67 6.82
CA VAL C 25 9.95 21.57 6.39
C VAL C 25 10.21 22.72 5.44
N GLY C 26 11.00 23.69 5.89
CA GLY C 26 11.29 24.87 5.09
C GLY C 26 10.06 25.64 4.70
N ASP C 27 9.68 25.57 3.42
CA ASP C 27 8.51 26.26 2.91
C ASP C 27 7.36 25.31 2.58
N ILE C 28 7.46 24.04 2.95
CA ILE C 28 6.46 23.04 2.63
C ILE C 28 6.07 22.29 3.90
N ILE C 29 5.00 21.49 3.79
CA ILE C 29 4.52 20.63 4.86
C ILE C 29 4.66 19.18 4.41
N LEU C 30 4.99 18.31 5.36
CA LEU C 30 4.99 16.88 5.14
C LEU C 30 3.76 16.26 5.78
N LYS C 31 2.99 15.52 4.99
CA LYS C 31 1.75 14.90 5.46
C LYS C 31 1.90 13.39 5.43
N PRO C 32 1.72 12.70 6.55
CA PRO C 32 1.84 11.23 6.56
C PRO C 32 0.92 10.57 5.55
N ALA C 33 1.47 9.59 4.83
CA ALA C 33 0.72 8.78 3.89
C ALA C 33 1.16 7.32 4.04
N ASN C 34 0.33 6.42 3.52
CA ASN C 34 0.55 4.99 3.71
C ASN C 34 1.21 4.30 2.52
N ASN C 35 1.40 5.00 1.41
CA ASN C 35 1.98 4.40 0.21
C ASN C 35 2.68 5.47 -0.62
N SER C 36 3.59 6.21 0.00
CA SER C 36 4.16 7.39 -0.66
C SER C 36 5.68 7.39 -0.63
N LEU C 37 6.27 8.55 -0.93
CA LEU C 37 7.71 8.65 -1.12
C LEU C 37 8.47 8.36 0.17
N LYS C 38 9.62 7.73 0.04
CA LYS C 38 10.50 7.45 1.17
C LYS C 38 11.46 8.63 1.34
N ILE C 39 11.35 9.33 2.46
CA ILE C 39 12.13 10.53 2.71
C ILE C 39 13.44 10.14 3.40
N THR C 40 14.55 10.68 2.91
CA THR C 40 15.84 10.56 3.56
C THR C 40 16.07 11.84 4.37
N GLU C 41 16.11 11.69 5.70
CA GLU C 41 16.30 12.83 6.59
C GLU C 41 17.53 13.63 6.19
N GLU C 42 18.70 12.99 6.23
CA GLU C 42 19.94 13.56 5.74
C GLU C 42 20.68 12.48 4.98
N VAL C 43 21.21 12.83 3.80
CA VAL C 43 21.77 11.83 2.91
C VAL C 43 23.03 11.22 3.52
N GLY C 44 23.20 9.91 3.32
CA GLY C 44 24.36 9.20 3.84
C GLY C 44 24.81 8.14 2.86
N HIS C 45 25.85 7.41 3.26
CA HIS C 45 26.42 6.40 2.37
C HIS C 45 25.43 5.27 2.10
N THR C 46 24.71 4.82 3.14
CA THR C 46 23.76 3.73 2.96
C THR C 46 22.64 4.13 1.99
N ASP C 47 22.20 5.38 2.07
CA ASP C 47 21.13 5.84 1.19
C ASP C 47 21.58 5.91 -0.26
N LEU C 48 22.81 6.39 -0.50
CA LEU C 48 23.30 6.50 -1.87
C LEU C 48 23.58 5.14 -2.47
N MET C 49 24.16 4.22 -1.68
CA MET C 49 24.47 2.89 -2.20
C MET C 49 23.20 2.11 -2.51
N ALA C 50 22.20 2.17 -1.62
CA ALA C 50 20.93 1.51 -1.89
C ALA C 50 20.26 2.09 -3.12
N ALA C 51 20.36 3.40 -3.31
CA ALA C 51 19.78 4.02 -4.50
C ALA C 51 20.53 3.61 -5.76
N TYR C 52 21.82 3.29 -5.65
CA TYR C 52 22.56 2.85 -6.82
C TYR C 52 22.09 1.47 -7.27
N VAL C 53 22.04 0.51 -6.33
CA VAL C 53 21.67 -0.86 -6.70
C VAL C 53 20.20 -0.96 -7.05
N ASP C 54 19.36 -0.09 -6.47
CA ASP C 54 17.95 -0.07 -6.79
C ASP C 54 17.63 0.72 -8.06
N ASN C 55 18.62 1.42 -8.62
CA ASN C 55 18.43 2.28 -9.78
C ASN C 55 17.34 3.33 -9.53
N SER C 56 17.23 3.78 -8.29
CA SER C 56 16.23 4.76 -7.89
C SER C 56 16.91 6.06 -7.47
N SER C 57 16.09 7.07 -7.19
CA SER C 57 16.56 8.36 -6.73
C SER C 57 16.23 8.53 -5.24
N LEU C 58 16.51 9.71 -4.72
CA LEU C 58 16.32 10.00 -3.30
C LEU C 58 15.59 11.32 -3.14
N THR C 59 14.92 11.46 -1.99
CA THR C 59 14.27 12.72 -1.61
C THR C 59 14.86 13.12 -0.26
N ILE C 60 15.75 14.10 -0.27
CA ILE C 60 16.45 14.54 0.92
C ILE C 60 15.65 15.61 1.62
N LYS C 61 15.54 15.50 2.95
CA LYS C 61 14.72 16.42 3.74
C LYS C 61 15.53 17.64 4.18
N LYS C 62 16.64 17.41 4.87
CA LYS C 62 17.48 18.47 5.38
C LYS C 62 18.90 18.36 4.80
N PRO C 63 19.60 19.46 4.60
CA PRO C 63 20.92 19.40 4.00
C PRO C 63 22.02 19.15 5.01
N ASN C 64 23.09 18.51 4.55
CA ASN C 64 24.32 18.36 5.31
C ASN C 64 25.49 18.64 4.36
N GLU C 65 26.71 18.42 4.85
CA GLU C 65 27.89 18.69 4.03
C GLU C 65 27.91 17.80 2.79
N LEU C 66 27.55 16.52 2.95
CA LEU C 66 27.59 15.60 1.82
C LEU C 66 26.58 15.99 0.74
N SER C 67 25.36 16.33 1.15
CA SER C 67 24.33 16.71 0.18
C SER C 67 24.73 17.99 -0.56
N ARG C 68 25.32 18.95 0.16
CA ARG C 68 25.69 20.21 -0.47
C ARG C 68 26.88 20.03 -1.40
N VAL C 69 27.86 19.20 -1.01
CA VAL C 69 29.05 19.04 -1.85
C VAL C 69 28.72 18.25 -3.10
N LEU C 70 27.75 17.35 -3.03
CA LEU C 70 27.27 16.65 -4.22
C LEU C 70 26.29 17.50 -5.03
N GLY C 71 26.03 18.73 -4.61
CA GLY C 71 25.12 19.60 -5.34
C GLY C 71 23.69 19.14 -5.32
N LEU C 72 23.24 18.57 -4.20
CA LEU C 72 21.93 17.97 -4.10
C LEU C 72 20.92 18.94 -3.50
N LYS C 73 19.68 18.82 -3.93
CA LYS C 73 18.57 19.60 -3.40
C LYS C 73 17.93 18.88 -2.22
N THR C 74 17.39 19.66 -1.29
CA THR C 74 16.69 19.12 -0.13
C THR C 74 15.33 19.79 -0.02
N LEU C 75 14.45 19.16 0.78
CA LEU C 75 13.11 19.70 0.96
C LEU C 75 13.13 21.04 1.69
N ALA C 76 13.98 21.16 2.72
CA ALA C 76 14.01 22.38 3.50
C ALA C 76 14.55 23.56 2.70
N THR C 77 15.43 23.31 1.73
CA THR C 77 16.05 24.37 0.96
C THR C 77 15.49 24.53 -0.44
N HIS C 78 14.84 23.50 -0.99
CA HIS C 78 14.31 23.58 -2.34
C HIS C 78 12.84 23.20 -2.45
N GLY C 79 12.20 22.74 -1.37
CA GLY C 79 10.78 22.47 -1.41
C GLY C 79 10.46 21.22 -2.20
N LEU C 80 9.34 21.27 -2.92
CA LEU C 80 8.88 20.12 -3.70
C LEU C 80 9.83 19.76 -4.82
N ALA C 81 10.71 20.68 -5.23
CA ALA C 81 11.62 20.42 -6.34
C ALA C 81 12.68 19.37 -6.01
N ALA C 82 12.85 19.01 -4.74
CA ALA C 82 13.86 18.05 -4.36
C ALA C 82 13.38 16.60 -4.39
N VAL C 83 12.10 16.38 -4.69
CA VAL C 83 11.53 15.03 -4.68
C VAL C 83 12.14 14.23 -5.83
N ASN C 84 12.91 13.19 -5.49
CA ASN C 84 13.54 12.31 -6.47
C ASN C 84 14.34 13.09 -7.49
N SER C 85 15.01 14.15 -7.02
CA SER C 85 15.76 15.05 -7.88
C SER C 85 17.25 14.74 -7.93
N VAL C 86 17.72 13.80 -7.12
CA VAL C 86 19.14 13.45 -7.07
C VAL C 86 19.53 12.77 -8.38
N PRO C 87 20.41 13.37 -9.18
CA PRO C 87 20.72 12.80 -10.51
C PRO C 87 21.35 11.42 -10.38
N TRP C 88 21.23 10.66 -11.48
CA TRP C 88 21.76 9.29 -11.48
C TRP C 88 23.29 9.29 -11.55
N ASP C 89 23.87 10.20 -12.34
CA ASP C 89 25.33 10.24 -12.47
C ASP C 89 25.99 10.56 -11.13
N THR C 90 25.36 11.41 -10.32
CA THR C 90 25.90 11.71 -8.99
C THR C 90 25.88 10.47 -8.11
N ILE C 91 24.78 9.71 -8.16
CA ILE C 91 24.70 8.47 -7.38
C ILE C 91 25.73 7.46 -7.90
N ALA C 92 25.82 7.32 -9.22
CA ALA C 92 26.73 6.35 -9.80
C ALA C 92 28.19 6.71 -9.52
N ASN C 93 28.55 7.97 -9.76
CA ASN C 93 29.93 8.40 -9.52
C ASN C 93 30.32 8.27 -8.06
N TYR C 94 29.35 8.39 -7.15
CA TYR C 94 29.65 8.18 -5.74
C TYR C 94 29.88 6.71 -5.44
N ALA C 95 29.08 5.82 -6.04
CA ALA C 95 29.05 4.42 -5.64
C ALA C 95 30.19 3.60 -6.22
N LYS C 96 30.75 4.00 -7.36
CA LYS C 96 31.73 3.13 -8.03
C LYS C 96 33.03 2.97 -7.24
N PRO C 97 33.57 4.03 -6.61
CA PRO C 97 34.71 3.81 -5.69
C PRO C 97 34.42 2.81 -4.57
N PHE C 98 33.17 2.42 -4.36
CA PHE C 98 32.79 1.49 -3.30
C PHE C 98 32.36 0.14 -3.86
N LEU C 99 32.72 -0.19 -5.10
CA LEU C 99 32.31 -1.45 -5.70
C LEU C 99 33.48 -2.19 -6.32
N ASN C 100 34.45 -1.44 -6.86
CA ASN C 100 35.61 -2.06 -7.51
C ASN C 100 36.55 -2.68 -6.48
N GLN D 11 -40.01 9.15 3.28
CA GLN D 11 -38.68 9.06 2.68
C GLN D 11 -37.67 9.91 3.44
N LYS D 12 -36.66 9.24 4.02
CA LYS D 12 -35.60 9.95 4.71
C LYS D 12 -34.70 10.66 3.70
N ASP D 13 -33.97 11.65 4.20
CA ASP D 13 -32.93 12.29 3.39
C ASP D 13 -31.83 11.30 3.09
N VAL D 14 -31.27 11.38 1.89
CA VAL D 14 -30.28 10.41 1.40
C VAL D 14 -29.02 11.17 1.00
N LEU D 15 -27.88 10.67 1.45
CA LEU D 15 -26.57 11.24 1.15
C LEU D 15 -25.73 10.20 0.43
N GLU D 16 -25.39 10.48 -0.82
CA GLU D 16 -24.48 9.63 -1.57
C GLU D 16 -23.05 9.90 -1.12
N CYS D 17 -22.38 8.87 -0.61
CA CYS D 17 -21.04 9.04 -0.05
C CYS D 17 -20.24 7.75 -0.25
N ASN D 18 -19.06 7.68 0.37
CA ASN D 18 -18.12 6.61 0.15
C ASN D 18 -18.36 5.39 1.04
N VAL D 19 -19.54 5.28 1.65
CA VAL D 19 -19.86 4.09 2.43
C VAL D 19 -19.94 2.88 1.51
N LYS D 20 -19.66 1.71 2.08
CA LYS D 20 -19.69 0.46 1.31
C LYS D 20 -20.99 -0.30 1.49
N THR D 21 -21.80 0.06 2.48
CA THR D 21 -23.13 -0.52 2.68
C THR D 21 -24.12 0.58 2.98
N THR D 22 -25.37 0.36 2.58
CA THR D 22 -26.44 1.28 2.93
C THR D 22 -26.62 1.29 4.45
N GLU D 23 -26.57 2.48 5.04
CA GLU D 23 -26.51 2.63 6.48
C GLU D 23 -27.42 3.77 6.92
N VAL D 24 -28.21 3.52 7.96
CA VAL D 24 -29.05 4.55 8.56
C VAL D 24 -28.24 5.24 9.66
N VAL D 25 -28.09 6.55 9.53
CA VAL D 25 -27.36 7.36 10.49
C VAL D 25 -28.25 8.52 10.90
N GLY D 26 -28.72 8.52 12.14
CA GLY D 26 -29.64 9.53 12.61
C GLY D 26 -30.98 9.49 11.88
N ASP D 27 -31.30 10.57 11.17
CA ASP D 27 -32.54 10.67 10.42
C ASP D 27 -32.32 10.60 8.91
N ILE D 28 -31.09 10.34 8.48
CA ILE D 28 -30.78 10.24 7.05
C ILE D 28 -30.26 8.84 6.75
N ILE D 29 -30.03 8.55 5.48
CA ILE D 29 -29.50 7.26 5.03
C ILE D 29 -28.35 7.52 4.08
N LEU D 30 -27.22 6.85 4.31
CA LEU D 30 -26.06 6.96 3.43
C LEU D 30 -26.12 5.85 2.38
N LYS D 31 -26.03 6.25 1.11
CA LYS D 31 -26.03 5.23 0.07
C LYS D 31 -24.65 5.13 -0.58
N PRO D 32 -24.19 3.91 -0.88
CA PRO D 32 -22.87 3.76 -1.51
C PRO D 32 -22.80 4.48 -2.86
N ALA D 33 -21.80 5.34 -3.00
CA ALA D 33 -21.49 5.99 -4.26
C ALA D 33 -20.00 5.85 -4.53
N ASN D 34 -19.61 6.12 -5.78
CA ASN D 34 -18.24 5.81 -6.20
C ASN D 34 -17.28 6.99 -6.08
N ASN D 35 -17.70 8.19 -6.46
CA ASN D 35 -16.83 9.36 -6.44
C ASN D 35 -17.40 10.47 -5.56
N SER D 36 -18.15 10.11 -4.52
CA SER D 36 -18.82 11.10 -3.70
C SER D 36 -18.01 11.46 -2.46
N LEU D 37 -18.70 11.78 -1.37
CA LEU D 37 -18.04 12.31 -0.18
C LEU D 37 -17.27 11.24 0.57
N LYS D 38 -16.09 11.60 1.06
CA LYS D 38 -15.39 10.77 2.02
C LYS D 38 -15.97 11.02 3.41
N ILE D 39 -16.41 9.95 4.07
CA ILE D 39 -17.06 10.05 5.36
C ILE D 39 -16.04 9.79 6.45
N THR D 40 -15.97 10.71 7.41
CA THR D 40 -15.15 10.52 8.61
C THR D 40 -16.04 9.93 9.70
N GLU D 41 -15.72 8.71 10.13
CA GLU D 41 -16.54 8.01 11.11
C GLU D 41 -16.65 8.82 12.39
N GLU D 42 -15.53 8.99 13.08
CA GLU D 42 -15.44 9.88 14.23
C GLU D 42 -14.16 10.70 14.10
N VAL D 43 -14.27 12.01 14.38
CA VAL D 43 -13.16 12.92 14.11
C VAL D 43 -12.00 12.63 15.05
N GLY D 44 -10.78 12.74 14.54
CA GLY D 44 -9.59 12.50 15.31
C GLY D 44 -8.50 13.50 14.97
N HIS D 45 -7.35 13.32 15.63
CA HIS D 45 -6.22 14.22 15.43
C HIS D 45 -5.76 14.21 13.97
N THR D 46 -5.58 13.02 13.40
CA THR D 46 -5.14 12.93 12.02
C THR D 46 -6.19 13.45 11.05
N ASP D 47 -7.47 13.25 11.36
CA ASP D 47 -8.53 13.79 10.51
C ASP D 47 -8.43 15.31 10.41
N LEU D 48 -8.10 15.98 11.52
CA LEU D 48 -8.00 17.43 11.52
C LEU D 48 -6.65 17.92 11.00
N MET D 49 -5.58 17.16 11.25
CA MET D 49 -4.28 17.53 10.72
C MET D 49 -4.24 17.40 9.21
N ALA D 50 -4.88 16.37 8.66
CA ALA D 50 -4.94 16.21 7.22
C ALA D 50 -5.83 17.27 6.57
N ALA D 51 -6.93 17.62 7.23
CA ALA D 51 -7.83 18.64 6.70
C ALA D 51 -7.18 20.01 6.69
N TYR D 52 -6.26 20.28 7.63
CA TYR D 52 -5.62 21.58 7.68
C TYR D 52 -4.62 21.76 6.55
N VAL D 53 -3.77 20.75 6.32
CA VAL D 53 -2.74 20.89 5.31
C VAL D 53 -3.34 20.85 3.90
N ASP D 54 -4.40 20.07 3.71
CA ASP D 54 -5.04 19.98 2.41
C ASP D 54 -6.08 21.05 2.17
N ASN D 55 -6.40 21.85 3.19
CA ASN D 55 -7.41 22.90 3.09
C ASN D 55 -8.74 22.35 2.59
N SER D 56 -9.21 21.30 3.27
CA SER D 56 -10.47 20.66 2.98
C SER D 56 -11.37 20.72 4.22
N SER D 57 -12.59 20.23 4.07
CA SER D 57 -13.52 20.11 5.18
C SER D 57 -13.74 18.65 5.51
N LEU D 58 -14.52 18.41 6.57
CA LEU D 58 -14.79 17.06 7.04
C LEU D 58 -16.29 16.84 7.14
N THR D 59 -16.70 15.59 6.99
CA THR D 59 -18.07 15.15 7.21
C THR D 59 -18.01 14.04 8.26
N ILE D 60 -18.24 14.40 9.51
CA ILE D 60 -18.22 13.44 10.62
C ILE D 60 -19.61 12.83 10.76
N LYS D 61 -19.66 11.51 10.90
CA LYS D 61 -20.94 10.82 10.94
C LYS D 61 -21.43 10.51 12.35
N LYS D 62 -20.53 10.27 13.30
CA LYS D 62 -20.93 10.05 14.69
C LYS D 62 -20.06 10.91 15.60
N PRO D 63 -20.63 11.47 16.66
CA PRO D 63 -19.89 12.41 17.50
C PRO D 63 -19.09 11.74 18.61
N ASN D 64 -18.09 12.47 19.07
CA ASN D 64 -17.28 12.09 20.23
C ASN D 64 -16.98 13.37 21.01
N GLU D 65 -16.16 13.26 22.06
CA GLU D 65 -15.87 14.43 22.88
C GLU D 65 -15.13 15.50 22.09
N LEU D 66 -14.30 15.10 21.11
CA LEU D 66 -13.54 16.08 20.35
C LEU D 66 -14.45 16.88 19.41
N SER D 67 -15.33 16.19 18.67
CA SER D 67 -16.17 16.87 17.71
C SER D 67 -17.08 17.90 18.38
N ARG D 68 -17.51 17.59 19.59
CA ARG D 68 -18.41 18.41 20.42
C ARG D 68 -17.76 19.59 21.14
N VAL D 69 -16.61 19.36 21.75
CA VAL D 69 -15.88 20.45 22.38
C VAL D 69 -15.42 21.44 21.32
N LEU D 70 -15.37 21.02 20.06
CA LEU D 70 -15.06 21.90 18.94
C LEU D 70 -16.32 22.42 18.26
N GLY D 71 -17.51 22.06 18.75
CA GLY D 71 -18.74 22.56 18.19
C GLY D 71 -19.07 22.07 16.79
N LEU D 72 -18.67 20.85 16.45
CA LEU D 72 -18.85 20.32 15.10
C LEU D 72 -20.17 19.57 14.99
N LYS D 73 -20.78 19.66 13.81
CA LYS D 73 -21.96 18.88 13.50
C LYS D 73 -21.56 17.48 13.05
N THR D 74 -22.44 16.52 13.30
CA THR D 74 -22.29 15.17 12.78
C THR D 74 -23.57 14.75 12.07
N LEU D 75 -23.42 13.76 11.17
CA LEU D 75 -24.58 13.28 10.42
C LEU D 75 -25.62 12.67 11.36
N ALA D 76 -25.17 11.99 12.41
CA ALA D 76 -26.10 11.37 13.35
C ALA D 76 -26.91 12.41 14.11
N THR D 77 -26.32 13.59 14.36
CA THR D 77 -26.98 14.61 15.16
C THR D 77 -27.52 15.77 14.34
N HIS D 78 -27.01 15.99 13.12
CA HIS D 78 -27.44 17.12 12.32
C HIS D 78 -27.87 16.76 10.90
N GLY D 79 -27.70 15.52 10.46
CA GLY D 79 -28.19 15.12 9.16
C GLY D 79 -27.36 15.73 8.03
N LEU D 80 -28.06 16.13 6.96
CA LEU D 80 -27.39 16.64 5.76
C LEU D 80 -26.67 17.96 6.01
N ALA D 81 -26.97 18.65 7.11
CA ALA D 81 -26.30 19.91 7.40
C ALA D 81 -24.85 19.73 7.85
N ALA D 82 -24.44 18.50 8.19
CA ALA D 82 -23.07 18.24 8.60
C ALA D 82 -22.13 18.05 7.42
N VAL D 83 -22.65 17.98 6.20
CA VAL D 83 -21.82 17.78 5.02
C VAL D 83 -20.98 19.02 4.78
N ASN D 84 -19.65 18.87 4.84
CA ASN D 84 -18.72 19.96 4.61
C ASN D 84 -19.02 21.15 5.53
N SER D 85 -19.37 20.84 6.78
CA SER D 85 -19.78 21.86 7.73
C SER D 85 -18.65 22.30 8.66
N VAL D 86 -17.55 21.56 8.73
CA VAL D 86 -16.44 21.91 9.61
C VAL D 86 -15.76 23.17 9.08
N PRO D 87 -15.77 24.26 9.83
CA PRO D 87 -15.19 25.50 9.31
C PRO D 87 -13.67 25.46 9.32
N TRP D 88 -13.07 26.26 8.42
CA TRP D 88 -11.62 26.27 8.28
C TRP D 88 -10.93 26.80 9.53
N ASP D 89 -11.56 27.76 10.24
CA ASP D 89 -10.93 28.34 11.41
C ASP D 89 -10.84 27.34 12.55
N THR D 90 -11.86 26.49 12.71
CA THR D 90 -11.80 25.45 13.73
C THR D 90 -10.67 24.47 13.45
N ILE D 91 -10.48 24.11 12.18
CA ILE D 91 -9.42 23.17 11.83
C ILE D 91 -8.06 23.81 11.99
N ALA D 92 -7.91 25.06 11.57
CA ALA D 92 -6.63 25.74 11.69
C ALA D 92 -6.25 25.96 13.15
N ASN D 93 -7.20 26.40 13.97
CA ASN D 93 -6.91 26.65 15.38
C ASN D 93 -6.53 25.38 16.12
N TYR D 94 -7.10 24.24 15.72
CA TYR D 94 -6.72 22.97 16.34
C TYR D 94 -5.33 22.54 15.91
N ALA D 95 -4.99 22.76 14.62
CA ALA D 95 -3.78 22.19 14.06
C ALA D 95 -2.53 23.00 14.37
N LYS D 96 -2.67 24.32 14.53
CA LYS D 96 -1.49 25.17 14.67
C LYS D 96 -0.60 24.81 15.87
N PRO D 97 -1.12 24.47 17.04
CA PRO D 97 -0.22 24.02 18.13
C PRO D 97 0.68 22.86 17.74
N PHE D 98 0.28 22.04 16.77
CA PHE D 98 1.03 20.86 16.37
C PHE D 98 1.97 21.12 15.20
N LEU D 99 2.09 22.37 14.76
CA LEU D 99 3.01 22.70 13.68
C LEU D 99 4.10 23.66 14.15
N GLN E 11 -6.66 31.15 -59.22
CA GLN E 11 -6.09 32.22 -58.39
C GLN E 11 -6.13 31.84 -56.91
N LYS E 12 -5.36 32.57 -56.10
CA LYS E 12 -5.34 32.40 -54.66
C LYS E 12 -5.45 33.75 -54.00
N ASP E 13 -5.93 33.74 -52.75
CA ASP E 13 -5.98 34.96 -51.96
C ASP E 13 -4.56 35.44 -51.67
N VAL E 14 -4.40 36.77 -51.58
CA VAL E 14 -3.08 37.39 -51.53
C VAL E 14 -2.94 38.09 -50.18
N LEU E 15 -1.83 37.84 -49.50
CA LEU E 15 -1.50 38.48 -48.23
C LEU E 15 -0.16 39.20 -48.38
N GLU E 16 -0.21 40.53 -48.33
CA GLU E 16 1.02 41.33 -48.32
C GLU E 16 1.62 41.29 -46.92
N CYS E 17 2.85 40.84 -46.80
CA CYS E 17 3.49 40.69 -45.50
C CYS E 17 5.01 40.80 -45.68
N ASN E 18 5.74 40.58 -44.60
CA ASN E 18 7.18 40.81 -44.56
C ASN E 18 8.00 39.63 -45.07
N VAL E 19 7.37 38.67 -45.76
CA VAL E 19 8.12 37.56 -46.31
C VAL E 19 9.15 38.09 -47.30
N LYS E 20 10.30 37.42 -47.38
CA LYS E 20 11.38 37.85 -48.25
C LYS E 20 11.21 37.35 -49.68
N THR E 21 10.58 36.20 -49.87
CA THR E 21 10.34 35.64 -51.19
C THR E 21 8.88 35.22 -51.32
N THR E 22 8.35 35.34 -52.53
CA THR E 22 7.01 34.88 -52.83
C THR E 22 6.92 33.37 -52.64
N GLU E 23 5.93 32.93 -51.87
CA GLU E 23 5.75 31.51 -51.62
C GLU E 23 4.27 31.23 -51.40
N VAL E 24 3.85 30.04 -51.83
CA VAL E 24 2.47 29.60 -51.63
C VAL E 24 2.39 28.80 -50.33
N VAL E 25 1.34 29.07 -49.55
CA VAL E 25 1.06 28.32 -48.34
C VAL E 25 -0.44 28.01 -48.32
N GLY E 26 -0.78 26.73 -48.21
CA GLY E 26 -2.19 26.34 -48.22
C GLY E 26 -2.87 26.79 -49.49
N ASP E 27 -3.98 27.52 -49.33
CA ASP E 27 -4.76 28.03 -50.44
C ASP E 27 -4.48 29.49 -50.74
N ILE E 28 -3.48 30.08 -50.07
CA ILE E 28 -3.13 31.48 -50.27
C ILE E 28 -1.68 31.57 -50.71
N ILE E 29 -1.25 32.80 -51.03
CA ILE E 29 0.10 33.06 -51.50
C ILE E 29 0.59 34.35 -50.84
N LEU E 30 1.82 34.32 -50.34
CA LEU E 30 2.40 35.43 -49.59
C LEU E 30 3.23 36.31 -50.52
N LYS E 31 3.00 37.63 -50.43
CA LYS E 31 3.67 38.60 -51.29
C LYS E 31 4.56 39.50 -50.45
N PRO E 32 5.83 39.67 -50.83
CA PRO E 32 6.72 40.57 -50.08
C PRO E 32 6.25 42.02 -50.17
N ALA E 33 6.15 42.66 -49.00
CA ALA E 33 5.81 44.08 -48.93
C ALA E 33 6.66 44.70 -47.83
N ASN E 34 7.42 45.74 -48.18
CA ASN E 34 8.41 46.34 -47.29
C ASN E 34 7.81 47.24 -46.23
N ASN E 35 6.52 47.11 -45.94
CA ASN E 35 5.87 47.93 -44.91
C ASN E 35 4.54 47.31 -44.52
N SER E 36 4.56 46.10 -43.98
CA SER E 36 3.31 45.39 -43.75
C SER E 36 3.37 44.42 -42.57
N LEU E 37 2.64 43.32 -42.67
CA LEU E 37 2.35 42.44 -41.54
C LEU E 37 3.51 41.50 -41.27
N LYS E 38 3.79 41.28 -39.98
CA LYS E 38 4.85 40.38 -39.55
C LYS E 38 4.31 38.96 -39.45
N ILE E 39 5.04 38.01 -40.02
CA ILE E 39 4.61 36.61 -40.10
C ILE E 39 5.48 35.76 -39.21
N THR E 40 4.85 34.90 -38.41
CA THR E 40 5.56 33.93 -37.59
C THR E 40 5.64 32.61 -38.36
N GLU E 41 6.87 32.15 -38.62
CA GLU E 41 7.08 30.90 -39.35
C GLU E 41 6.39 29.75 -38.65
N GLU E 42 6.84 29.43 -37.44
CA GLU E 42 6.17 28.46 -36.58
C GLU E 42 6.18 29.01 -35.16
N VAL E 43 5.02 28.97 -34.50
CA VAL E 43 4.88 29.64 -33.22
C VAL E 43 5.77 29.00 -32.17
N GLY E 44 6.34 29.82 -31.30
CA GLY E 44 7.24 29.35 -30.26
C GLY E 44 7.09 30.17 -28.99
N HIS E 45 7.95 29.90 -28.00
CA HIS E 45 7.81 30.57 -26.71
C HIS E 45 8.04 32.07 -26.83
N THR E 46 9.10 32.46 -27.56
CA THR E 46 9.41 33.88 -27.68
C THR E 46 8.34 34.63 -28.46
N ASP E 47 7.73 33.98 -29.45
CA ASP E 47 6.61 34.59 -30.18
C ASP E 47 5.45 34.90 -29.24
N LEU E 48 5.05 33.91 -28.45
CA LEU E 48 3.95 34.11 -27.51
C LEU E 48 4.31 35.15 -26.46
N MET E 49 5.52 35.06 -25.89
CA MET E 49 5.92 35.97 -24.84
C MET E 49 5.96 37.41 -25.34
N ALA E 50 6.49 37.62 -26.54
CA ALA E 50 6.55 38.97 -27.10
C ALA E 50 5.16 39.51 -27.43
N ALA E 51 4.18 38.64 -27.65
CA ALA E 51 2.84 39.11 -27.97
C ALA E 51 2.13 39.68 -26.74
N TYR E 52 2.24 39.00 -25.59
CA TYR E 52 1.64 39.52 -24.37
C TYR E 52 2.32 40.81 -23.93
N VAL E 53 3.63 40.89 -24.12
CA VAL E 53 4.37 42.10 -23.75
C VAL E 53 3.95 43.27 -24.64
N ASP E 54 3.85 43.02 -25.95
CA ASP E 54 3.56 44.07 -26.91
C ASP E 54 2.07 44.39 -27.05
N ASN E 55 1.20 43.70 -26.32
CA ASN E 55 -0.24 43.93 -26.40
C ASN E 55 -0.76 43.73 -27.81
N SER E 56 -0.23 42.71 -28.50
CA SER E 56 -0.52 42.48 -29.91
C SER E 56 -0.94 41.03 -30.11
N SER E 57 -1.30 40.70 -31.35
CA SER E 57 -1.68 39.36 -31.76
C SER E 57 -0.57 38.76 -32.62
N LEU E 58 -0.89 37.66 -33.29
CA LEU E 58 0.09 36.95 -34.10
C LEU E 58 -0.55 36.51 -35.41
N THR E 59 0.32 36.27 -36.40
CA THR E 59 -0.09 35.69 -37.68
C THR E 59 0.91 34.57 -37.98
N ILE E 60 0.49 33.33 -37.76
CA ILE E 60 1.34 32.16 -37.90
C ILE E 60 1.20 31.58 -39.29
N LYS E 61 2.32 31.21 -39.90
CA LYS E 61 2.34 30.67 -41.26
C LYS E 61 2.03 29.17 -41.29
N LYS E 62 2.84 28.37 -40.61
CA LYS E 62 2.69 26.92 -40.64
C LYS E 62 2.46 26.37 -39.24
N PRO E 63 1.68 25.30 -39.10
CA PRO E 63 1.35 24.78 -37.78
C PRO E 63 2.40 23.82 -37.23
N ASN E 64 2.42 23.73 -35.90
CA ASN E 64 3.18 22.72 -35.18
C ASN E 64 2.31 22.25 -34.03
N GLU E 65 2.91 21.50 -33.10
CA GLU E 65 2.12 21.01 -31.97
C GLU E 65 1.67 22.14 -31.05
N LEU E 66 2.49 23.18 -30.89
CA LEU E 66 2.14 24.26 -29.99
C LEU E 66 0.96 25.07 -30.50
N SER E 67 0.96 25.41 -31.80
CA SER E 67 -0.15 26.15 -32.36
C SER E 67 -1.44 25.34 -32.36
N ARG E 68 -1.34 24.00 -32.31
CA ARG E 68 -2.54 23.17 -32.33
C ARG E 68 -3.13 23.00 -30.94
N VAL E 69 -2.29 22.85 -29.90
CA VAL E 69 -2.82 22.73 -28.54
C VAL E 69 -3.54 24.01 -28.13
N LEU E 70 -3.10 25.15 -28.65
CA LEU E 70 -3.71 26.44 -28.33
C LEU E 70 -4.86 26.79 -29.26
N GLY E 71 -5.21 25.90 -30.19
CA GLY E 71 -6.32 26.15 -31.10
C GLY E 71 -6.12 27.33 -32.02
N LEU E 72 -4.87 27.61 -32.40
CA LEU E 72 -4.56 28.80 -33.18
C LEU E 72 -4.75 28.54 -34.67
N LYS E 73 -5.13 29.60 -35.38
CA LYS E 73 -5.26 29.56 -36.82
C LYS E 73 -3.94 29.91 -37.48
N THR E 74 -3.51 29.11 -38.45
CA THR E 74 -2.31 29.35 -39.21
C THR E 74 -2.64 29.69 -40.66
N LEU E 75 -1.66 30.24 -41.37
CA LEU E 75 -1.88 30.63 -42.76
C LEU E 75 -2.12 29.43 -43.65
N ALA E 76 -1.34 28.36 -43.45
CA ALA E 76 -1.48 27.18 -44.29
C ALA E 76 -2.79 26.44 -44.03
N THR E 77 -3.44 26.68 -42.90
CA THR E 77 -4.65 25.94 -42.55
C THR E 77 -5.91 26.79 -42.64
N HIS E 78 -5.88 28.04 -42.18
CA HIS E 78 -7.05 28.90 -42.19
C HIS E 78 -7.00 30.00 -43.24
N GLY E 79 -5.89 30.16 -43.95
CA GLY E 79 -5.82 31.20 -44.98
C GLY E 79 -5.78 32.58 -44.36
N LEU E 80 -6.50 33.52 -45.00
CA LEU E 80 -6.51 34.91 -44.54
C LEU E 80 -7.17 35.07 -43.18
N ALA E 81 -7.97 34.09 -42.74
CA ALA E 81 -8.63 34.18 -41.44
C ALA E 81 -7.66 34.06 -40.28
N ALA E 82 -6.39 33.75 -40.55
CA ALA E 82 -5.39 33.62 -39.49
C ALA E 82 -4.64 34.92 -39.21
N VAL E 83 -4.86 35.96 -40.01
CA VAL E 83 -4.14 37.22 -39.82
C VAL E 83 -4.62 37.87 -38.53
N ASN E 84 -3.71 38.02 -37.56
CA ASN E 84 -4.02 38.59 -36.25
C ASN E 84 -5.17 37.85 -35.55
N SER E 85 -5.30 36.56 -35.84
CA SER E 85 -6.43 35.78 -35.35
C SER E 85 -6.21 35.23 -33.95
N VAL E 86 -4.96 35.20 -33.47
CA VAL E 86 -4.66 34.62 -32.16
C VAL E 86 -5.36 35.44 -31.09
N PRO E 87 -6.28 34.84 -30.32
CA PRO E 87 -7.04 35.61 -29.33
C PRO E 87 -6.14 36.10 -28.21
N TRP E 88 -6.47 37.30 -27.69
CA TRP E 88 -5.66 37.92 -26.65
C TRP E 88 -5.64 37.09 -25.38
N ASP E 89 -6.67 36.27 -25.14
CA ASP E 89 -6.73 35.49 -23.92
C ASP E 89 -5.79 34.29 -23.95
N THR E 90 -5.62 33.66 -25.11
CA THR E 90 -4.67 32.56 -25.22
C THR E 90 -3.24 33.05 -25.01
N ILE E 91 -2.94 34.27 -25.45
CA ILE E 91 -1.61 34.84 -25.24
C ILE E 91 -1.35 35.05 -23.76
N ALA E 92 -2.31 35.68 -23.06
CA ALA E 92 -2.15 35.89 -21.63
C ALA E 92 -2.11 34.57 -20.87
N ASN E 93 -2.97 33.62 -21.25
CA ASN E 93 -3.01 32.34 -20.54
C ASN E 93 -1.70 31.57 -20.70
N TYR E 94 -1.07 31.66 -21.87
CA TYR E 94 0.23 31.03 -22.05
C TYR E 94 1.31 31.76 -21.26
N ALA E 95 1.18 33.07 -21.11
CA ALA E 95 2.21 33.88 -20.46
C ALA E 95 2.09 33.89 -18.94
N LYS E 96 1.00 33.34 -18.37
CA LYS E 96 0.84 33.38 -16.92
C LYS E 96 1.94 32.61 -16.18
N PRO E 97 2.16 31.32 -16.42
CA PRO E 97 3.10 30.58 -15.56
C PRO E 97 4.56 30.93 -15.80
N PHE E 98 4.87 31.85 -16.71
CA PHE E 98 6.24 32.24 -16.98
C PHE E 98 6.59 33.60 -16.39
N LEU E 99 5.64 34.29 -15.78
CA LEU E 99 5.90 35.59 -15.16
C LEU E 99 5.83 35.50 -13.64
N LYS F 12 10.70 33.48 27.18
CA LYS F 12 11.29 32.18 27.48
C LYS F 12 10.39 31.36 28.40
N ASP F 13 10.55 30.04 28.34
CA ASP F 13 9.74 29.15 29.15
C ASP F 13 10.10 29.28 30.62
N VAL F 14 9.09 29.38 31.48
CA VAL F 14 9.26 29.68 32.90
C VAL F 14 8.87 28.45 33.71
N LEU F 15 9.69 28.13 34.71
CA LEU F 15 9.39 27.10 35.70
C LEU F 15 9.58 27.71 37.08
N GLU F 16 8.48 27.81 37.83
CA GLU F 16 8.54 28.36 39.19
C GLU F 16 8.76 27.21 40.16
N CYS F 17 10.02 26.86 40.38
CA CYS F 17 10.39 25.75 41.25
C CYS F 17 10.83 26.23 42.63
N ASN F 18 11.85 25.57 43.20
CA ASN F 18 12.24 25.82 44.58
C ASN F 18 13.66 26.32 44.72
N VAL F 19 14.27 26.80 43.63
CA VAL F 19 15.58 27.44 43.76
C VAL F 19 15.43 28.76 44.48
N LYS F 20 16.48 29.15 45.22
CA LYS F 20 16.43 30.39 45.99
C LYS F 20 16.80 31.61 45.16
N THR F 21 17.39 31.41 43.98
CA THR F 21 17.78 32.51 43.11
C THR F 21 17.26 32.26 41.70
N THR F 22 16.91 33.33 41.01
CA THR F 22 16.58 33.26 39.59
C THR F 22 17.87 33.01 38.81
N GLU F 23 17.99 31.84 38.19
CA GLU F 23 19.21 31.48 37.48
C GLU F 23 18.86 30.81 36.17
N VAL F 24 19.73 31.00 35.19
CA VAL F 24 19.60 30.37 33.88
C VAL F 24 20.44 29.10 33.87
N VAL F 25 19.92 28.06 33.24
CA VAL F 25 20.64 26.79 33.09
C VAL F 25 20.38 26.24 31.70
N GLY F 26 21.43 26.02 30.94
CA GLY F 26 21.31 25.67 29.54
C GLY F 26 20.55 26.76 28.79
N ASP F 27 19.42 26.38 28.21
CA ASP F 27 18.57 27.33 27.50
C ASP F 27 17.21 27.46 28.17
N ILE F 28 17.19 27.69 29.49
CA ILE F 28 15.94 27.73 30.25
C ILE F 28 16.17 28.59 31.49
N ILE F 29 15.08 29.09 32.06
CA ILE F 29 15.12 29.94 33.24
C ILE F 29 14.29 29.28 34.35
N LEU F 30 14.77 29.40 35.58
CA LEU F 30 14.07 28.91 36.75
C LEU F 30 13.78 30.09 37.68
N LYS F 31 12.53 30.21 38.11
CA LYS F 31 12.12 31.33 38.95
C LYS F 31 11.85 30.85 40.37
N PRO F 32 12.36 31.57 41.38
CA PRO F 32 12.09 31.16 42.77
C PRO F 32 10.62 31.31 43.11
N ALA F 33 10.04 30.23 43.64
CA ALA F 33 8.65 30.23 44.09
C ALA F 33 8.55 29.46 45.38
N ASN F 34 7.57 29.81 46.21
CA ASN F 34 7.36 29.14 47.48
C ASN F 34 6.60 27.85 47.27
N ASN F 35 7.03 26.80 47.98
CA ASN F 35 6.46 25.44 47.87
C ASN F 35 6.73 24.97 46.44
N SER F 36 5.72 24.52 45.69
CA SER F 36 5.82 24.13 44.28
C SER F 36 6.73 22.90 44.16
N LEU F 37 7.76 22.90 43.31
CA LEU F 37 8.49 21.69 42.97
C LEU F 37 9.95 21.78 43.41
N LYS F 38 10.51 20.67 43.88
CA LYS F 38 11.89 20.63 44.31
C LYS F 38 12.83 20.26 43.15
N ILE F 39 14.08 20.69 43.26
CA ILE F 39 15.07 20.50 42.21
C ILE F 39 16.26 19.73 42.77
N THR F 40 16.69 18.71 42.03
CA THR F 40 17.92 17.99 42.35
C THR F 40 19.05 18.58 41.51
N GLU F 41 20.10 19.06 42.18
CA GLU F 41 21.22 19.66 41.47
C GLU F 41 21.90 18.64 40.56
N GLU F 42 22.42 17.56 41.16
CA GLU F 42 22.92 16.41 40.41
C GLU F 42 22.42 15.15 41.10
N VAL F 43 21.89 14.21 40.33
CA VAL F 43 21.26 13.04 40.92
C VAL F 43 22.29 12.21 41.68
N GLY F 44 21.88 11.72 42.85
CA GLY F 44 22.73 10.90 43.69
C GLY F 44 21.97 9.70 44.21
N HIS F 45 22.65 8.94 45.07
CA HIS F 45 22.04 7.72 45.61
C HIS F 45 20.86 8.06 46.51
N THR F 46 21.05 8.97 47.45
CA THR F 46 19.97 9.34 48.36
C THR F 46 18.81 9.99 47.61
N ASP F 47 19.09 10.67 46.51
CA ASP F 47 18.02 11.26 45.70
C ASP F 47 17.16 10.17 45.07
N LEU F 48 17.80 9.15 44.47
CA LEU F 48 17.04 8.07 43.85
C LEU F 48 16.30 7.24 44.89
N MET F 49 16.92 7.03 46.06
CA MET F 49 16.25 6.27 47.10
C MET F 49 15.08 7.04 47.69
N ALA F 50 15.21 8.36 47.80
CA ALA F 50 14.11 9.17 48.31
C ALA F 50 12.92 9.13 47.36
N ALA F 51 13.17 9.11 46.05
CA ALA F 51 12.08 9.11 45.08
C ALA F 51 11.32 7.78 45.11
N TYR F 52 12.03 6.66 45.24
CA TYR F 52 11.37 5.37 45.29
C TYR F 52 10.49 5.24 46.53
N VAL F 53 10.96 5.76 47.66
CA VAL F 53 10.23 5.61 48.91
C VAL F 53 9.04 6.58 48.98
N ASP F 54 9.16 7.77 48.38
CA ASP F 54 8.19 8.84 48.55
C ASP F 54 7.11 8.86 47.46
N ASN F 55 7.08 7.87 46.57
CA ASN F 55 6.14 7.85 45.45
C ASN F 55 6.24 9.13 44.63
N SER F 56 7.46 9.59 44.41
CA SER F 56 7.73 10.90 43.87
C SER F 56 8.52 10.80 42.56
N SER F 57 8.95 11.96 42.07
CA SER F 57 9.75 12.09 40.85
C SER F 57 10.94 12.97 41.14
N LEU F 58 11.74 13.25 40.10
CA LEU F 58 12.92 14.08 40.23
C LEU F 58 13.01 15.04 39.06
N THR F 59 13.57 16.21 39.33
CA THR F 59 13.90 17.20 38.29
C THR F 59 15.39 17.52 38.44
N ILE F 60 16.21 16.87 37.63
CA ILE F 60 17.65 17.02 37.73
C ILE F 60 18.10 18.25 36.96
N LYS F 61 18.96 19.06 37.57
CA LYS F 61 19.37 20.31 36.96
C LYS F 61 20.53 20.11 35.99
N LYS F 62 21.61 19.48 36.44
CA LYS F 62 22.81 19.32 35.64
C LYS F 62 23.23 17.86 35.60
N PRO F 63 23.84 17.42 34.50
CA PRO F 63 24.15 16.00 34.34
C PRO F 63 25.51 15.62 34.93
N ASN F 64 25.62 14.34 35.26
CA ASN F 64 26.87 13.74 35.70
C ASN F 64 26.96 12.35 35.06
N GLU F 65 27.74 11.45 35.68
CA GLU F 65 27.87 10.11 35.14
C GLU F 65 26.60 9.29 35.38
N LEU F 66 25.95 9.48 36.52
CA LEU F 66 24.81 8.63 36.88
C LEU F 66 23.56 9.02 36.11
N SER F 67 23.30 10.31 35.93
CA SER F 67 22.08 10.74 35.27
C SER F 67 22.04 10.25 33.82
N ARG F 68 23.19 10.23 33.15
CA ARG F 68 23.21 9.83 31.75
C ARG F 68 23.24 8.32 31.58
N VAL F 69 23.86 7.59 32.51
CA VAL F 69 23.85 6.13 32.44
C VAL F 69 22.46 5.59 32.73
N LEU F 70 21.62 6.35 33.42
CA LEU F 70 20.22 5.99 33.63
C LEU F 70 19.31 6.54 32.55
N GLY F 71 19.86 7.19 31.54
CA GLY F 71 19.05 7.75 30.46
C GLY F 71 18.15 8.87 30.91
N LEU F 72 18.62 9.71 31.83
CA LEU F 72 17.81 10.76 32.42
C LEU F 72 18.12 12.11 31.80
N LYS F 73 17.09 12.93 31.69
CA LYS F 73 17.22 14.28 31.14
C LYS F 73 17.52 15.28 32.25
N THR F 74 18.35 16.26 31.94
CA THR F 74 18.65 17.36 32.84
C THR F 74 18.27 18.68 32.19
N LEU F 75 17.98 19.68 33.03
CA LEU F 75 17.54 20.97 32.51
C LEU F 75 18.62 21.63 31.67
N ALA F 76 19.89 21.44 32.03
CA ALA F 76 20.98 22.02 31.26
C ALA F 76 21.10 21.44 29.86
N THR F 77 20.58 20.21 29.65
CA THR F 77 20.69 19.55 28.37
C THR F 77 19.36 19.32 27.68
N HIS F 78 18.24 19.40 28.40
CA HIS F 78 16.93 19.13 27.82
C HIS F 78 15.88 20.20 28.12
N GLY F 79 16.19 21.19 28.94
CA GLY F 79 15.22 22.25 29.20
C GLY F 79 14.04 21.76 30.01
N LEU F 80 12.85 22.24 29.66
CA LEU F 80 11.64 21.86 30.37
C LEU F 80 11.34 20.38 30.26
N ALA F 81 11.89 19.70 29.25
CA ALA F 81 11.65 18.27 29.07
C ALA F 81 12.15 17.44 30.25
N ALA F 82 13.08 17.98 31.04
CA ALA F 82 13.60 17.27 32.19
C ALA F 82 12.72 17.37 33.43
N VAL F 83 11.70 18.23 33.40
CA VAL F 83 10.81 18.39 34.55
C VAL F 83 10.00 17.10 34.73
N ASN F 84 10.13 16.49 35.91
CA ASN F 84 9.41 15.26 36.26
C ASN F 84 9.67 14.14 35.26
N SER F 85 10.78 14.21 34.54
CA SER F 85 11.08 13.29 33.44
C SER F 85 11.61 11.95 33.92
N VAL F 86 11.82 11.75 35.21
CA VAL F 86 12.35 10.51 35.75
C VAL F 86 11.19 9.54 35.92
N PRO F 87 11.10 8.46 35.14
CA PRO F 87 9.97 7.55 35.25
C PRO F 87 10.06 6.68 36.50
N TRP F 88 8.93 6.06 36.84
CA TRP F 88 8.90 5.13 37.96
C TRP F 88 9.76 3.91 37.71
N ASP F 89 10.15 3.65 36.46
CA ASP F 89 10.95 2.49 36.09
C ASP F 89 12.35 2.57 36.69
N THR F 90 13.15 3.53 36.22
CA THR F 90 14.55 3.60 36.62
C THR F 90 14.72 3.83 38.11
N ILE F 91 13.75 4.51 38.74
CA ILE F 91 13.84 4.74 40.18
C ILE F 91 13.73 3.43 40.95
N ALA F 92 12.66 2.67 40.70
CA ALA F 92 12.50 1.39 41.36
C ALA F 92 13.56 0.38 40.93
N ASN F 93 14.04 0.50 39.69
CA ASN F 93 15.10 -0.39 39.22
C ASN F 93 16.39 -0.15 39.99
N TYR F 94 16.65 1.11 40.37
CA TYR F 94 17.87 1.43 41.09
C TYR F 94 17.75 1.07 42.57
N ALA F 95 16.57 1.26 43.17
CA ALA F 95 16.45 1.17 44.61
C ALA F 95 16.32 -0.27 45.10
N LYS F 96 15.85 -1.19 44.25
CA LYS F 96 15.60 -2.56 44.69
C LYS F 96 16.86 -3.28 45.19
N PRO F 97 17.99 -3.26 44.48
CA PRO F 97 19.18 -3.97 44.99
C PRO F 97 19.73 -3.40 46.30
N PHE F 98 19.24 -2.25 46.75
CA PHE F 98 19.71 -1.65 47.99
C PHE F 98 18.78 -1.94 49.17
N LEU F 99 17.75 -2.76 48.97
CA LEU F 99 16.86 -3.13 50.07
C LEU F 99 17.11 -4.58 50.49
N GLN G 11 23.47 -2.71 -15.22
CA GLN G 11 22.08 -3.17 -15.10
C GLN G 11 22.04 -4.56 -14.48
N LYS G 12 22.73 -4.74 -13.37
CA LYS G 12 22.89 -6.05 -12.76
C LYS G 12 21.64 -6.45 -11.98
N ASP G 13 21.55 -7.75 -11.70
CA ASP G 13 20.49 -8.28 -10.86
C ASP G 13 20.84 -8.06 -9.39
N VAL G 14 19.83 -7.74 -8.59
CA VAL G 14 20.00 -7.42 -7.18
C VAL G 14 19.45 -8.58 -6.35
N LEU G 15 20.24 -9.00 -5.34
CA LEU G 15 19.81 -10.01 -4.39
C LEU G 15 19.90 -9.40 -2.99
N GLU G 16 18.74 -9.15 -2.38
CA GLU G 16 18.70 -8.74 -0.98
C GLU G 16 19.06 -9.95 -0.12
N CYS G 17 20.10 -9.82 0.70
CA CYS G 17 20.56 -10.92 1.54
C CYS G 17 21.21 -10.36 2.79
N ASN G 18 21.69 -11.26 3.64
CA ASN G 18 22.22 -10.90 4.95
C ASN G 18 23.67 -10.42 4.91
N VAL G 19 24.20 -10.07 3.74
CA VAL G 19 25.51 -9.43 3.70
C VAL G 19 25.41 -8.08 4.41
N LYS G 20 26.57 -7.60 4.86
CA LYS G 20 26.62 -6.35 5.62
C LYS G 20 27.07 -5.15 4.80
N THR G 21 27.58 -5.37 3.59
CA THR G 21 27.94 -4.29 2.69
C THR G 21 27.49 -4.63 1.27
N THR G 22 27.16 -3.58 0.52
CA THR G 22 26.93 -3.71 -0.91
C THR G 22 28.17 -4.32 -1.57
N GLU G 23 27.98 -5.46 -2.23
CA GLU G 23 29.11 -6.22 -2.75
C GLU G 23 28.78 -6.77 -4.13
N VAL G 24 29.63 -6.47 -5.11
CA VAL G 24 29.51 -7.04 -6.44
C VAL G 24 30.07 -8.45 -6.43
N VAL G 25 29.28 -9.40 -6.91
CA VAL G 25 29.68 -10.82 -6.94
C VAL G 25 29.29 -11.35 -8.31
N GLY G 26 30.29 -11.56 -9.17
CA GLY G 26 30.00 -12.02 -10.52
C GLY G 26 29.25 -10.96 -11.29
N ASP G 27 28.14 -11.36 -11.91
CA ASP G 27 27.31 -10.44 -12.69
C ASP G 27 26.14 -9.87 -11.89
N ILE G 28 26.05 -10.16 -10.59
CA ILE G 28 24.97 -9.69 -9.75
C ILE G 28 25.56 -8.89 -8.59
N ILE G 29 24.68 -8.25 -7.82
CA ILE G 29 25.06 -7.37 -6.73
C ILE G 29 24.24 -7.73 -5.49
N LEU G 30 24.92 -7.80 -4.34
CA LEU G 30 24.29 -8.17 -3.09
C LEU G 30 24.03 -6.92 -2.25
N LYS G 31 22.75 -6.70 -1.91
CA LYS G 31 22.35 -5.56 -1.12
C LYS G 31 22.04 -6.01 0.30
N PRO G 32 22.70 -5.48 1.32
CA PRO G 32 22.34 -5.78 2.71
C PRO G 32 20.85 -5.63 2.96
N ALA G 33 20.27 -6.65 3.58
CA ALA G 33 18.88 -6.64 4.01
C ALA G 33 18.78 -7.34 5.36
N ASN G 34 17.87 -6.86 6.21
CA ASN G 34 17.80 -7.36 7.58
C ASN G 34 17.06 -8.68 7.66
N ASN G 35 16.04 -8.88 6.83
CA ASN G 35 15.21 -10.07 6.92
C ASN G 35 15.70 -11.23 6.05
N SER G 36 16.49 -10.94 5.03
CA SER G 36 16.63 -11.86 3.89
C SER G 36 17.53 -13.06 4.15
N LEU G 37 18.13 -13.58 3.07
CA LEU G 37 18.72 -14.90 3.06
C LEU G 37 20.14 -14.90 3.62
N LYS G 38 20.54 -16.05 4.15
CA LYS G 38 21.86 -16.22 4.77
C LYS G 38 22.86 -16.69 3.71
N ILE G 39 23.93 -15.94 3.53
CA ILE G 39 24.95 -16.24 2.54
C ILE G 39 26.15 -16.87 3.22
N THR G 40 26.57 -18.03 2.71
CA THR G 40 27.78 -18.70 3.17
C THR G 40 28.91 -18.35 2.21
N GLU G 41 30.00 -17.78 2.76
CA GLU G 41 31.10 -17.28 1.94
C GLU G 41 31.67 -18.38 1.05
N GLU G 42 32.15 -19.45 1.66
CA GLU G 42 32.65 -20.62 0.95
C GLU G 42 32.16 -21.86 1.66
N VAL G 43 31.72 -22.86 0.88
CA VAL G 43 31.12 -24.05 1.47
C VAL G 43 32.19 -24.84 2.21
N GLY G 44 31.81 -25.42 3.34
CA GLY G 44 32.72 -26.17 4.18
C GLY G 44 31.98 -27.31 4.86
N HIS G 45 32.73 -28.05 5.69
CA HIS G 45 32.16 -29.23 6.34
C HIS G 45 30.97 -28.86 7.22
N THR G 46 31.14 -27.88 8.10
CA THR G 46 30.07 -27.52 9.01
C THR G 46 28.86 -26.98 8.26
N ASP G 47 29.09 -26.25 7.16
CA ASP G 47 27.99 -25.72 6.37
C ASP G 47 27.10 -26.83 5.86
N LEU G 48 27.69 -27.91 5.35
CA LEU G 48 26.90 -29.00 4.77
C LEU G 48 26.24 -29.84 5.85
N MET G 49 26.95 -30.10 6.95
CA MET G 49 26.34 -30.85 8.05
C MET G 49 25.18 -30.07 8.67
N ALA G 50 25.35 -28.76 8.84
CA ALA G 50 24.26 -27.96 9.40
C ALA G 50 23.07 -27.92 8.45
N ALA G 51 23.33 -27.86 7.15
CA ALA G 51 22.24 -27.87 6.18
C ALA G 51 21.54 -29.22 6.14
N TYR G 52 22.27 -30.31 6.40
CA TYR G 52 21.66 -31.64 6.38
C TYR G 52 20.68 -31.82 7.54
N VAL G 53 21.12 -31.53 8.76
CA VAL G 53 20.27 -31.74 9.92
C VAL G 53 19.09 -30.78 9.92
N ASP G 54 19.27 -29.58 9.36
CA ASP G 54 18.21 -28.58 9.32
C ASP G 54 17.30 -28.72 8.11
N ASN G 55 17.60 -29.66 7.20
CA ASN G 55 16.77 -29.91 6.02
C ASN G 55 16.61 -28.65 5.18
N SER G 56 17.70 -27.91 5.00
CA SER G 56 17.70 -26.68 4.24
C SER G 56 18.71 -26.75 3.11
N SER G 57 18.57 -25.82 2.17
CA SER G 57 19.54 -25.67 1.09
C SER G 57 20.59 -24.66 1.51
N LEU G 58 21.45 -24.26 0.57
CA LEU G 58 22.49 -23.27 0.84
C LEU G 58 22.57 -22.29 -0.31
N THR G 59 23.21 -21.16 -0.05
CA THR G 59 23.54 -20.17 -1.06
C THR G 59 24.99 -19.78 -0.86
N ILE G 60 25.86 -20.26 -1.74
CA ILE G 60 27.29 -20.02 -1.65
C ILE G 60 27.65 -18.83 -2.54
N LYS G 61 28.51 -17.96 -2.03
CA LYS G 61 28.88 -16.76 -2.78
C LYS G 61 29.98 -17.06 -3.79
N LYS G 62 31.13 -17.54 -3.31
CA LYS G 62 32.27 -17.84 -4.16
C LYS G 62 32.55 -19.34 -4.19
N PRO G 63 32.98 -19.88 -5.33
CA PRO G 63 33.28 -21.30 -5.40
C PRO G 63 34.64 -21.64 -4.78
N ASN G 64 34.80 -22.92 -4.48
CA ASN G 64 36.08 -23.48 -4.05
C ASN G 64 36.15 -24.92 -4.56
N GLU G 65 37.21 -25.64 -4.17
CA GLU G 65 37.36 -27.01 -4.68
C GLU G 65 36.26 -27.92 -4.18
N LEU G 66 35.76 -27.69 -2.96
CA LEU G 66 34.68 -28.54 -2.44
C LEU G 66 33.37 -28.26 -3.16
N SER G 67 33.08 -26.99 -3.46
CA SER G 67 31.84 -26.66 -4.14
C SER G 67 31.88 -27.08 -5.60
N ARG G 68 33.03 -26.94 -6.26
CA ARG G 68 33.14 -27.32 -7.66
C ARG G 68 33.01 -28.83 -7.83
N VAL G 69 33.66 -29.61 -6.96
CA VAL G 69 33.66 -31.06 -7.11
C VAL G 69 32.28 -31.64 -6.82
N LEU G 70 31.47 -30.94 -6.04
CA LEU G 70 30.12 -31.40 -5.73
C LEU G 70 29.08 -30.88 -6.73
N GLY G 71 29.52 -30.17 -7.77
CA GLY G 71 28.59 -29.65 -8.76
C GLY G 71 27.71 -28.52 -8.28
N LEU G 72 28.16 -27.78 -7.28
CA LEU G 72 27.34 -26.74 -6.66
C LEU G 72 27.44 -25.42 -7.44
N LYS G 73 26.34 -24.68 -7.44
CA LYS G 73 26.30 -23.35 -8.02
C LYS G 73 26.66 -22.31 -6.97
N THR G 74 27.31 -21.24 -7.41
CA THR G 74 27.64 -20.12 -6.55
C THR G 74 27.18 -18.82 -7.20
N LEU G 75 26.93 -17.81 -6.37
CA LEU G 75 26.48 -16.52 -6.88
C LEU G 75 27.50 -15.94 -7.86
N ALA G 76 28.78 -16.14 -7.60
CA ALA G 76 29.82 -15.58 -8.46
C ALA G 76 29.84 -16.23 -9.83
N THR G 77 29.47 -17.50 -9.92
CA THR G 77 29.51 -18.21 -11.19
C THR G 77 28.14 -18.41 -11.83
N HIS G 78 27.06 -18.31 -11.06
CA HIS G 78 25.73 -18.57 -11.58
C HIS G 78 24.69 -17.51 -11.23
N GLY G 79 25.00 -16.56 -10.35
CA GLY G 79 24.05 -15.50 -10.07
C GLY G 79 22.87 -15.96 -9.24
N LEU G 80 21.72 -15.34 -9.48
CA LEU G 80 20.51 -15.61 -8.70
C LEU G 80 20.08 -17.05 -8.80
N ALA G 81 20.43 -17.74 -9.89
CA ALA G 81 20.08 -19.15 -10.03
C ALA G 81 20.74 -20.02 -8.97
N ALA G 82 21.77 -19.50 -8.29
CA ALA G 82 22.45 -20.26 -7.24
C ALA G 82 21.78 -20.13 -5.88
N VAL G 83 20.76 -19.27 -5.76
CA VAL G 83 20.09 -19.06 -4.47
C VAL G 83 19.29 -20.30 -4.12
N ASN G 84 19.58 -20.87 -2.95
CA ASN G 84 18.91 -22.07 -2.44
C ASN G 84 19.02 -23.23 -3.44
N SER G 85 20.08 -23.26 -4.23
CA SER G 85 20.20 -24.19 -5.34
C SER G 85 20.93 -25.48 -4.98
N VAL G 86 21.58 -25.54 -3.82
CA VAL G 86 22.32 -26.74 -3.43
C VAL G 86 21.31 -27.87 -3.24
N PRO G 87 21.36 -28.92 -4.05
CA PRO G 87 20.32 -29.95 -3.99
C PRO G 87 20.42 -30.78 -2.72
N TRP G 88 19.28 -31.38 -2.36
CA TRP G 88 19.22 -32.16 -1.12
C TRP G 88 20.07 -33.41 -1.19
N ASP G 89 20.08 -34.08 -2.34
CA ASP G 89 20.84 -35.32 -2.48
C ASP G 89 22.33 -35.08 -2.26
N THR G 90 22.85 -33.95 -2.75
CA THR G 90 24.27 -33.66 -2.57
C THR G 90 24.61 -33.45 -1.11
N ILE G 91 23.80 -32.66 -0.40
CA ILE G 91 24.03 -32.44 1.03
C ILE G 91 23.90 -33.75 1.79
N ALA G 92 22.86 -34.53 1.48
CA ALA G 92 22.63 -35.78 2.21
C ALA G 92 23.73 -36.79 1.94
N ASN G 93 24.20 -36.88 0.69
CA ASN G 93 25.25 -37.84 0.37
C ASN G 93 26.58 -37.45 0.98
N TYR G 94 26.86 -36.14 1.05
CA TYR G 94 28.10 -35.70 1.68
C TYR G 94 28.09 -36.00 3.17
N ALA G 95 26.96 -35.79 3.83
CA ALA G 95 26.89 -35.93 5.28
C ALA G 95 26.83 -37.38 5.75
N LYS G 96 26.42 -38.30 4.87
CA LYS G 96 26.18 -39.68 5.31
C LYS G 96 27.42 -40.36 5.89
N PRO G 97 28.61 -40.30 5.26
CA PRO G 97 29.76 -41.00 5.85
C PRO G 97 30.21 -40.45 7.20
N PHE G 98 29.80 -39.24 7.56
CA PHE G 98 30.21 -38.63 8.81
C PHE G 98 29.25 -38.91 9.96
N LEU G 99 28.15 -39.62 9.71
CA LEU G 99 27.17 -39.94 10.73
C LEU G 99 27.35 -41.40 11.12
N ASN G 100 28.06 -41.63 12.23
CA ASN G 100 28.31 -42.98 12.75
C ASN G 100 28.83 -43.94 11.68
N ILE H 10 -44.68 -6.36 -38.83
CA ILE H 10 -45.04 -5.79 -37.53
C ILE H 10 -43.86 -5.06 -36.92
N GLN H 11 -44.00 -3.75 -36.74
CA GLN H 11 -42.97 -2.98 -36.06
C GLN H 11 -42.99 -3.33 -34.57
N LYS H 12 -41.85 -3.81 -34.06
CA LYS H 12 -41.74 -4.09 -32.64
C LYS H 12 -41.82 -2.80 -31.83
N ASP H 13 -42.32 -2.92 -30.61
CA ASP H 13 -42.35 -1.76 -29.72
C ASP H 13 -40.95 -1.25 -29.46
N VAL H 14 -40.80 0.07 -29.40
CA VAL H 14 -39.50 0.72 -29.27
C VAL H 14 -39.46 1.47 -27.95
N LEU H 15 -38.38 1.30 -27.21
CA LEU H 15 -38.17 1.98 -25.93
C LEU H 15 -36.86 2.75 -26.00
N GLU H 16 -36.95 4.08 -26.04
CA GLU H 16 -35.77 4.93 -25.97
C GLU H 16 -35.24 4.92 -24.55
N CYS H 17 -34.06 4.33 -24.35
CA CYS H 17 -33.49 4.20 -23.01
C CYS H 17 -31.99 4.47 -23.10
N ASN H 18 -31.28 4.16 -22.01
CA ASN H 18 -29.87 4.50 -21.87
C ASN H 18 -28.93 3.43 -22.44
N VAL H 19 -29.44 2.52 -23.28
CA VAL H 19 -28.57 1.54 -23.89
C VAL H 19 -27.58 2.22 -24.82
N LYS H 20 -26.45 1.56 -25.05
CA LYS H 20 -25.42 2.10 -25.93
C LYS H 20 -25.54 1.60 -27.36
N THR H 21 -26.21 0.47 -27.58
CA THR H 21 -26.43 -0.07 -28.92
C THR H 21 -27.90 -0.45 -29.07
N THR H 22 -28.38 -0.44 -30.31
CA THR H 22 -29.70 -0.97 -30.60
C THR H 22 -29.72 -2.47 -30.33
N GLU H 23 -30.70 -2.90 -29.52
CA GLU H 23 -30.71 -4.27 -29.04
C GLU H 23 -32.15 -4.77 -28.95
N VAL H 24 -32.36 -5.99 -29.41
CA VAL H 24 -33.67 -6.63 -29.31
C VAL H 24 -33.72 -7.42 -28.01
N VAL H 25 -34.75 -7.16 -27.21
CA VAL H 25 -35.02 -7.92 -25.99
C VAL H 25 -36.48 -8.37 -26.03
N GLY H 26 -36.69 -9.68 -26.01
CA GLY H 26 -38.03 -10.22 -26.12
C GLY H 26 -38.68 -9.80 -27.41
N ASP H 27 -39.79 -9.05 -27.30
CA ASP H 27 -40.56 -8.61 -28.46
C ASP H 27 -40.41 -7.11 -28.71
N ILE H 28 -39.48 -6.44 -28.04
CA ILE H 28 -39.31 -5.00 -28.19
C ILE H 28 -37.86 -4.71 -28.61
N ILE H 29 -37.63 -3.45 -28.97
CA ILE H 29 -36.31 -2.96 -29.34
C ILE H 29 -35.94 -1.81 -28.41
N LEU H 30 -34.68 -1.79 -27.96
CA LEU H 30 -34.15 -0.71 -27.15
C LEU H 30 -33.36 0.23 -28.03
N LYS H 31 -33.68 1.52 -27.99
CA LYS H 31 -33.04 2.51 -28.82
C LYS H 31 -32.16 3.41 -27.96
N PRO H 32 -30.88 3.54 -28.26
CA PRO H 32 -30.02 4.47 -27.50
C PRO H 32 -30.55 5.90 -27.56
N ALA H 33 -30.75 6.49 -26.38
CA ALA H 33 -31.19 7.86 -26.26
C ALA H 33 -30.41 8.54 -25.15
N ASN H 34 -30.35 9.87 -25.21
CA ASN H 34 -29.57 10.65 -24.26
C ASN H 34 -30.43 11.03 -23.05
N ASN H 35 -29.86 10.85 -21.86
CA ASN H 35 -30.51 11.17 -20.58
C ASN H 35 -31.83 10.43 -20.40
N SER H 36 -32.01 9.31 -21.08
CA SER H 36 -33.26 8.55 -21.00
C SER H 36 -33.25 7.71 -19.72
N LEU H 37 -34.24 6.83 -19.58
CA LEU H 37 -34.35 6.02 -18.38
C LEU H 37 -33.26 4.94 -18.35
N LYS H 38 -32.81 4.61 -17.15
CA LYS H 38 -31.73 3.66 -16.96
C LYS H 38 -32.26 2.25 -16.86
N ILE H 39 -31.61 1.32 -17.56
CA ILE H 39 -32.03 -0.07 -17.63
C ILE H 39 -31.17 -0.91 -16.70
N THR H 40 -31.81 -1.73 -15.89
CA THR H 40 -31.12 -2.68 -15.03
C THR H 40 -31.02 -4.01 -15.77
N GLU H 41 -29.79 -4.45 -16.04
CA GLU H 41 -29.59 -5.67 -16.82
C GLU H 41 -30.21 -6.87 -16.12
N GLU H 42 -29.74 -7.17 -14.91
CA GLU H 42 -30.33 -8.19 -14.05
C GLU H 42 -30.39 -7.63 -12.65
N VAL H 43 -31.54 -7.77 -11.99
CA VAL H 43 -31.72 -7.14 -10.68
C VAL H 43 -30.80 -7.80 -9.67
N GLY H 44 -30.20 -6.97 -8.81
CA GLY H 44 -29.31 -7.44 -7.76
C GLY H 44 -29.58 -6.70 -6.48
N HIS H 45 -28.78 -7.02 -5.46
CA HIS H 45 -28.98 -6.42 -4.14
C HIS H 45 -28.82 -4.91 -4.20
N THR H 46 -27.72 -4.42 -4.79
CA THR H 46 -27.47 -2.99 -4.83
C THR H 46 -28.53 -2.26 -5.65
N ASP H 47 -29.10 -2.92 -6.66
CA ASP H 47 -30.16 -2.29 -7.45
C ASP H 47 -31.39 -2.02 -6.59
N LEU H 48 -31.73 -2.94 -5.68
CA LEU H 48 -32.94 -2.78 -4.89
C LEU H 48 -32.74 -1.79 -3.74
N MET H 49 -31.57 -1.81 -3.11
CA MET H 49 -31.31 -0.86 -2.04
C MET H 49 -31.27 0.57 -2.56
N ALA H 50 -30.66 0.77 -3.74
CA ALA H 50 -30.59 2.12 -4.31
C ALA H 50 -31.96 2.63 -4.70
N ALA H 51 -32.81 1.78 -5.27
CA ALA H 51 -34.17 2.19 -5.60
C ALA H 51 -34.98 2.48 -4.35
N TYR H 52 -34.70 1.79 -3.25
CA TYR H 52 -35.45 2.02 -2.01
C TYR H 52 -35.09 3.37 -1.41
N VAL H 53 -33.79 3.65 -1.28
CA VAL H 53 -33.38 4.91 -0.66
C VAL H 53 -33.74 6.10 -1.54
N ASP H 54 -33.74 5.91 -2.86
CA ASP H 54 -34.10 6.98 -3.79
C ASP H 54 -35.59 7.02 -4.11
N ASN H 55 -36.37 6.11 -3.54
CA ASN H 55 -37.82 6.05 -3.76
C ASN H 55 -38.14 6.00 -5.25
N SER H 56 -37.41 5.16 -5.97
CA SER H 56 -37.59 4.98 -7.40
C SER H 56 -37.97 3.52 -7.69
N SER H 57 -38.28 3.26 -8.95
CA SER H 57 -38.55 1.92 -9.43
C SER H 57 -37.39 1.45 -10.31
N LEU H 58 -37.55 0.25 -10.87
CA LEU H 58 -36.54 -0.32 -11.74
C LEU H 58 -37.18 -0.75 -13.06
N THR H 59 -36.39 -0.70 -14.12
CA THR H 59 -36.74 -1.29 -15.40
C THR H 59 -35.72 -2.38 -15.68
N ILE H 60 -36.09 -3.61 -15.37
CA ILE H 60 -35.17 -4.76 -15.47
C ILE H 60 -35.25 -5.32 -16.88
N LYS H 61 -34.08 -5.57 -17.47
CA LYS H 61 -34.02 -6.09 -18.84
C LYS H 61 -34.36 -7.57 -18.89
N LYS H 62 -33.60 -8.39 -18.17
CA LYS H 62 -33.74 -9.84 -18.23
C LYS H 62 -33.97 -10.41 -16.83
N PRO H 63 -34.68 -11.52 -16.74
CA PRO H 63 -35.00 -12.09 -15.42
C PRO H 63 -33.88 -12.96 -14.89
N ASN H 64 -33.91 -13.14 -13.56
CA ASN H 64 -33.08 -14.11 -12.88
C ASN H 64 -33.93 -14.71 -11.75
N GLU H 65 -33.31 -15.53 -10.90
CA GLU H 65 -34.08 -16.15 -9.82
C GLU H 65 -34.59 -15.11 -8.83
N LEU H 66 -33.86 -14.00 -8.65
CA LEU H 66 -34.31 -12.98 -7.72
C LEU H 66 -35.50 -12.20 -8.29
N SER H 67 -35.41 -11.82 -9.57
CA SER H 67 -36.52 -11.09 -10.18
C SER H 67 -37.77 -11.96 -10.27
N ARG H 68 -37.60 -13.27 -10.48
CA ARG H 68 -38.75 -14.16 -10.56
C ARG H 68 -39.41 -14.36 -9.20
N VAL H 69 -38.60 -14.63 -8.17
CA VAL H 69 -39.15 -14.87 -6.84
C VAL H 69 -39.81 -13.62 -6.27
N LEU H 70 -39.41 -12.44 -6.73
CA LEU H 70 -40.05 -11.20 -6.32
C LEU H 70 -41.23 -10.84 -7.21
N GLY H 71 -41.54 -11.68 -8.20
CA GLY H 71 -42.68 -11.43 -9.07
C GLY H 71 -42.55 -10.20 -9.95
N LEU H 72 -41.33 -9.85 -10.35
CA LEU H 72 -41.09 -8.62 -11.07
C LEU H 72 -41.23 -8.84 -12.58
N LYS H 73 -41.62 -7.77 -13.26
CA LYS H 73 -41.67 -7.77 -14.71
C LYS H 73 -40.31 -7.41 -15.28
N THR H 74 -40.00 -7.97 -16.45
CA THR H 74 -38.76 -7.67 -17.14
C THR H 74 -39.06 -7.35 -18.61
N LEU H 75 -38.13 -6.59 -19.22
CA LEU H 75 -38.30 -6.22 -20.62
C LEU H 75 -38.34 -7.45 -21.52
N ALA H 76 -37.52 -8.46 -21.20
CA ALA H 76 -37.48 -9.66 -22.03
C ALA H 76 -38.79 -10.44 -21.94
N THR H 77 -39.46 -10.42 -20.79
CA THR H 77 -40.64 -11.23 -20.56
C THR H 77 -41.95 -10.46 -20.60
N HIS H 78 -41.91 -9.12 -20.50
CA HIS H 78 -43.14 -8.33 -20.47
C HIS H 78 -43.13 -7.11 -21.39
N GLY H 79 -42.01 -6.79 -22.01
CA GLY H 79 -42.01 -5.68 -22.96
C GLY H 79 -42.04 -4.33 -22.25
N LEU H 80 -42.78 -3.40 -22.85
CA LEU H 80 -42.86 -2.04 -22.32
C LEU H 80 -43.55 -1.97 -20.96
N ALA H 81 -44.35 -2.98 -20.61
CA ALA H 81 -45.05 -2.98 -19.33
C ALA H 81 -44.09 -3.09 -18.14
N ALA H 82 -42.83 -3.40 -18.37
CA ALA H 82 -41.84 -3.50 -17.30
C ALA H 82 -41.15 -2.19 -16.99
N VAL H 83 -41.41 -1.14 -17.77
CA VAL H 83 -40.77 0.16 -17.56
C VAL H 83 -41.27 0.75 -16.25
N ASN H 84 -40.38 0.86 -15.27
CA ASN H 84 -40.71 1.37 -13.94
C ASN H 84 -41.92 0.62 -13.35
N SER H 85 -41.83 -0.71 -13.38
CA SER H 85 -42.94 -1.56 -12.98
C SER H 85 -42.78 -2.14 -11.58
N VAL H 86 -41.58 -2.13 -11.02
CA VAL H 86 -41.34 -2.69 -9.69
C VAL H 86 -42.06 -1.83 -8.66
N PRO H 87 -43.06 -2.36 -7.96
CA PRO H 87 -43.81 -1.53 -7.01
C PRO H 87 -42.96 -1.12 -5.83
N TRP H 88 -43.30 0.04 -5.26
CA TRP H 88 -42.60 0.53 -4.09
C TRP H 88 -42.73 -0.44 -2.91
N ASP H 89 -43.84 -1.19 -2.86
CA ASP H 89 -44.05 -2.15 -1.78
C ASP H 89 -43.04 -3.30 -1.85
N THR H 90 -42.75 -3.78 -3.06
CA THR H 90 -41.83 -4.91 -3.20
C THR H 90 -40.40 -4.50 -2.85
N ILE H 91 -40.00 -3.29 -3.26
CA ILE H 91 -38.64 -2.84 -2.98
C ILE H 91 -38.45 -2.60 -1.48
N ALA H 92 -39.43 -1.99 -0.83
CA ALA H 92 -39.31 -1.68 0.59
C ALA H 92 -39.28 -2.96 1.43
N ASN H 93 -40.04 -3.98 1.01
CA ASN H 93 -40.04 -5.24 1.75
C ASN H 93 -38.69 -5.94 1.66
N TYR H 94 -38.00 -5.81 0.53
CA TYR H 94 -36.70 -6.45 0.37
C TYR H 94 -35.61 -5.69 1.14
N ALA H 95 -35.68 -4.36 1.14
CA ALA H 95 -34.59 -3.55 1.70
C ALA H 95 -34.66 -3.46 3.22
N LYS H 96 -35.85 -3.55 3.80
CA LYS H 96 -36.02 -3.37 5.24
C LYS H 96 -35.13 -4.29 6.07
N PRO H 97 -35.00 -5.59 5.79
CA PRO H 97 -34.12 -6.43 6.63
C PRO H 97 -32.66 -6.05 6.58
N PHE H 98 -32.21 -5.28 5.59
CA PHE H 98 -30.80 -4.96 5.43
C PHE H 98 -30.41 -3.62 6.03
N LEU H 99 -31.37 -2.81 6.47
CA LEU H 99 -31.03 -1.58 7.16
C LEU H 99 -30.75 -1.86 8.64
N ASN H 100 -31.74 -2.43 9.34
CA ASN H 100 -31.60 -2.98 10.69
C ASN H 100 -30.73 -2.14 11.63
N LYS I 12 -9.15 42.44 23.25
CA LYS I 12 -10.05 42.38 22.10
C LYS I 12 -9.33 41.85 20.87
N ASP I 13 -10.00 40.95 20.14
CA ASP I 13 -9.44 40.41 18.92
C ASP I 13 -9.41 41.46 17.82
N VAL I 14 -8.41 41.38 16.95
CA VAL I 14 -8.18 42.36 15.89
C VAL I 14 -8.23 41.64 14.55
N LEU I 15 -8.85 42.28 13.56
CA LEU I 15 -8.99 41.72 12.22
C LEU I 15 -8.51 42.74 11.21
N GLU I 16 -7.35 42.48 10.61
CA GLU I 16 -6.85 43.31 9.52
C GLU I 16 -7.69 43.07 8.26
N CYS I 17 -8.33 44.12 7.76
CA CYS I 17 -9.23 43.98 6.62
C CYS I 17 -9.27 45.30 5.86
N ASN I 18 -10.15 45.38 4.85
CA ASN I 18 -10.21 46.50 3.94
C ASN I 18 -10.99 47.70 4.50
N VAL I 19 -11.25 47.73 5.82
CA VAL I 19 -11.85 48.92 6.39
C VAL I 19 -10.87 50.08 6.27
N LYS I 20 -11.41 51.30 6.29
CA LYS I 20 -10.60 52.51 6.15
C LYS I 20 -10.40 53.24 7.46
N THR I 21 -11.12 52.88 8.52
CA THR I 21 -10.89 53.41 9.85
C THR I 21 -10.95 52.27 10.85
N THR I 22 -10.18 52.41 11.93
CA THR I 22 -10.26 51.46 13.03
C THR I 22 -11.68 51.45 13.58
N GLU I 23 -12.28 50.26 13.65
CA GLU I 23 -13.69 50.14 13.99
C GLU I 23 -13.89 48.98 14.96
N VAL I 24 -14.61 49.24 16.04
CA VAL I 24 -15.00 48.21 16.99
C VAL I 24 -16.32 47.60 16.49
N VAL I 25 -16.31 46.30 16.25
CA VAL I 25 -17.46 45.57 15.76
C VAL I 25 -17.71 44.39 16.68
N GLY I 26 -18.81 44.43 17.42
CA GLY I 26 -19.11 43.39 18.39
C GLY I 26 -18.07 43.30 19.48
N ASP I 27 -17.33 42.19 19.52
CA ASP I 27 -16.27 42.00 20.50
C ASP I 27 -14.88 42.09 19.91
N ILE I 28 -14.77 42.39 18.62
CA ILE I 28 -13.47 42.45 17.95
C ILE I 28 -13.21 43.86 17.45
N ILE I 29 -12.04 44.08 16.84
CA ILE I 29 -11.65 45.38 16.31
C ILE I 29 -11.22 45.18 14.86
N LEU I 30 -11.78 45.99 13.95
CA LEU I 30 -11.40 45.96 12.55
C LEU I 30 -10.27 46.94 12.31
N LYS I 31 -9.13 46.43 11.84
CA LYS I 31 -7.95 47.25 11.64
C LYS I 31 -7.67 47.44 10.17
N PRO I 32 -7.51 48.69 9.71
CA PRO I 32 -7.29 48.92 8.28
C PRO I 32 -5.98 48.29 7.79
N ALA I 33 -6.07 47.62 6.64
CA ALA I 33 -4.89 47.08 5.96
C ALA I 33 -5.14 47.17 4.47
N ASN I 34 -4.05 47.14 3.71
CA ASN I 34 -4.10 47.46 2.28
C ASN I 34 -4.31 46.25 1.38
N ASN I 35 -3.95 45.05 1.83
CA ASN I 35 -3.96 43.88 0.96
C ASN I 35 -4.71 42.70 1.57
N SER I 36 -5.55 42.93 2.58
CA SER I 36 -6.16 41.85 3.34
C SER I 36 -7.64 41.71 2.99
N LEU I 37 -8.45 41.35 3.99
CA LEU I 37 -9.80 40.87 3.74
C LEU I 37 -10.72 41.98 3.25
N LYS I 38 -11.65 41.63 2.36
CA LYS I 38 -12.71 42.52 1.94
C LYS I 38 -13.94 42.23 2.81
N ILE I 39 -14.46 43.26 3.48
CA ILE I 39 -15.58 43.12 4.40
C ILE I 39 -16.86 43.48 3.66
N THR I 40 -17.82 42.55 3.66
CA THR I 40 -19.16 42.83 3.19
C THR I 40 -19.96 43.43 4.34
N GLU I 41 -20.38 44.69 4.19
CA GLU I 41 -21.09 45.38 5.26
C GLU I 41 -22.33 44.61 5.67
N GLU I 42 -23.26 44.40 4.73
CA GLU I 42 -24.42 43.56 4.95
C GLU I 42 -24.66 42.74 3.69
N VAL I 43 -24.98 41.47 3.86
CA VAL I 43 -25.09 40.56 2.72
C VAL I 43 -26.27 40.96 1.85
N GLY I 44 -26.09 40.84 0.53
CA GLY I 44 -27.13 41.18 -0.42
C GLY I 44 -27.10 40.20 -1.59
N HIS I 45 -28.07 40.39 -2.49
CA HIS I 45 -28.21 39.48 -3.63
C HIS I 45 -26.96 39.50 -4.49
N THR I 46 -26.41 40.68 -4.76
CA THR I 46 -25.22 40.78 -5.59
C THR I 46 -23.97 40.21 -4.89
N ASP I 47 -23.98 40.12 -3.56
CA ASP I 47 -22.84 39.57 -2.86
C ASP I 47 -22.80 38.06 -2.95
N LEU I 48 -23.97 37.41 -2.90
CA LEU I 48 -24.04 35.96 -2.99
C LEU I 48 -23.85 35.48 -4.42
N MET I 49 -24.33 36.23 -5.40
CA MET I 49 -24.16 35.82 -6.79
C MET I 49 -22.70 35.90 -7.22
N ALA I 50 -21.99 36.96 -6.82
CA ALA I 50 -20.57 37.04 -7.10
C ALA I 50 -19.80 35.96 -6.35
N ALA I 51 -20.24 35.65 -5.12
CA ALA I 51 -19.59 34.58 -4.36
C ALA I 51 -19.76 33.23 -5.04
N TYR I 52 -20.98 32.94 -5.50
CA TYR I 52 -21.20 31.74 -6.31
C TYR I 52 -20.34 31.77 -7.56
N VAL I 53 -20.28 32.91 -8.23
CA VAL I 53 -19.56 33.03 -9.49
C VAL I 53 -18.06 32.91 -9.26
N ASP I 54 -17.53 33.58 -8.23
CA ASP I 54 -16.11 33.56 -7.95
C ASP I 54 -15.66 32.31 -7.21
N ASN I 55 -16.59 31.43 -6.82
CA ASN I 55 -16.28 30.25 -6.02
C ASN I 55 -15.57 30.64 -4.73
N SER I 56 -16.08 31.67 -4.08
CA SER I 56 -15.43 32.26 -2.91
C SER I 56 -16.41 32.30 -1.75
N SER I 57 -15.92 32.74 -0.60
CA SER I 57 -16.70 32.93 0.61
C SER I 57 -16.93 34.43 0.84
N LEU I 58 -17.54 34.75 1.97
CA LEU I 58 -17.82 36.13 2.33
C LEU I 58 -17.52 36.35 3.80
N THR I 59 -17.26 37.60 4.15
CA THR I 59 -17.11 38.03 5.54
C THR I 59 -18.09 39.18 5.75
N ILE I 60 -19.17 38.90 6.48
CA ILE I 60 -20.23 39.87 6.72
C ILE I 60 -19.98 40.56 8.05
N LYS I 61 -20.11 41.88 8.07
CA LYS I 61 -19.83 42.64 9.28
C LYS I 61 -21.01 42.65 10.24
N LYS I 62 -22.19 43.00 9.74
CA LYS I 62 -23.38 43.10 10.57
C LYS I 62 -24.52 42.31 9.97
N PRO I 63 -25.36 41.71 10.80
CA PRO I 63 -26.43 40.84 10.28
C PRO I 63 -27.62 41.63 9.76
N ASN I 64 -28.36 40.97 8.87
CA ASN I 64 -29.67 41.44 8.42
C ASN I 64 -30.58 40.23 8.33
N GLU I 65 -31.79 40.41 7.80
CA GLU I 65 -32.72 39.30 7.72
C GLU I 65 -32.21 38.19 6.80
N LEU I 66 -31.55 38.56 5.70
CA LEU I 66 -31.05 37.56 4.77
C LEU I 66 -29.95 36.72 5.40
N SER I 67 -28.98 37.36 6.05
CA SER I 67 -27.90 36.62 6.69
C SER I 67 -28.42 35.77 7.85
N ARG I 68 -29.48 36.22 8.52
CA ARG I 68 -30.03 35.47 9.64
C ARG I 68 -30.80 34.24 9.16
N VAL I 69 -31.66 34.41 8.16
CA VAL I 69 -32.46 33.29 7.68
C VAL I 69 -31.58 32.27 6.96
N LEU I 70 -30.44 32.69 6.42
CA LEU I 70 -29.50 31.76 5.81
C LEU I 70 -28.55 31.15 6.84
N GLY I 71 -28.67 31.51 8.11
CA GLY I 71 -27.84 30.94 9.16
C GLY I 71 -26.38 31.35 9.09
N LEU I 72 -26.10 32.55 8.61
CA LEU I 72 -24.72 32.98 8.38
C LEU I 72 -24.17 33.70 9.62
N LYS I 73 -22.86 33.61 9.79
CA LYS I 73 -22.16 34.29 10.86
C LYS I 73 -21.71 35.67 10.42
N THR I 74 -21.71 36.61 11.36
CA THR I 74 -21.26 37.97 11.11
C THR I 74 -20.21 38.36 12.15
N LEU I 75 -19.42 39.37 11.81
CA LEU I 75 -18.37 39.81 12.73
C LEU I 75 -18.97 40.39 14.01
N ALA I 76 -20.11 41.08 13.89
CA ALA I 76 -20.71 41.74 15.05
C ALA I 76 -21.28 40.73 16.04
N THR I 77 -21.72 39.56 15.57
CA THR I 77 -22.31 38.56 16.43
C THR I 77 -21.42 37.35 16.69
N HIS I 78 -20.44 37.09 15.83
CA HIS I 78 -19.60 35.90 15.98
C HIS I 78 -18.10 36.21 16.04
N GLY I 79 -17.68 37.44 15.80
CA GLY I 79 -16.27 37.76 15.89
C GLY I 79 -15.46 37.18 14.74
N LEU I 80 -14.20 36.84 15.03
CA LEU I 80 -13.29 36.34 14.01
C LEU I 80 -13.80 35.04 13.37
N ALA I 81 -14.67 34.31 14.04
CA ALA I 81 -15.17 33.06 13.48
C ALA I 81 -16.00 33.26 12.22
N ALA I 82 -16.42 34.50 11.95
CA ALA I 82 -17.19 34.79 10.75
C ALA I 82 -16.32 35.00 9.51
N VAL I 83 -14.99 35.03 9.66
CA VAL I 83 -14.09 35.30 8.56
C VAL I 83 -14.20 34.15 7.55
N ASN I 84 -14.71 34.45 6.36
CA ASN I 84 -14.87 33.48 5.28
C ASN I 84 -15.65 32.25 5.73
N SER I 85 -16.63 32.46 6.60
CA SER I 85 -17.39 31.38 7.20
C SER I 85 -18.62 30.97 6.40
N VAL I 86 -19.04 31.78 5.45
CA VAL I 86 -20.23 31.49 4.65
C VAL I 86 -20.01 30.18 3.89
N PRO I 87 -20.85 29.17 4.11
CA PRO I 87 -20.62 27.88 3.45
C PRO I 87 -20.96 27.95 1.97
N TRP I 88 -20.25 27.15 1.18
CA TRP I 88 -20.47 27.13 -0.26
C TRP I 88 -21.85 26.57 -0.59
N ASP I 89 -22.33 25.59 0.18
CA ASP I 89 -23.63 24.99 -0.10
C ASP I 89 -24.76 25.98 0.10
N THR I 90 -24.59 26.95 1.00
CA THR I 90 -25.62 27.96 1.19
C THR I 90 -25.62 28.97 0.04
N ILE I 91 -24.44 29.33 -0.46
CA ILE I 91 -24.36 30.27 -1.57
C ILE I 91 -24.96 29.67 -2.84
N ALA I 92 -24.68 28.39 -3.10
CA ALA I 92 -25.21 27.74 -4.30
C ALA I 92 -26.72 27.53 -4.20
N ASN I 93 -27.20 27.19 -3.00
CA ASN I 93 -28.65 26.99 -2.83
C ASN I 93 -29.41 28.29 -3.02
N TYR I 94 -28.80 29.42 -2.67
CA TYR I 94 -29.46 30.71 -2.88
C TYR I 94 -29.48 31.10 -4.35
N ALA I 95 -28.37 30.86 -5.06
CA ALA I 95 -28.23 31.34 -6.42
C ALA I 95 -28.97 30.49 -7.44
N LYS I 96 -29.29 29.24 -7.10
CA LYS I 96 -29.91 28.32 -8.06
C LYS I 96 -31.17 28.85 -8.73
N PRO I 97 -32.16 29.38 -8.01
CA PRO I 97 -33.37 29.86 -8.71
C PRO I 97 -33.17 31.15 -9.50
N PHE I 98 -31.95 31.68 -9.55
CA PHE I 98 -31.66 32.89 -10.33
C PHE I 98 -30.79 32.58 -11.55
N LEU I 99 -30.67 31.31 -11.93
CA LEU I 99 -29.85 30.93 -13.07
C LEU I 99 -30.66 30.20 -14.13
N GLN J 11 42.43 17.66 -21.64
CA GLN J 11 42.17 19.08 -21.68
C GLN J 11 40.68 19.37 -21.56
N LYS J 12 40.05 19.73 -22.67
CA LYS J 12 38.61 20.00 -22.68
C LYS J 12 37.84 18.73 -22.37
N ASP J 13 36.74 18.88 -21.63
CA ASP J 13 35.88 17.75 -21.33
C ASP J 13 35.24 17.21 -22.60
N VAL J 14 34.90 15.92 -22.58
CA VAL J 14 34.38 15.22 -23.76
C VAL J 14 33.05 14.60 -23.41
N LEU J 15 32.08 14.72 -24.32
CA LEU J 15 30.79 14.06 -24.20
C LEU J 15 30.51 13.29 -25.49
N GLU J 16 30.57 11.97 -25.41
CA GLU J 16 30.21 11.14 -26.55
C GLU J 16 28.70 11.16 -26.73
N CYS J 17 28.24 11.51 -27.92
CA CYS J 17 26.82 11.79 -28.13
C CYS J 17 26.48 11.57 -29.60
N ASN J 18 25.26 11.95 -29.98
CA ASN J 18 24.71 11.64 -31.30
C ASN J 18 25.02 12.70 -32.34
N VAL J 19 25.96 13.62 -32.07
CA VAL J 19 26.35 14.58 -33.08
C VAL J 19 27.01 13.87 -34.26
N LYS J 20 27.06 14.56 -35.40
CA LYS J 20 27.66 14.01 -36.59
C LYS J 20 29.11 14.45 -36.82
N THR J 21 29.49 15.61 -36.29
CA THR J 21 30.85 16.12 -36.40
C THR J 21 31.36 16.54 -35.04
N THR J 22 32.67 16.44 -34.86
CA THR J 22 33.31 16.97 -33.66
C THR J 22 33.05 18.47 -33.57
N GLU J 23 32.43 18.90 -32.47
CA GLU J 23 31.93 20.26 -32.34
C GLU J 23 32.21 20.77 -30.94
N VAL J 24 32.80 21.96 -30.86
CA VAL J 24 33.10 22.60 -29.59
C VAL J 24 31.89 23.41 -29.15
N VAL J 25 31.38 23.12 -27.96
CA VAL J 25 30.25 23.85 -27.37
C VAL J 25 30.64 24.29 -25.98
N GLY J 26 30.68 25.60 -25.76
CA GLY J 26 31.08 26.10 -24.46
C GLY J 26 32.54 25.75 -24.18
N ASP J 27 32.76 25.09 -23.04
CA ASP J 27 34.10 24.67 -22.64
C ASP J 27 34.37 23.21 -22.93
N ILE J 28 33.42 22.48 -23.51
CA ILE J 28 33.55 21.06 -23.77
C ILE J 28 33.54 20.81 -25.27
N ILE J 29 33.78 19.56 -25.64
CA ILE J 29 33.79 19.12 -27.03
C ILE J 29 32.78 17.99 -27.18
N LEU J 30 31.98 18.04 -28.24
CA LEU J 30 31.05 16.98 -28.57
C LEU J 30 31.73 15.99 -29.51
N LYS J 31 31.61 14.71 -29.20
CA LYS J 31 32.25 13.66 -29.99
C LYS J 31 31.19 12.77 -30.61
N PRO J 32 31.22 12.55 -31.93
CA PRO J 32 30.24 11.65 -32.56
C PRO J 32 30.36 10.22 -32.07
N ALA J 33 29.34 9.75 -31.35
CA ALA J 33 29.27 8.37 -30.89
C ALA J 33 28.14 7.65 -31.59
N ASN J 34 28.32 6.34 -31.78
CA ASN J 34 27.41 5.58 -32.63
C ASN J 34 26.05 5.38 -31.97
N ASN J 35 26.03 5.02 -30.70
CA ASN J 35 24.79 4.72 -29.99
C ASN J 35 24.80 5.37 -28.60
N SER J 36 24.95 6.70 -28.58
CA SER J 36 24.98 7.42 -27.31
C SER J 36 23.66 8.14 -27.07
N LEU J 37 23.72 9.27 -26.34
CA LEU J 37 22.52 9.97 -25.91
C LEU J 37 22.12 11.04 -26.92
N LYS J 38 20.88 11.49 -26.80
CA LYS J 38 20.27 12.45 -27.71
C LYS J 38 20.38 13.86 -27.13
N ILE J 39 20.85 14.79 -27.95
CA ILE J 39 20.95 16.19 -27.56
C ILE J 39 19.80 16.96 -28.21
N THR J 40 19.17 17.83 -27.42
CA THR J 40 18.27 18.82 -27.95
C THR J 40 19.06 20.10 -28.20
N GLU J 41 19.10 20.54 -29.46
CA GLU J 41 19.85 21.74 -29.80
C GLU J 41 19.36 22.93 -28.97
N GLU J 42 18.08 23.24 -29.08
CA GLU J 42 17.43 24.22 -28.23
C GLU J 42 16.07 23.67 -27.83
N VAL J 43 15.69 23.86 -26.57
CA VAL J 43 14.47 23.26 -26.06
C VAL J 43 13.25 23.89 -26.73
N GLY J 44 12.25 23.07 -27.03
CA GLY J 44 11.02 23.53 -27.63
C GLY J 44 9.83 22.89 -26.94
N HIS J 45 8.63 23.25 -27.44
CA HIS J 45 7.41 22.74 -26.84
C HIS J 45 7.30 21.23 -26.99
N THR J 46 7.54 20.72 -28.20
CA THR J 46 7.45 19.28 -28.43
C THR J 46 8.52 18.52 -27.65
N ASP J 47 9.67 19.14 -27.41
CA ASP J 47 10.71 18.48 -26.63
C ASP J 47 10.25 18.22 -25.19
N LEU J 48 9.55 19.19 -24.59
CA LEU J 48 9.13 19.04 -23.21
C LEU J 48 7.89 18.16 -23.07
N MET J 49 6.98 18.19 -24.06
CA MET J 49 5.82 17.33 -24.00
C MET J 49 6.19 15.86 -24.18
N ALA J 50 7.23 15.58 -24.97
CA ALA J 50 7.68 14.21 -25.13
C ALA J 50 8.47 13.73 -23.93
N ALA J 51 9.19 14.63 -23.25
CA ALA J 51 9.93 14.23 -22.05
C ALA J 51 8.98 13.87 -20.91
N TYR J 52 7.91 14.65 -20.73
CA TYR J 52 6.87 14.28 -19.78
C TYR J 52 6.30 12.92 -20.13
N VAL J 53 6.00 12.71 -21.42
CA VAL J 53 5.28 11.52 -21.85
C VAL J 53 6.13 10.26 -21.66
N ASP J 54 7.42 10.34 -22.01
CA ASP J 54 8.28 9.17 -22.08
C ASP J 54 9.01 8.87 -20.78
N ASN J 55 8.68 9.57 -19.69
CA ASN J 55 9.40 9.43 -18.42
C ASN J 55 10.90 9.63 -18.61
N SER J 56 11.26 10.50 -19.54
CA SER J 56 12.65 10.78 -19.88
C SER J 56 12.96 12.24 -19.56
N SER J 57 14.17 12.66 -19.90
CA SER J 57 14.62 14.01 -19.67
C SER J 57 15.34 14.50 -20.94
N LEU J 58 16.00 15.64 -20.83
CA LEU J 58 16.64 16.26 -21.97
C LEU J 58 18.09 16.60 -21.65
N THR J 59 18.87 16.80 -22.72
CA THR J 59 20.23 17.33 -22.64
C THR J 59 20.30 18.44 -23.69
N ILE J 60 20.21 19.69 -23.21
CA ILE J 60 20.07 20.84 -24.11
C ILE J 60 21.45 21.39 -24.43
N LYS J 61 21.71 21.63 -25.71
CA LYS J 61 23.02 22.11 -26.14
C LYS J 61 23.17 23.61 -25.90
N LYS J 62 22.26 24.41 -26.44
CA LYS J 62 22.34 25.86 -26.35
C LYS J 62 21.09 26.42 -25.67
N PRO J 63 21.23 27.52 -24.94
CA PRO J 63 20.07 28.09 -24.23
C PRO J 63 19.24 28.99 -25.12
N ASN J 64 17.98 29.15 -24.71
CA ASN J 64 17.07 30.13 -25.31
C ASN J 64 16.22 30.70 -24.17
N GLU J 65 15.24 31.53 -24.53
CA GLU J 65 14.42 32.17 -23.51
C GLU J 65 13.61 31.15 -22.71
N LEU J 66 13.19 30.05 -23.34
CA LEU J 66 12.41 29.04 -22.63
C LEU J 66 13.29 28.28 -21.64
N SER J 67 14.48 27.84 -22.09
CA SER J 67 15.37 27.11 -21.21
C SER J 67 15.81 27.97 -20.03
N ARG J 68 16.10 29.24 -20.28
CA ARG J 68 16.54 30.13 -19.19
C ARG J 68 15.41 30.38 -18.21
N VAL J 69 14.18 30.57 -18.70
CA VAL J 69 13.06 30.86 -17.80
C VAL J 69 12.67 29.64 -16.99
N LEU J 70 13.04 28.44 -17.44
CA LEU J 70 12.78 27.22 -16.67
C LEU J 70 13.95 26.83 -15.78
N GLY J 71 15.01 27.63 -15.74
CA GLY J 71 16.16 27.31 -14.91
C GLY J 71 16.92 26.08 -15.34
N LEU J 72 17.00 25.82 -16.64
CA LEU J 72 17.62 24.62 -17.16
C LEU J 72 19.08 24.88 -17.50
N LYS J 73 19.91 23.85 -17.28
CA LYS J 73 21.30 23.91 -17.69
C LYS J 73 21.44 23.51 -19.16
N THR J 74 22.42 24.12 -19.83
CA THR J 74 22.73 23.79 -21.22
C THR J 74 24.21 23.49 -21.35
N LEU J 75 24.55 22.68 -22.35
CA LEU J 75 25.95 22.32 -22.57
C LEU J 75 26.81 23.54 -22.84
N ALA J 76 26.25 24.56 -23.49
CA ALA J 76 27.02 25.77 -23.79
C ALA J 76 27.30 26.59 -22.54
N THR J 77 26.46 26.47 -21.51
CA THR J 77 26.59 27.29 -20.31
C THR J 77 27.02 26.52 -19.07
N HIS J 78 26.79 25.21 -19.02
CA HIS J 78 27.13 24.43 -17.84
C HIS J 78 28.04 23.23 -18.14
N GLY J 79 28.27 22.89 -19.41
CA GLY J 79 29.18 21.82 -19.72
C GLY J 79 28.59 20.45 -19.43
N LEU J 80 29.44 19.54 -18.94
CA LEU J 80 29.00 18.18 -18.67
C LEU J 80 27.93 18.11 -17.58
N ALA J 81 27.79 19.16 -16.78
CA ALA J 81 26.73 19.18 -15.77
C ALA J 81 25.34 19.20 -16.40
N ALA J 82 25.24 19.60 -17.67
CA ALA J 82 23.95 19.61 -18.37
C ALA J 82 23.55 18.24 -18.89
N VAL J 83 24.47 17.27 -18.88
CA VAL J 83 24.19 15.92 -19.37
C VAL J 83 23.08 15.30 -18.53
N ASN J 84 21.88 15.20 -19.11
CA ASN J 84 20.70 14.67 -18.43
C ASN J 84 20.45 15.43 -17.11
N SER J 85 20.33 16.75 -17.23
CA SER J 85 20.19 17.62 -16.08
C SER J 85 18.79 18.19 -15.89
N VAL J 86 17.95 18.16 -16.93
CA VAL J 86 16.62 18.74 -16.84
C VAL J 86 15.81 17.98 -15.80
N PRO J 87 15.31 18.64 -14.76
CA PRO J 87 14.59 17.93 -13.71
C PRO J 87 13.25 17.39 -14.20
N TRP J 88 12.83 16.28 -13.58
CA TRP J 88 11.59 15.64 -14.00
C TRP J 88 10.37 16.49 -13.60
N ASP J 89 10.43 17.16 -12.45
CA ASP J 89 9.29 17.99 -12.06
C ASP J 89 9.16 19.20 -12.98
N THR J 90 10.28 19.83 -13.33
CA THR J 90 10.25 20.99 -14.23
C THR J 90 9.53 20.65 -15.52
N ILE J 91 9.85 19.48 -16.11
CA ILE J 91 9.18 19.04 -17.33
C ILE J 91 7.68 18.88 -17.08
N ALA J 92 7.32 18.33 -15.91
CA ALA J 92 5.91 18.08 -15.62
C ALA J 92 5.12 19.38 -15.51
N ASN J 93 5.59 20.33 -14.69
CA ASN J 93 4.81 21.56 -14.48
C ASN J 93 4.54 22.31 -15.78
N TYR J 94 5.41 22.15 -16.79
CA TYR J 94 5.18 22.83 -18.05
C TYR J 94 4.16 22.12 -18.92
N ALA J 95 4.06 20.79 -18.81
CA ALA J 95 3.26 20.01 -19.74
C ALA J 95 1.81 19.81 -19.30
N LYS J 96 1.52 19.89 -18.00
CA LYS J 96 0.14 19.71 -17.54
C LYS J 96 -0.83 20.76 -18.07
N PRO J 97 -0.51 22.05 -18.11
CA PRO J 97 -1.48 23.03 -18.65
C PRO J 97 -1.89 22.78 -20.09
N PHE J 98 -1.22 21.88 -20.81
CA PHE J 98 -1.54 21.60 -22.20
C PHE J 98 -2.35 20.33 -22.39
N LEU J 99 -2.72 19.66 -21.30
CA LEU J 99 -3.48 18.41 -21.38
C LEU J 99 -4.90 18.61 -20.85
N GLN K 11 39.57 -9.67 33.03
CA GLN K 11 39.02 -8.32 33.07
C GLN K 11 39.03 -7.69 31.68
N LYS K 12 38.07 -6.81 31.43
CA LYS K 12 37.95 -6.16 30.13
C LYS K 12 39.08 -5.16 29.92
N ASP K 13 39.24 -4.75 28.66
CA ASP K 13 40.15 -3.68 28.31
C ASP K 13 39.44 -2.34 28.48
N VAL K 14 40.16 -1.36 29.01
CA VAL K 14 39.60 -0.04 29.26
C VAL K 14 40.13 0.94 28.24
N LEU K 15 39.25 1.82 27.76
CA LEU K 15 39.59 2.93 26.88
C LEU K 15 39.10 4.20 27.55
N GLU K 16 40.01 4.93 28.19
CA GLU K 16 39.63 6.21 28.81
C GLU K 16 39.58 7.27 27.73
N CYS K 17 38.47 7.27 26.99
CA CYS K 17 38.23 8.26 25.95
C CYS K 17 37.44 9.43 26.49
N ASN K 18 36.50 9.97 25.69
CA ASN K 18 35.78 11.19 26.05
C ASN K 18 34.28 10.96 26.20
N VAL K 19 33.85 9.69 26.34
CA VAL K 19 32.42 9.41 26.43
C VAL K 19 31.85 9.98 27.72
N LYS K 20 30.54 10.25 27.69
CA LYS K 20 29.86 10.83 28.85
C LYS K 20 29.82 9.87 30.03
N THR K 21 29.67 8.57 29.77
CA THR K 21 29.47 7.58 30.82
C THR K 21 30.36 6.37 30.59
N THR K 22 30.45 5.53 31.62
CA THR K 22 31.14 4.25 31.50
C THR K 22 30.29 3.30 30.66
N GLU K 23 30.83 2.87 29.53
CA GLU K 23 30.06 2.13 28.53
C GLU K 23 30.84 0.91 28.06
N VAL K 24 30.12 -0.19 27.87
CA VAL K 24 30.68 -1.40 27.30
C VAL K 24 30.40 -1.42 25.80
N VAL K 25 31.45 -1.61 25.00
CA VAL K 25 31.32 -1.80 23.56
C VAL K 25 32.15 -3.01 23.17
N GLY K 26 31.50 -4.05 22.65
CA GLY K 26 32.17 -5.27 22.27
C GLY K 26 32.88 -5.94 23.43
N ASP K 27 34.21 -5.95 23.39
CA ASP K 27 35.03 -6.60 24.41
C ASP K 27 35.71 -5.63 25.35
N ILE K 28 35.46 -4.32 25.22
CA ILE K 28 36.19 -3.30 25.96
C ILE K 28 35.20 -2.43 26.73
N ILE K 29 35.74 -1.47 27.45
CA ILE K 29 34.95 -0.53 28.26
C ILE K 29 35.51 0.87 28.05
N LEU K 30 34.62 1.85 28.01
CA LEU K 30 34.99 3.26 27.84
C LEU K 30 34.69 3.99 29.14
N LYS K 31 35.71 4.63 29.71
CA LYS K 31 35.54 5.39 30.94
C LYS K 31 35.74 6.86 30.68
N PRO K 32 34.83 7.73 31.14
CA PRO K 32 34.94 9.16 30.84
C PRO K 32 36.25 9.77 31.30
N ALA K 33 36.82 10.62 30.46
CA ALA K 33 37.92 11.50 30.81
C ALA K 33 37.64 12.86 30.17
N ASN K 34 38.58 13.79 30.33
CA ASN K 34 38.39 15.16 29.84
C ASN K 34 39.11 15.40 28.52
N ASN K 35 40.43 15.33 28.51
CA ASN K 35 41.24 15.71 27.36
C ASN K 35 41.48 14.55 26.40
N SER K 36 40.71 13.48 26.50
CA SER K 36 41.07 12.23 25.86
C SER K 36 40.58 12.19 24.40
N LEU K 37 40.62 11.00 23.81
CA LEU K 37 40.34 10.82 22.39
C LEU K 37 38.86 11.01 22.10
N LYS K 38 38.57 11.67 20.97
CA LYS K 38 37.19 11.92 20.55
C LYS K 38 36.64 10.68 19.85
N ILE K 39 35.47 10.24 20.23
CA ILE K 39 34.94 9.04 19.67
C ILE K 39 33.79 9.24 18.70
N THR K 40 33.90 8.62 17.53
CA THR K 40 32.89 8.76 16.50
C THR K 40 31.91 7.61 16.59
N GLU K 41 30.64 7.90 16.76
CA GLU K 41 29.68 6.82 16.89
C GLU K 41 29.57 5.90 15.70
N GLU K 42 29.44 6.48 14.51
CA GLU K 42 29.29 5.76 13.26
C GLU K 42 29.85 6.73 12.28
N VAL K 43 30.87 6.32 11.54
CA VAL K 43 31.62 7.21 10.66
C VAL K 43 30.72 7.76 9.58
N GLY K 44 30.93 9.03 9.23
CA GLY K 44 30.17 9.69 8.20
C GLY K 44 31.07 10.52 7.30
N HIS K 45 30.44 11.24 6.37
CA HIS K 45 31.20 12.05 5.42
C HIS K 45 31.96 13.16 6.13
N THR K 46 31.28 13.88 7.02
CA THR K 46 31.92 15.00 7.71
C THR K 46 33.07 14.52 8.60
N ASP K 47 32.91 13.37 9.23
CA ASP K 47 33.98 12.82 10.07
C ASP K 47 35.24 12.55 9.24
N LEU K 48 35.07 12.08 8.00
CA LEU K 48 36.23 11.78 7.16
C LEU K 48 36.82 13.04 6.54
N MET K 49 35.97 13.99 6.15
CA MET K 49 36.47 15.24 5.60
C MET K 49 37.27 16.02 6.64
N ALA K 50 36.74 16.12 7.86
CA ALA K 50 37.45 16.83 8.92
C ALA K 50 38.74 16.11 9.28
N ALA K 51 38.73 14.78 9.25
CA ALA K 51 39.95 14.02 9.52
C ALA K 51 41.00 14.26 8.44
N TYR K 52 40.56 14.37 7.19
CA TYR K 52 41.50 14.66 6.10
C TYR K 52 42.04 16.09 6.21
N VAL K 53 41.17 17.04 6.56
CA VAL K 53 41.59 18.43 6.65
C VAL K 53 42.59 18.62 7.78
N ASP K 54 42.38 17.92 8.90
CA ASP K 54 43.24 18.06 10.07
C ASP K 54 44.38 17.04 10.10
N ASN K 55 44.47 16.16 9.10
CA ASN K 55 45.52 15.15 9.03
C ASN K 55 45.54 14.28 10.27
N SER K 56 44.36 13.89 10.75
CA SER K 56 44.21 13.05 11.93
C SER K 56 43.48 11.76 11.55
N SER K 57 43.43 10.84 12.51
CA SER K 57 42.75 9.57 12.34
C SER K 57 41.41 9.61 13.07
N LEU K 58 40.71 8.48 13.06
CA LEU K 58 39.41 8.36 13.68
C LEU K 58 39.35 7.10 14.53
N THR K 59 38.52 7.15 15.57
CA THR K 59 38.24 6.00 16.43
C THR K 59 36.73 5.80 16.44
N ILE K 60 36.26 4.84 15.66
CA ILE K 60 34.84 4.63 15.43
C ILE K 60 34.33 3.57 16.40
N LYS K 61 33.16 3.84 17.00
CA LYS K 61 32.63 2.94 18.02
C LYS K 61 31.90 1.76 17.40
N LYS K 62 30.88 2.02 16.58
CA LYS K 62 30.07 0.97 16.01
C LYS K 62 30.22 0.93 14.49
N PRO K 63 30.18 -0.25 13.89
CA PRO K 63 30.32 -0.35 12.44
C PRO K 63 29.03 -0.01 11.71
N ASN K 64 29.19 0.44 10.47
CA ASN K 64 28.08 0.65 9.55
C ASN K 64 28.50 0.11 8.19
N GLU K 65 27.71 0.39 7.15
CA GLU K 65 28.08 -0.07 5.82
C GLU K 65 29.29 0.67 5.28
N LEU K 66 29.47 1.94 5.67
CA LEU K 66 30.62 2.70 5.21
C LEU K 66 31.90 2.21 5.87
N SER K 67 31.85 1.91 7.16
CA SER K 67 33.05 1.47 7.87
C SER K 67 33.53 0.12 7.34
N ARG K 68 32.60 -0.81 7.10
CA ARG K 68 33.02 -2.12 6.62
C ARG K 68 33.46 -2.09 5.17
N VAL K 69 32.87 -1.22 4.35
CA VAL K 69 33.29 -1.14 2.96
C VAL K 69 34.63 -0.42 2.83
N LEU K 70 34.93 0.51 3.74
CA LEU K 70 36.26 1.10 3.80
C LEU K 70 37.27 0.18 4.47
N GLY K 71 36.82 -0.94 5.02
CA GLY K 71 37.73 -1.94 5.56
C GLY K 71 38.49 -1.52 6.79
N LEU K 72 37.90 -0.68 7.63
CA LEU K 72 38.57 -0.18 8.83
C LEU K 72 37.86 -0.71 10.08
N LYS K 73 38.54 -0.57 11.21
CA LYS K 73 38.14 -1.21 12.45
C LYS K 73 37.24 -0.30 13.27
N THR K 74 36.37 -0.93 14.07
CA THR K 74 35.55 -0.25 15.05
C THR K 74 35.74 -0.90 16.41
N LEU K 75 35.46 -0.13 17.46
CA LEU K 75 35.67 -0.64 18.82
C LEU K 75 34.77 -1.82 19.14
N ALA K 76 33.56 -1.85 18.58
CA ALA K 76 32.64 -2.94 18.86
C ALA K 76 33.11 -4.26 18.25
N THR K 77 33.90 -4.18 17.17
CA THR K 77 34.37 -5.38 16.48
C THR K 77 35.86 -5.64 16.65
N HIS K 78 36.64 -4.64 17.05
CA HIS K 78 38.09 -4.81 17.18
C HIS K 78 38.65 -4.35 18.51
N GLY K 79 37.86 -3.72 19.37
CA GLY K 79 38.35 -3.35 20.69
C GLY K 79 39.38 -2.22 20.63
N LEU K 80 40.45 -2.38 21.40
CA LEU K 80 41.49 -1.36 21.49
C LEU K 80 42.23 -1.15 20.18
N ALA K 81 42.19 -2.14 19.27
CA ALA K 81 42.88 -2.02 17.99
C ALA K 81 42.25 -0.99 17.07
N ALA K 82 41.05 -0.52 17.37
CA ALA K 82 40.39 0.48 16.54
C ALA K 82 40.83 1.91 16.85
N VAL K 83 41.59 2.11 17.92
CA VAL K 83 42.01 3.44 18.34
C VAL K 83 42.90 4.06 17.28
N ASN K 84 42.38 5.07 16.59
CA ASN K 84 43.10 5.79 15.53
C ASN K 84 43.61 4.82 14.46
N SER K 85 42.83 3.79 14.19
CA SER K 85 43.21 2.76 13.24
C SER K 85 42.92 3.13 11.80
N VAL K 86 42.22 4.23 11.56
CA VAL K 86 41.89 4.67 10.20
C VAL K 86 43.14 5.24 9.56
N PRO K 87 43.72 4.59 8.54
CA PRO K 87 44.98 5.05 7.98
C PRO K 87 44.80 6.32 7.15
N TRP K 88 45.91 7.04 7.03
CA TRP K 88 45.90 8.28 6.24
C TRP K 88 45.58 8.02 4.79
N ASP K 89 45.96 6.85 4.27
CA ASP K 89 45.71 6.53 2.86
C ASP K 89 44.23 6.29 2.60
N THR K 90 43.54 5.64 3.55
CA THR K 90 42.11 5.40 3.39
C THR K 90 41.33 6.70 3.44
N ILE K 91 41.71 7.61 4.35
CA ILE K 91 41.01 8.88 4.47
C ILE K 91 41.22 9.74 3.23
N ALA K 92 42.47 9.81 2.75
CA ALA K 92 42.79 10.69 1.63
C ALA K 92 42.04 10.26 0.38
N ASN K 93 42.03 8.95 0.09
CA ASN K 93 41.36 8.47 -1.12
C ASN K 93 39.86 8.75 -1.09
N TYR K 94 39.26 8.83 0.11
CA TYR K 94 37.85 9.16 0.21
C TYR K 94 37.60 10.65 0.03
N ALA K 95 38.59 11.50 0.35
CA ALA K 95 38.36 12.93 0.51
C ALA K 95 38.54 13.71 -0.80
N LYS K 96 39.63 13.46 -1.52
CA LYS K 96 39.95 14.30 -2.68
C LYS K 96 38.88 14.32 -3.77
N PRO K 97 38.09 13.25 -4.02
CA PRO K 97 36.98 13.40 -4.98
C PRO K 97 35.97 14.47 -4.61
N PHE K 98 35.94 14.92 -3.36
CA PHE K 98 35.00 15.94 -2.92
C PHE K 98 35.58 17.35 -2.98
N LEU K 99 36.84 17.49 -3.40
CA LEU K 99 37.44 18.81 -3.54
C LEU K 99 37.72 19.13 -5.01
N LYS L 12 1.01 7.12 -16.71
CA LYS L 12 0.02 6.74 -17.71
C LYS L 12 0.67 6.05 -18.90
N ASP L 13 -0.05 5.10 -19.50
CA ASP L 13 0.47 4.39 -20.65
C ASP L 13 0.54 5.31 -21.86
N VAL L 14 1.51 5.04 -22.74
CA VAL L 14 1.87 5.96 -23.81
C VAL L 14 1.85 5.23 -25.14
N LEU L 15 1.27 5.85 -26.15
CA LEU L 15 1.20 5.31 -27.50
C LEU L 15 1.54 6.40 -28.50
N GLU L 16 2.65 6.24 -29.22
CA GLU L 16 3.02 7.16 -30.28
C GLU L 16 2.34 6.75 -31.58
N CYS L 17 1.63 7.68 -32.19
CA CYS L 17 0.83 7.38 -33.37
C CYS L 17 0.81 8.62 -34.27
N ASN L 18 -0.11 8.62 -35.23
CA ASN L 18 -0.20 9.69 -36.22
C ASN L 18 -0.95 10.92 -35.71
N VAL L 19 -1.23 11.01 -34.41
CA VAL L 19 -1.83 12.21 -33.87
C VAL L 19 -0.85 13.37 -34.01
N LYS L 20 -1.40 14.56 -34.25
CA LYS L 20 -0.57 15.76 -34.38
C LYS L 20 -0.39 16.51 -33.07
N THR L 21 -1.08 16.09 -32.01
CA THR L 21 -1.10 16.79 -30.74
C THR L 21 -1.14 15.79 -29.60
N THR L 22 -0.28 16.00 -28.60
CA THR L 22 -0.30 15.16 -27.41
C THR L 22 -1.69 15.19 -26.78
N GLU L 23 -2.29 14.02 -26.64
CA GLU L 23 -3.71 13.91 -26.30
C GLU L 23 -3.92 12.87 -25.20
N VAL L 24 -4.73 13.23 -24.22
CA VAL L 24 -5.20 12.27 -23.22
C VAL L 24 -6.47 11.63 -23.75
N VAL L 25 -6.46 10.30 -23.86
CA VAL L 25 -7.63 9.56 -24.28
C VAL L 25 -7.86 8.43 -23.28
N GLY L 26 -9.01 8.45 -22.60
CA GLY L 26 -9.32 7.43 -21.62
C GLY L 26 -8.29 7.45 -20.49
N ASP L 27 -7.63 6.31 -20.30
CA ASP L 27 -6.64 6.15 -19.24
C ASP L 27 -5.20 6.20 -19.75
N ILE L 28 -4.99 6.36 -21.06
CA ILE L 28 -3.65 6.39 -21.63
C ILE L 28 -3.40 7.73 -22.30
N ILE L 29 -2.19 7.92 -22.81
CA ILE L 29 -1.77 9.18 -23.43
C ILE L 29 -1.22 8.89 -24.81
N LEU L 30 -1.52 9.77 -25.76
CA LEU L 30 -1.01 9.69 -27.12
C LEU L 30 0.05 10.75 -27.33
N LYS L 31 1.18 10.36 -27.93
CA LYS L 31 2.19 11.34 -28.28
C LYS L 31 2.41 11.34 -29.80
N PRO L 32 2.58 12.51 -30.40
CA PRO L 32 2.78 12.57 -31.86
C PRO L 32 4.07 11.87 -32.28
N ALA L 33 3.97 11.15 -33.37
CA ALA L 33 5.11 10.53 -33.96
C ALA L 33 4.98 10.60 -35.48
N ASN L 34 6.06 10.28 -36.15
CA ASN L 34 6.13 10.36 -37.60
C ASN L 34 6.22 9.00 -38.20
N ASN L 35 5.42 8.80 -39.24
CA ASN L 35 5.32 7.53 -39.92
C ASN L 35 5.03 6.45 -38.85
N SER L 36 4.06 6.73 -37.99
CA SER L 36 3.59 5.86 -36.93
C SER L 36 2.22 5.25 -37.22
N LEU L 37 1.55 4.80 -36.16
CA LEU L 37 0.30 4.07 -36.29
C LEU L 37 -0.84 5.01 -36.68
N LYS L 38 -1.71 4.53 -37.56
CA LYS L 38 -2.87 5.30 -37.99
C LYS L 38 -4.00 5.11 -36.99
N ILE L 39 -4.46 6.21 -36.40
CA ILE L 39 -5.55 6.18 -35.42
C ILE L 39 -6.85 6.51 -36.14
N THR L 40 -7.87 5.70 -35.89
CA THR L 40 -9.22 5.98 -36.35
C THR L 40 -9.99 6.61 -35.20
N GLU L 41 -10.42 7.86 -35.38
CA GLU L 41 -11.15 8.58 -34.34
C GLU L 41 -12.37 7.79 -33.89
N GLU L 42 -13.29 7.55 -34.82
CA GLU L 42 -14.46 6.70 -34.58
C GLU L 42 -14.70 5.87 -35.82
N VAL L 43 -14.95 4.58 -35.64
CA VAL L 43 -15.02 3.66 -36.77
C VAL L 43 -16.21 4.00 -37.65
N GLY L 44 -16.00 3.92 -38.97
CA GLY L 44 -17.04 4.19 -39.93
C GLY L 44 -16.99 3.18 -41.07
N HIS L 45 -17.90 3.37 -42.03
CA HIS L 45 -18.02 2.43 -43.13
C HIS L 45 -16.76 2.41 -44.00
N THR L 46 -16.21 3.60 -44.29
CA THR L 46 -15.03 3.66 -45.13
C THR L 46 -13.80 3.09 -44.44
N ASP L 47 -13.70 3.27 -43.11
CA ASP L 47 -12.60 2.66 -42.37
C ASP L 47 -12.61 1.14 -42.50
N LEU L 48 -13.78 0.53 -42.30
CA LEU L 48 -13.87 -0.92 -42.33
C LEU L 48 -13.72 -1.46 -43.76
N MET L 49 -14.22 -0.72 -44.76
CA MET L 49 -14.02 -1.13 -46.13
C MET L 49 -12.55 -1.06 -46.52
N ALA L 50 -11.86 0.00 -46.10
CA ALA L 50 -10.43 0.12 -46.37
C ALA L 50 -9.64 -0.97 -45.66
N ALA L 51 -10.02 -1.29 -44.42
CA ALA L 51 -9.33 -2.34 -43.69
C ALA L 51 -9.54 -3.71 -44.33
N TYR L 52 -10.71 -3.93 -44.95
CA TYR L 52 -10.99 -5.24 -45.55
C TYR L 52 -10.16 -5.44 -46.82
N VAL L 53 -10.20 -4.46 -47.74
CA VAL L 53 -9.51 -4.64 -49.01
C VAL L 53 -8.00 -4.60 -48.82
N ASP L 54 -7.51 -3.82 -47.85
CA ASP L 54 -6.08 -3.76 -47.59
C ASP L 54 -5.58 -4.87 -46.68
N ASN L 55 -6.48 -5.70 -46.15
CA ASN L 55 -6.12 -6.79 -45.24
C ASN L 55 -5.41 -6.28 -43.99
N SER L 56 -5.74 -5.07 -43.57
CA SER L 56 -5.15 -4.46 -42.38
C SER L 56 -6.16 -4.46 -41.25
N SER L 57 -5.70 -4.04 -40.08
CA SER L 57 -6.55 -3.88 -38.90
C SER L 57 -6.73 -2.39 -38.61
N LEU L 58 -7.51 -2.11 -37.57
CA LEU L 58 -7.81 -0.74 -37.19
C LEU L 58 -7.39 -0.50 -35.73
N THR L 59 -7.21 0.77 -35.41
CA THR L 59 -6.98 1.22 -34.03
C THR L 59 -7.95 2.36 -33.78
N ILE L 60 -9.04 2.07 -33.08
CA ILE L 60 -10.14 3.02 -32.89
C ILE L 60 -9.90 3.78 -31.59
N LYS L 61 -10.06 5.10 -31.64
CA LYS L 61 -9.78 5.95 -30.48
C LYS L 61 -10.95 5.95 -29.50
N LYS L 62 -12.12 6.39 -29.95
CA LYS L 62 -13.28 6.52 -29.10
C LYS L 62 -14.44 5.67 -29.63
N PRO L 63 -15.29 5.15 -28.75
CA PRO L 63 -16.35 4.25 -29.19
C PRO L 63 -17.58 4.97 -29.71
N ASN L 64 -18.32 4.26 -30.55
CA ASN L 64 -19.64 4.69 -31.01
C ASN L 64 -20.52 3.44 -31.10
N GLU L 65 -21.73 3.60 -31.63
CA GLU L 65 -22.65 2.46 -31.71
C GLU L 65 -22.08 1.35 -32.59
N LEU L 66 -21.39 1.71 -33.67
CA LEU L 66 -20.87 0.71 -34.59
C LEU L 66 -19.78 -0.11 -33.94
N SER L 67 -18.82 0.53 -33.28
CA SER L 67 -17.72 -0.19 -32.65
C SER L 67 -18.24 -1.09 -31.52
N ARG L 68 -19.23 -0.61 -30.76
CA ARG L 68 -19.74 -1.39 -29.63
C ARG L 68 -20.55 -2.59 -30.11
N VAL L 69 -21.37 -2.40 -31.15
CA VAL L 69 -22.17 -3.51 -31.66
C VAL L 69 -21.30 -4.58 -32.31
N LEU L 70 -20.10 -4.22 -32.76
CA LEU L 70 -19.14 -5.17 -33.30
C LEU L 70 -18.17 -5.68 -32.25
N GLY L 71 -18.41 -5.37 -30.98
CA GLY L 71 -17.54 -5.83 -29.91
C GLY L 71 -16.12 -5.33 -30.03
N LEU L 72 -15.92 -4.15 -30.60
CA LEU L 72 -14.59 -3.63 -30.85
C LEU L 72 -14.07 -2.84 -29.66
N LYS L 73 -12.75 -2.90 -29.46
CA LYS L 73 -12.09 -2.17 -28.38
C LYS L 73 -11.59 -0.84 -28.89
N THR L 74 -11.69 0.18 -28.06
CA THR L 74 -11.18 1.51 -28.37
C THR L 74 -10.20 1.95 -27.28
N LEU L 75 -9.32 2.88 -27.65
CA LEU L 75 -8.29 3.35 -26.72
C LEU L 75 -8.92 3.99 -25.49
N ALA L 76 -10.03 4.71 -25.68
CA ALA L 76 -10.67 5.40 -24.55
C ALA L 76 -11.23 4.42 -23.53
N THR L 77 -11.57 3.21 -23.97
CA THR L 77 -12.18 2.22 -23.09
C THR L 77 -11.28 1.05 -22.74
N HIS L 78 -10.35 0.66 -23.63
CA HIS L 78 -9.50 -0.49 -23.40
C HIS L 78 -8.02 -0.17 -23.35
N GLY L 79 -7.63 1.08 -23.57
CA GLY L 79 -6.22 1.44 -23.47
C GLY L 79 -5.41 0.85 -24.61
N LEU L 80 -4.20 0.40 -24.29
CA LEU L 80 -3.29 -0.14 -25.28
C LEU L 80 -3.75 -1.48 -25.85
N ALA L 81 -4.73 -2.14 -25.22
CA ALA L 81 -5.22 -3.40 -25.74
C ALA L 81 -5.99 -3.22 -27.04
N ALA L 82 -6.48 -2.01 -27.33
CA ALA L 82 -7.26 -1.75 -28.53
C ALA L 82 -6.39 -1.52 -29.77
N VAL L 83 -5.07 -1.45 -29.61
CA VAL L 83 -4.19 -1.19 -30.74
C VAL L 83 -4.19 -2.41 -31.66
N ASN L 84 -4.59 -2.20 -32.91
CA ASN L 84 -4.63 -3.26 -33.93
C ASN L 84 -5.48 -4.45 -33.47
N SER L 85 -6.49 -4.17 -32.64
CA SER L 85 -7.28 -5.22 -32.01
C SER L 85 -8.49 -5.66 -32.82
N VAL L 86 -8.89 -4.89 -33.82
CA VAL L 86 -10.06 -5.24 -34.63
C VAL L 86 -9.76 -6.52 -35.40
N PRO L 87 -10.53 -7.58 -35.20
CA PRO L 87 -10.21 -8.87 -35.84
C PRO L 87 -10.62 -8.88 -37.30
N TRP L 88 -10.01 -9.81 -38.04
CA TRP L 88 -10.25 -9.90 -39.49
C TRP L 88 -11.66 -10.36 -39.79
N ASP L 89 -12.18 -11.34 -39.03
CA ASP L 89 -13.51 -11.87 -39.31
C ASP L 89 -14.58 -10.82 -39.07
N THR L 90 -14.38 -9.95 -38.08
CA THR L 90 -15.34 -8.86 -37.85
C THR L 90 -15.33 -7.88 -39.02
N ILE L 91 -14.15 -7.62 -39.58
CA ILE L 91 -14.06 -6.70 -40.71
C ILE L 91 -14.61 -7.37 -41.97
N ALA L 92 -14.23 -8.63 -42.21
CA ALA L 92 -14.65 -9.31 -43.43
C ALA L 92 -16.15 -9.52 -43.45
N ASN L 93 -16.73 -9.91 -42.32
CA ASN L 93 -18.18 -10.15 -42.28
C ASN L 93 -18.97 -8.85 -42.43
N TYR L 94 -18.41 -7.73 -41.98
CA TYR L 94 -19.07 -6.44 -42.21
C TYR L 94 -18.99 -6.04 -43.67
N ALA L 95 -17.84 -6.26 -44.31
CA ALA L 95 -17.61 -5.75 -45.66
C ALA L 95 -18.30 -6.59 -46.73
N LYS L 96 -18.56 -7.87 -46.44
CA LYS L 96 -19.09 -8.78 -47.46
C LYS L 96 -20.40 -8.30 -48.07
N PRO L 97 -21.42 -7.87 -47.31
CA PRO L 97 -22.66 -7.42 -47.96
C PRO L 97 -22.49 -6.22 -48.87
N PHE L 98 -21.38 -5.50 -48.79
CA PHE L 98 -21.15 -4.32 -49.61
C PHE L 98 -20.34 -4.62 -50.86
N LEU L 99 -19.94 -5.87 -51.08
CA LEU L 99 -19.22 -6.24 -52.29
C LEU L 99 -20.12 -7.02 -53.24
N ILE M 10 3.37 -47.12 56.22
CA ILE M 10 4.13 -46.41 55.21
C ILE M 10 3.90 -44.91 55.33
N GLN M 11 4.98 -44.15 55.41
CA GLN M 11 4.90 -42.70 55.53
C GLN M 11 4.66 -42.08 54.16
N LYS M 12 3.52 -41.43 53.99
CA LYS M 12 3.18 -40.80 52.72
C LYS M 12 4.02 -39.53 52.54
N ASP M 13 4.58 -39.36 51.34
CA ASP M 13 5.36 -38.16 51.05
C ASP M 13 4.50 -36.92 51.20
N VAL M 14 5.10 -35.85 51.72
CA VAL M 14 4.39 -34.62 52.07
C VAL M 14 4.95 -33.48 51.23
N LEU M 15 4.05 -32.71 50.61
CA LEU M 15 4.42 -31.54 49.83
C LEU M 15 3.80 -30.31 50.47
N GLU M 16 4.63 -29.45 51.05
CA GLU M 16 4.17 -28.17 51.53
C GLU M 16 3.95 -27.23 50.35
N CYS M 17 2.73 -26.71 50.23
CA CYS M 17 2.38 -25.91 49.07
C CYS M 17 1.25 -24.96 49.43
N ASN M 18 0.81 -24.17 48.46
CA ASN M 18 -0.15 -23.09 48.67
C ASN M 18 -1.59 -23.58 48.78
N VAL M 19 -1.82 -24.88 48.95
CA VAL M 19 -3.17 -25.37 49.15
C VAL M 19 -3.70 -24.86 50.49
N LYS M 20 -5.02 -24.74 50.58
CA LYS M 20 -5.68 -24.23 51.78
C LYS M 20 -6.18 -25.32 52.70
N THR M 21 -6.19 -26.58 52.25
CA THR M 21 -6.72 -27.69 53.02
C THR M 21 -5.84 -28.90 52.81
N THR M 22 -5.47 -29.56 53.91
CA THR M 22 -4.68 -30.78 53.81
C THR M 22 -5.42 -31.80 52.96
N GLU M 23 -4.75 -32.29 51.92
CA GLU M 23 -5.41 -33.05 50.86
C GLU M 23 -4.55 -34.23 50.44
N VAL M 24 -5.17 -35.41 50.38
CA VAL M 24 -4.51 -36.58 49.83
C VAL M 24 -4.68 -36.57 48.32
N VAL M 25 -3.56 -36.63 47.59
CA VAL M 25 -3.56 -36.62 46.14
C VAL M 25 -2.69 -37.79 45.70
N GLY M 26 -3.33 -38.88 45.27
CA GLY M 26 -2.60 -40.07 44.88
C GLY M 26 -1.89 -40.73 46.05
N ASP M 27 -0.57 -40.82 45.98
CA ASP M 27 0.23 -41.45 47.01
C ASP M 27 0.93 -40.44 47.91
N ILE M 28 0.63 -39.15 47.76
CA ILE M 28 1.26 -38.09 48.55
C ILE M 28 0.16 -37.27 49.22
N ILE M 29 0.59 -36.36 50.10
CA ILE M 29 -0.31 -35.48 50.83
C ILE M 29 0.18 -34.05 50.66
N LEU M 30 -0.74 -33.15 50.33
CA LEU M 30 -0.42 -31.73 50.23
C LEU M 30 -0.67 -31.07 51.59
N LYS M 31 0.31 -30.30 52.06
CA LYS M 31 0.19 -29.63 53.34
C LYS M 31 0.15 -28.12 53.15
N PRO M 32 -0.79 -27.42 53.77
CA PRO M 32 -0.88 -25.96 53.59
C PRO M 32 0.37 -25.27 54.13
N ALA M 33 0.96 -24.42 53.29
CA ALA M 33 2.11 -23.62 53.67
C ALA M 33 1.95 -22.24 53.05
N ASN M 34 2.43 -21.22 53.77
CA ASN M 34 2.03 -19.84 53.49
C ASN M 34 2.79 -19.23 52.32
N ASN M 35 4.09 -19.52 52.19
CA ASN M 35 4.92 -18.95 51.15
C ASN M 35 5.59 -20.04 50.31
N SER M 36 4.83 -21.07 49.97
CA SER M 36 5.40 -22.27 49.35
C SER M 36 4.98 -22.33 47.87
N LEU M 37 4.95 -23.54 47.32
CA LEU M 37 4.81 -23.75 45.89
C LEU M 37 3.35 -23.63 45.45
N LYS M 38 3.15 -22.97 44.31
CA LYS M 38 1.81 -22.77 43.79
C LYS M 38 1.35 -24.00 43.01
N ILE M 39 0.16 -24.49 43.34
CA ILE M 39 -0.38 -25.73 42.77
C ILE M 39 -1.42 -25.38 41.71
N THR M 40 -1.30 -26.02 40.55
CA THR M 40 -2.29 -25.92 39.49
C THR M 40 -3.23 -27.11 39.59
N GLU M 41 -4.51 -26.83 39.87
CA GLU M 41 -5.49 -27.91 40.02
C GLU M 41 -5.54 -28.78 38.76
N GLU M 42 -5.80 -28.17 37.62
CA GLU M 42 -5.75 -28.84 36.32
C GLU M 42 -5.30 -27.83 35.28
N VAL M 43 -4.39 -28.24 34.40
CA VAL M 43 -3.77 -27.30 33.48
C VAL M 43 -4.82 -26.75 32.52
N GLY M 44 -4.82 -25.42 32.37
CA GLY M 44 -5.62 -24.74 31.37
C GLY M 44 -4.74 -23.88 30.48
N HIS M 45 -5.41 -23.20 29.55
CA HIS M 45 -4.69 -22.33 28.62
C HIS M 45 -3.98 -21.20 29.36
N THR M 46 -4.64 -20.61 30.36
CA THR M 46 -4.06 -19.49 31.08
C THR M 46 -2.83 -19.94 31.88
N ASP M 47 -2.87 -21.15 32.44
CA ASP M 47 -1.74 -21.65 33.21
C ASP M 47 -0.48 -21.75 32.35
N LEU M 48 -0.62 -22.25 31.12
CA LEU M 48 0.54 -22.42 30.25
C LEU M 48 1.00 -21.09 29.65
N MET M 49 0.07 -20.18 29.36
CA MET M 49 0.46 -18.89 28.81
C MET M 49 1.12 -18.01 29.87
N ALA M 50 0.65 -18.10 31.12
CA ALA M 50 1.32 -17.40 32.20
C ALA M 50 2.70 -17.97 32.46
N ALA M 51 2.81 -19.30 32.42
CA ALA M 51 4.11 -19.93 32.64
C ALA M 51 5.10 -19.61 31.53
N TYR M 52 4.60 -19.39 30.31
CA TYR M 52 5.50 -19.05 29.20
C TYR M 52 6.11 -17.66 29.41
N VAL M 53 5.27 -16.66 29.70
CA VAL M 53 5.77 -15.30 29.85
C VAL M 53 6.54 -15.15 31.16
N ASP M 54 6.23 -15.96 32.16
CA ASP M 54 6.90 -15.85 33.46
C ASP M 54 8.21 -16.63 33.50
N ASN M 55 8.50 -17.45 32.49
CA ASN M 55 9.70 -18.30 32.47
C ASN M 55 9.77 -19.18 33.71
N SER M 56 8.64 -19.79 34.05
CA SER M 56 8.55 -20.71 35.18
C SER M 56 7.99 -22.05 34.69
N SER M 57 7.96 -23.01 35.60
CA SER M 57 7.38 -24.32 35.31
C SER M 57 5.97 -24.37 35.92
N LEU M 58 5.43 -25.57 36.09
CA LEU M 58 4.13 -25.75 36.69
C LEU M 58 4.15 -27.00 37.57
N THR M 59 3.25 -27.01 38.55
CA THR M 59 3.00 -28.19 39.37
C THR M 59 1.50 -28.48 39.28
N ILE M 60 1.14 -29.55 38.60
CA ILE M 60 -0.25 -29.90 38.34
C ILE M 60 -0.69 -30.95 39.35
N LYS M 61 -1.88 -30.75 39.94
CA LYS M 61 -2.37 -31.67 40.95
C LYS M 61 -3.03 -32.90 40.33
N LYS M 62 -4.01 -32.69 39.46
CA LYS M 62 -4.77 -33.77 38.88
C LYS M 62 -4.73 -33.69 37.36
N PRO M 63 -4.77 -34.83 36.68
CA PRO M 63 -4.65 -34.82 35.22
C PRO M 63 -5.97 -34.56 34.52
N ASN M 64 -5.85 -34.03 33.30
CA ASN M 64 -6.97 -33.90 32.38
C ASN M 64 -6.45 -34.30 30.99
N GLU M 65 -7.26 -34.07 29.95
CA GLU M 65 -6.83 -34.45 28.61
C GLU M 65 -5.65 -33.61 28.15
N LEU M 66 -5.65 -32.31 28.49
CA LEU M 66 -4.55 -31.45 28.04
C LEU M 66 -3.23 -31.85 28.69
N SER M 67 -3.24 -32.16 29.98
CA SER M 67 -2.02 -32.60 30.65
C SER M 67 -1.50 -33.88 30.03
N ARG M 68 -2.39 -34.84 29.78
CA ARG M 68 -1.99 -36.12 29.22
C ARG M 68 -1.48 -35.95 27.79
N VAL M 69 -2.24 -35.23 26.95
CA VAL M 69 -1.86 -35.10 25.54
C VAL M 69 -0.55 -34.34 25.39
N LEU M 70 -0.21 -33.49 26.36
CA LEU M 70 1.08 -32.84 26.41
C LEU M 70 2.12 -33.65 27.18
N GLY M 71 1.73 -34.79 27.73
CA GLY M 71 2.67 -35.66 28.42
C GLY M 71 3.16 -35.13 29.74
N LEU M 72 2.34 -34.37 30.45
CA LEU M 72 2.76 -33.73 31.70
C LEU M 72 2.55 -34.65 32.88
N LYS M 73 3.40 -34.48 33.89
CA LYS M 73 3.26 -35.19 35.16
C LYS M 73 2.32 -34.43 36.08
N THR M 74 1.53 -35.17 36.84
CA THR M 74 0.64 -34.59 37.84
C THR M 74 0.92 -35.24 39.19
N LEU M 75 0.58 -34.51 40.25
CA LEU M 75 0.81 -35.04 41.60
C LEU M 75 0.01 -36.31 41.84
N ALA M 76 -1.17 -36.43 41.23
CA ALA M 76 -2.01 -37.61 41.45
C ALA M 76 -1.37 -38.85 40.85
N THR M 77 -0.72 -38.72 39.68
CA THR M 77 -0.21 -39.87 38.97
C THR M 77 1.30 -40.06 39.11
N HIS M 78 2.03 -39.04 39.56
CA HIS M 78 3.48 -39.12 39.63
C HIS M 78 4.07 -38.69 40.97
N GLY M 79 3.26 -38.19 41.90
CA GLY M 79 3.80 -37.81 43.19
C GLY M 79 4.67 -36.58 43.11
N LEU M 80 5.72 -36.56 43.93
CA LEU M 80 6.60 -35.41 44.04
C LEU M 80 7.40 -35.15 42.77
N ALA M 81 7.53 -36.13 41.89
CA ALA M 81 8.26 -35.93 40.64
C ALA M 81 7.58 -34.90 39.75
N ALA M 82 6.29 -34.64 39.95
CA ALA M 82 5.55 -33.68 39.14
C ALA M 82 5.80 -32.23 39.56
N VAL M 83 6.54 -31.99 40.63
CA VAL M 83 6.79 -30.64 41.11
C VAL M 83 7.72 -29.93 40.14
N ASN M 84 7.23 -28.85 39.53
CA ASN M 84 8.02 -28.04 38.60
C ASN M 84 8.59 -28.89 37.47
N SER M 85 7.82 -29.87 37.02
CA SER M 85 8.29 -30.87 36.06
C SER M 85 7.84 -30.61 34.64
N VAL M 86 6.92 -29.67 34.41
CA VAL M 86 6.45 -29.35 33.07
C VAL M 86 7.61 -28.77 32.27
N PRO M 87 8.10 -29.48 31.24
CA PRO M 87 9.28 -28.99 30.53
C PRO M 87 9.00 -27.68 29.81
N TRP M 88 10.05 -26.87 29.67
CA TRP M 88 9.90 -25.56 29.08
C TRP M 88 9.52 -25.64 27.61
N ASP M 89 10.08 -26.61 26.89
CA ASP M 89 9.79 -26.74 25.46
C ASP M 89 8.31 -27.00 25.22
N THR M 90 7.69 -27.83 26.06
CA THR M 90 6.25 -28.07 25.93
C THR M 90 5.46 -26.79 26.14
N ILE M 91 5.87 -25.97 27.10
CA ILE M 91 5.18 -24.71 27.37
C ILE M 91 5.34 -23.75 26.20
N ALA M 92 6.58 -23.60 25.71
CA ALA M 92 6.84 -22.66 24.63
C ALA M 92 6.21 -23.13 23.32
N ASN M 93 6.20 -24.45 23.07
CA ASN M 93 5.58 -24.96 21.85
C ASN M 93 4.07 -24.77 21.89
N TYR M 94 3.46 -24.90 23.07
CA TYR M 94 2.03 -24.68 23.18
C TYR M 94 1.68 -23.21 22.96
N ALA M 95 2.51 -22.30 23.47
CA ALA M 95 2.18 -20.88 23.45
C ALA M 95 2.48 -20.21 22.11
N LYS M 96 3.27 -20.85 21.25
CA LYS M 96 3.69 -20.19 20.02
C LYS M 96 2.53 -19.91 19.06
N PRO M 97 1.61 -20.84 18.77
CA PRO M 97 0.49 -20.50 17.87
C PRO M 97 -0.38 -19.37 18.38
N PHE M 98 -0.34 -19.06 19.67
CA PHE M 98 -1.19 -18.03 20.24
C PHE M 98 -0.56 -16.65 20.21
N LEU M 99 0.66 -16.52 19.72
CA LEU M 99 1.34 -15.23 19.67
C LEU M 99 1.47 -14.73 18.23
N GLN N 11 22.56 -51.84 -14.20
CA GLN N 11 23.64 -51.14 -13.54
C GLN N 11 23.37 -49.64 -13.47
N LYS N 12 22.29 -49.21 -14.12
CA LYS N 12 21.96 -47.80 -14.17
C LYS N 12 21.48 -47.29 -12.82
N ASP N 13 21.53 -45.96 -12.66
CA ASP N 13 21.07 -45.34 -11.43
C ASP N 13 19.56 -45.53 -11.28
N VAL N 14 19.11 -45.52 -10.03
CA VAL N 14 17.73 -45.86 -9.69
C VAL N 14 17.08 -44.62 -9.08
N LEU N 15 15.90 -44.28 -9.59
CA LEU N 15 15.12 -43.15 -9.06
C LEU N 15 13.72 -43.66 -8.71
N GLU N 16 13.43 -43.74 -7.42
CA GLU N 16 12.10 -44.13 -6.94
C GLU N 16 11.20 -42.90 -6.97
N CYS N 17 10.22 -42.89 -7.86
CA CYS N 17 9.38 -41.71 -8.07
C CYS N 17 7.93 -42.17 -8.24
N ASN N 18 7.04 -41.21 -8.48
CA ASN N 18 5.63 -41.50 -8.62
C ASN N 18 5.27 -42.16 -9.96
N VAL N 19 6.23 -42.61 -10.76
CA VAL N 19 5.92 -43.31 -12.01
C VAL N 19 5.12 -44.58 -11.73
N LYS N 20 4.47 -45.09 -12.76
CA LYS N 20 3.55 -46.21 -12.69
C LYS N 20 3.99 -47.56 -13.23
N THR N 21 4.76 -47.60 -14.30
CA THR N 21 5.39 -48.80 -14.80
C THR N 21 6.89 -48.58 -14.73
N THR N 22 7.65 -49.63 -14.43
CA THR N 22 9.10 -49.51 -14.49
C THR N 22 9.52 -49.05 -15.88
N GLU N 23 10.31 -47.99 -15.94
CA GLU N 23 10.55 -47.29 -17.21
C GLU N 23 12.00 -46.84 -17.29
N VAL N 24 12.61 -47.07 -18.45
CA VAL N 24 13.98 -46.63 -18.72
C VAL N 24 13.92 -45.25 -19.36
N VAL N 25 14.61 -44.30 -18.74
CA VAL N 25 14.68 -42.92 -19.24
C VAL N 25 16.15 -42.54 -19.31
N GLY N 26 16.68 -42.46 -20.54
CA GLY N 26 18.07 -42.10 -20.70
C GLY N 26 18.98 -43.18 -20.13
N ASP N 27 19.86 -42.77 -19.22
CA ASP N 27 20.84 -43.67 -18.62
C ASP N 27 20.43 -44.15 -17.23
N ILE N 28 19.19 -43.90 -16.82
CA ILE N 28 18.69 -44.29 -15.51
C ILE N 28 17.39 -45.07 -15.69
N ILE N 29 16.87 -45.57 -14.57
CA ILE N 29 15.67 -46.40 -14.57
C ILE N 29 14.75 -45.89 -13.46
N LEU N 30 13.46 -45.76 -13.79
CA LEU N 30 12.47 -45.22 -12.86
C LEU N 30 11.73 -46.37 -12.18
N LYS N 31 11.62 -46.29 -10.85
CA LYS N 31 10.96 -47.31 -10.07
C LYS N 31 9.69 -46.77 -9.44
N PRO N 32 8.54 -47.43 -9.62
CA PRO N 32 7.31 -46.96 -8.98
C PRO N 32 7.41 -47.05 -7.46
N ALA N 33 6.97 -46.00 -6.79
CA ALA N 33 6.98 -45.94 -5.34
C ALA N 33 5.90 -44.97 -4.86
N ASN N 34 5.30 -45.29 -3.72
CA ASN N 34 4.22 -44.47 -3.18
C ASN N 34 4.77 -43.28 -2.41
N ASN N 35 4.13 -42.13 -2.61
CA ASN N 35 4.52 -40.87 -1.93
C ASN N 35 5.99 -40.54 -2.18
N SER N 36 6.37 -40.54 -3.45
CA SER N 36 7.74 -40.27 -3.85
C SER N 36 7.80 -38.95 -4.65
N LEU N 37 8.83 -38.81 -5.46
CA LEU N 37 9.00 -37.61 -6.26
C LEU N 37 7.98 -37.59 -7.40
N LYS N 38 7.41 -36.41 -7.66
CA LYS N 38 6.45 -36.22 -8.73
C LYS N 38 7.19 -35.87 -10.01
N ILE N 39 7.01 -36.68 -11.04
CA ILE N 39 7.68 -36.51 -12.32
C ILE N 39 6.74 -35.79 -13.28
N THR N 40 7.13 -34.60 -13.72
CA THR N 40 6.44 -33.89 -14.79
C THR N 40 6.99 -34.40 -16.12
N GLU N 41 6.11 -34.98 -16.94
CA GLU N 41 6.55 -35.66 -18.16
C GLU N 41 7.26 -34.69 -19.09
N GLU N 42 6.59 -33.61 -19.47
CA GLU N 42 7.19 -32.55 -20.29
C GLU N 42 6.72 -31.23 -19.72
N VAL N 43 7.65 -30.30 -19.50
CA VAL N 43 7.32 -29.08 -18.78
C VAL N 43 6.34 -28.24 -19.59
N GLY N 44 5.36 -27.67 -18.89
CA GLY N 44 4.34 -26.85 -19.53
C GLY N 44 4.02 -25.64 -18.67
N HIS N 45 3.10 -24.83 -19.17
CA HIS N 45 2.74 -23.59 -18.48
C HIS N 45 2.17 -23.88 -17.10
N THR N 46 1.34 -24.92 -16.98
CA THR N 46 0.75 -25.26 -15.69
C THR N 46 1.78 -25.84 -14.73
N ASP N 47 2.77 -26.56 -15.25
CA ASP N 47 3.81 -27.12 -14.39
C ASP N 47 4.61 -26.02 -13.71
N LEU N 48 4.94 -24.96 -14.46
CA LEU N 48 5.73 -23.87 -13.89
C LEU N 48 4.91 -22.97 -12.99
N MET N 49 3.61 -22.78 -13.28
CA MET N 49 2.78 -21.97 -12.42
C MET N 49 2.54 -22.65 -11.08
N ALA N 50 2.31 -23.97 -11.09
CA ALA N 50 2.15 -24.69 -9.84
C ALA N 50 3.45 -24.70 -9.05
N ALA N 51 4.60 -24.73 -9.74
CA ALA N 51 5.88 -24.78 -9.03
C ALA N 51 6.16 -23.48 -8.29
N TYR N 52 5.79 -22.35 -8.88
CA TYR N 52 5.96 -21.06 -8.21
C TYR N 52 5.13 -21.01 -6.92
N VAL N 53 3.81 -21.11 -7.06
CA VAL N 53 2.93 -20.90 -5.91
C VAL N 53 3.17 -21.94 -4.83
N ASP N 54 3.60 -23.14 -5.20
CA ASP N 54 3.87 -24.19 -4.23
C ASP N 54 5.25 -24.05 -3.59
N ASN N 55 6.07 -23.10 -4.05
CA ASN N 55 7.45 -22.92 -3.57
C ASN N 55 8.25 -24.22 -3.72
N SER N 56 8.13 -24.85 -4.88
CA SER N 56 8.80 -26.11 -5.15
C SER N 56 9.48 -26.03 -6.51
N SER N 57 10.28 -27.06 -6.80
CA SER N 57 10.94 -27.20 -8.09
C SER N 57 10.22 -28.26 -8.91
N LEU N 58 10.87 -28.71 -9.99
CA LEU N 58 10.29 -29.73 -10.86
C LEU N 58 11.36 -30.75 -11.21
N THR N 59 10.90 -31.96 -11.54
CA THR N 59 11.75 -33.03 -12.08
C THR N 59 11.13 -33.44 -13.41
N ILE N 60 11.72 -32.99 -14.50
CA ILE N 60 11.17 -33.20 -15.83
C ILE N 60 11.77 -34.46 -16.43
N LYS N 61 10.92 -35.28 -17.05
CA LYS N 61 11.37 -36.55 -17.62
C LYS N 61 12.02 -36.34 -18.98
N LYS N 62 11.31 -35.71 -19.92
CA LYS N 62 11.79 -35.56 -21.27
C LYS N 62 11.84 -34.09 -21.66
N PRO N 63 12.83 -33.68 -22.44
CA PRO N 63 12.94 -32.27 -22.82
C PRO N 63 11.97 -31.89 -23.95
N ASN N 64 11.73 -30.59 -24.06
CA ASN N 64 10.99 -30.01 -25.17
C ASN N 64 11.59 -28.64 -25.45
N GLU N 65 10.92 -27.87 -26.33
CA GLU N 65 11.42 -26.55 -26.67
C GLU N 65 11.43 -25.62 -25.47
N LEU N 66 10.46 -25.78 -24.55
CA LEU N 66 10.39 -24.91 -23.39
C LEU N 66 11.48 -25.25 -22.38
N SER N 67 11.62 -26.53 -22.04
CA SER N 67 12.63 -26.93 -21.06
C SER N 67 14.03 -26.60 -21.54
N ARG N 68 14.26 -26.66 -22.85
CA ARG N 68 15.58 -26.36 -23.38
C ARG N 68 15.86 -24.86 -23.38
N VAL N 69 14.89 -24.07 -23.85
CA VAL N 69 15.08 -22.62 -23.92
C VAL N 69 15.24 -22.00 -22.54
N LEU N 70 14.72 -22.66 -21.50
CA LEU N 70 14.91 -22.21 -20.13
C LEU N 70 16.18 -22.78 -19.51
N GLY N 71 16.93 -23.58 -20.25
CA GLY N 71 18.14 -24.19 -19.70
C GLY N 71 17.90 -25.23 -18.63
N LEU N 72 16.79 -25.96 -18.73
CA LEU N 72 16.42 -26.93 -17.71
C LEU N 72 16.97 -28.30 -18.02
N LYS N 73 17.28 -29.04 -16.95
CA LYS N 73 17.74 -30.43 -17.07
C LYS N 73 16.55 -31.37 -17.00
N THR N 74 16.71 -32.54 -17.63
CA THR N 74 15.70 -33.59 -17.61
C THR N 74 16.33 -34.91 -17.26
N LEU N 75 15.49 -35.87 -16.87
CA LEU N 75 15.97 -37.21 -16.55
C LEU N 75 16.60 -37.87 -17.78
N ALA N 76 15.98 -37.68 -18.95
CA ALA N 76 16.48 -38.33 -20.16
C ALA N 76 17.85 -37.80 -20.57
N THR N 77 18.17 -36.56 -20.21
CA THR N 77 19.40 -35.94 -20.64
C THR N 77 20.44 -35.77 -19.54
N HIS N 78 20.03 -35.75 -18.27
CA HIS N 78 20.97 -35.50 -17.18
C HIS N 78 20.91 -36.53 -16.05
N GLY N 79 19.97 -37.47 -16.09
CA GLY N 79 19.93 -38.47 -15.03
C GLY N 79 19.39 -37.90 -13.73
N LEU N 80 20.00 -38.33 -12.62
CA LEU N 80 19.53 -37.92 -11.30
C LEU N 80 19.80 -36.46 -11.00
N ALA N 81 20.72 -35.83 -11.74
CA ALA N 81 21.05 -34.42 -11.49
C ALA N 81 19.90 -33.48 -11.85
N ALA N 82 18.88 -33.97 -12.54
CA ALA N 82 17.70 -33.17 -12.87
C ALA N 82 16.62 -33.22 -11.79
N VAL N 83 16.83 -34.02 -10.75
CA VAL N 83 15.86 -34.12 -9.66
C VAL N 83 15.83 -32.80 -8.89
N ASN N 84 14.68 -32.14 -8.90
CA ASN N 84 14.49 -30.87 -8.18
C ASN N 84 15.56 -29.86 -8.59
N SER N 85 15.86 -29.80 -9.88
CA SER N 85 16.96 -29.00 -10.40
C SER N 85 16.52 -27.67 -10.99
N VAL N 86 15.23 -27.48 -11.26
CA VAL N 86 14.75 -26.23 -11.85
C VAL N 86 14.96 -25.11 -10.85
N PRO N 87 15.73 -24.08 -11.20
CA PRO N 87 16.05 -23.04 -10.22
C PRO N 87 14.84 -22.18 -9.86
N TRP N 88 14.86 -21.67 -8.62
CA TRP N 88 13.78 -20.83 -8.13
C TRP N 88 13.68 -19.53 -8.91
N ASP N 89 14.80 -19.04 -9.44
CA ASP N 89 14.79 -17.78 -10.17
C ASP N 89 14.18 -17.93 -11.55
N THR N 90 14.42 -19.07 -12.22
CA THR N 90 13.84 -19.28 -13.54
C THR N 90 12.33 -19.50 -13.47
N ILE N 91 11.89 -20.28 -12.48
CA ILE N 91 10.45 -20.51 -12.30
C ILE N 91 9.75 -19.18 -12.03
N ALA N 92 10.29 -18.39 -11.10
CA ALA N 92 9.67 -17.11 -10.76
C ALA N 92 9.71 -16.16 -11.95
N ASN N 93 10.83 -16.12 -12.68
CA ASN N 93 10.93 -15.22 -13.82
C ASN N 93 9.95 -15.58 -14.93
N TYR N 94 9.68 -16.88 -15.11
CA TYR N 94 8.74 -17.28 -16.14
C TYR N 94 7.30 -16.90 -15.79
N ALA N 95 6.99 -16.80 -14.50
CA ALA N 95 5.61 -16.86 -14.04
C ALA N 95 4.99 -15.51 -13.71
N LYS N 96 5.74 -14.57 -13.14
CA LYS N 96 5.12 -13.30 -12.75
C LYS N 96 4.61 -12.49 -13.95
N PRO N 97 5.19 -12.61 -15.17
CA PRO N 97 4.52 -12.03 -16.34
C PRO N 97 3.07 -12.47 -16.51
N PHE N 98 2.72 -13.63 -15.96
CA PHE N 98 1.39 -14.17 -16.11
C PHE N 98 0.46 -13.83 -14.95
N LEU N 99 0.97 -13.22 -13.89
CA LEU N 99 0.14 -12.70 -12.80
C LEU N 99 -0.26 -11.25 -13.04
N ASN N 100 0.08 -10.68 -14.18
CA ASN N 100 -0.23 -9.29 -14.50
C ASN N 100 -1.73 -9.03 -14.50
N GLN O 11 13.29 -14.13 27.92
CA GLN O 11 14.03 -13.36 26.93
C GLN O 11 13.23 -12.14 26.47
N LYS O 12 12.12 -11.87 27.15
CA LYS O 12 11.27 -10.73 26.84
C LYS O 12 10.70 -10.16 28.13
N ASP O 13 10.53 -8.84 28.15
CA ASP O 13 10.02 -8.18 29.34
C ASP O 13 8.52 -8.41 29.49
N VAL O 14 8.06 -8.41 30.74
CA VAL O 14 6.67 -8.73 31.06
C VAL O 14 6.09 -7.58 31.88
N LEU O 15 4.87 -7.17 31.53
CA LEU O 15 4.19 -6.08 32.21
C LEU O 15 2.82 -6.56 32.68
N GLU O 16 2.63 -6.65 33.99
CA GLU O 16 1.33 -7.03 34.55
C GLU O 16 0.36 -5.86 34.41
N CYS O 17 -0.57 -5.96 33.46
CA CYS O 17 -1.50 -4.89 33.15
C CYS O 17 -2.89 -5.47 32.97
N ASN O 18 -3.85 -4.60 32.63
CA ASN O 18 -5.25 -4.98 32.51
C ASN O 18 -5.63 -5.48 31.12
N VAL O 19 -4.65 -5.95 30.34
CA VAL O 19 -4.97 -6.57 29.06
C VAL O 19 -5.75 -7.86 29.30
N LYS O 20 -6.55 -8.25 28.29
CA LYS O 20 -7.37 -9.45 28.42
C LYS O 20 -6.68 -10.70 27.89
N THR O 21 -5.75 -10.56 26.97
CA THR O 21 -5.03 -11.69 26.41
C THR O 21 -3.54 -11.39 26.36
N THR O 22 -2.74 -12.45 26.56
CA THR O 22 -1.30 -12.33 26.37
C THR O 22 -1.01 -11.95 24.93
N GLU O 23 -0.29 -10.85 24.74
CA GLU O 23 0.02 -10.37 23.41
C GLU O 23 1.43 -9.80 23.37
N VAL O 24 2.08 -9.96 22.23
CA VAL O 24 3.39 -9.38 21.99
C VAL O 24 3.22 -8.01 21.35
N VAL O 25 4.02 -7.05 21.82
CA VAL O 25 4.03 -5.70 21.27
C VAL O 25 5.45 -5.18 21.34
N GLY O 26 6.02 -4.84 20.18
CA GLY O 26 7.41 -4.44 20.14
C GLY O 26 8.31 -5.52 20.69
N ASP O 27 8.96 -5.22 21.81
CA ASP O 27 9.89 -6.15 22.46
C ASP O 27 9.44 -6.48 23.89
N ILE O 28 8.14 -6.38 24.15
CA ILE O 28 7.60 -6.59 25.49
C ILE O 28 6.31 -7.40 25.37
N ILE O 29 6.06 -8.25 26.36
CA ILE O 29 4.86 -9.06 26.45
C ILE O 29 3.97 -8.50 27.55
N LEU O 30 2.68 -8.37 27.27
CA LEU O 30 1.70 -7.91 28.26
C LEU O 30 0.95 -9.11 28.82
N LYS O 31 0.87 -9.18 30.15
CA LYS O 31 0.25 -10.30 30.83
C LYS O 31 -1.03 -9.85 31.52
N PRO O 32 -2.16 -10.52 31.25
CA PRO O 32 -3.41 -10.17 31.94
C PRO O 32 -3.25 -10.26 33.46
N ALA O 33 -3.65 -9.20 34.13
CA ALA O 33 -3.58 -9.14 35.59
C ALA O 33 -4.83 -8.42 36.11
N ASN O 34 -5.00 -8.47 37.43
CA ASN O 34 -6.15 -7.84 38.07
C ASN O 34 -5.88 -6.42 38.53
N ASN O 35 -4.62 -6.01 38.60
CA ASN O 35 -4.26 -4.72 39.16
C ASN O 35 -4.75 -3.58 38.26
N SER O 36 -4.68 -2.36 38.79
CA SER O 36 -5.19 -1.18 38.11
C SER O 36 -4.08 -0.46 37.34
N LEU O 37 -3.55 -1.17 36.34
CA LEU O 37 -2.62 -0.60 35.38
C LEU O 37 -3.35 -0.54 34.04
N LYS O 38 -4.17 0.49 33.88
CA LYS O 38 -4.92 0.67 32.64
C LYS O 38 -3.97 1.05 31.52
N ILE O 39 -4.20 0.46 30.35
CA ILE O 39 -3.33 0.64 29.19
C ILE O 39 -4.14 1.26 28.07
N THR O 40 -3.64 2.38 27.54
CA THR O 40 -4.28 3.06 26.41
C THR O 40 -3.81 2.42 25.11
N GLU O 41 -4.75 1.97 24.29
CA GLU O 41 -4.42 1.38 23.00
C GLU O 41 -3.67 2.39 22.14
N GLU O 42 -4.38 3.42 21.68
CA GLU O 42 -3.79 4.56 21.00
C GLU O 42 -4.30 5.83 21.68
N VAL O 43 -3.39 6.77 21.95
CA VAL O 43 -3.78 7.97 22.67
C VAL O 43 -4.81 8.74 21.85
N GLY O 44 -5.83 9.25 22.54
CA GLY O 44 -6.87 10.04 21.91
C GLY O 44 -7.16 11.27 22.73
N HIS O 45 -8.11 12.07 22.23
CA HIS O 45 -8.47 13.31 22.91
C HIS O 45 -9.01 13.03 24.32
N THR O 46 -9.90 12.03 24.43
CA THR O 46 -10.54 11.75 25.72
C THR O 46 -9.54 11.25 26.74
N ASP O 47 -8.58 10.42 26.31
CA ASP O 47 -7.56 9.91 27.23
C ASP O 47 -6.76 11.04 27.86
N LEU O 48 -6.46 12.08 27.07
CA LEU O 48 -5.64 13.18 27.57
C LEU O 48 -6.46 14.10 28.48
N MET O 49 -7.72 14.35 28.15
CA MET O 49 -8.56 15.19 29.01
C MET O 49 -8.83 14.50 30.33
N ALA O 50 -9.06 13.18 30.31
CA ALA O 50 -9.30 12.46 31.56
C ALA O 50 -8.07 12.43 32.43
N ALA O 51 -6.88 12.33 31.82
CA ALA O 51 -5.64 12.32 32.60
C ALA O 51 -5.37 13.69 33.22
N TYR O 52 -5.70 14.76 32.49
CA TYR O 52 -5.56 16.10 33.05
C TYR O 52 -6.54 16.33 34.20
N VAL O 53 -7.78 15.87 34.03
CA VAL O 53 -8.80 16.06 35.06
C VAL O 53 -8.48 15.21 36.29
N ASP O 54 -8.02 13.98 36.08
CA ASP O 54 -7.70 13.07 37.18
C ASP O 54 -6.31 13.27 37.76
N ASN O 55 -5.52 14.21 37.20
CA ASN O 55 -4.14 14.45 37.65
C ASN O 55 -3.31 13.17 37.56
N SER O 56 -3.55 12.38 36.51
CA SER O 56 -2.88 11.11 36.33
C SER O 56 -2.11 11.11 35.02
N SER O 57 -1.30 10.06 34.83
CA SER O 57 -0.53 9.85 33.61
C SER O 57 -1.16 8.71 32.80
N LEU O 58 -0.51 8.37 31.69
CA LEU O 58 -1.01 7.35 30.79
C LEU O 58 0.09 6.36 30.44
N THR O 59 -0.32 5.16 30.06
CA THR O 59 0.56 4.13 29.51
C THR O 59 0.01 3.75 28.15
N ILE O 60 0.63 4.29 27.10
CA ILE O 60 0.16 4.09 25.73
C ILE O 60 0.85 2.86 25.14
N LYS O 61 0.07 2.02 24.45
CA LYS O 61 0.59 0.78 23.88
C LYS O 61 1.22 1.03 22.51
N LYS O 62 0.38 1.26 21.49
CA LYS O 62 0.84 1.54 20.14
C LYS O 62 0.93 3.05 19.90
N PRO O 63 1.86 3.49 19.05
CA PRO O 63 1.95 4.91 18.75
C PRO O 63 1.10 5.33 17.57
N ASN O 64 0.65 6.58 17.62
CA ASN O 64 -0.03 7.20 16.49
C ASN O 64 0.59 8.58 16.24
N GLU O 65 -0.06 9.38 15.40
CA GLU O 65 0.48 10.72 15.13
C GLU O 65 0.40 11.60 16.38
N LEU O 66 -0.66 11.46 17.16
CA LEU O 66 -0.84 12.30 18.34
C LEU O 66 0.25 12.02 19.37
N SER O 67 0.49 10.75 19.68
CA SER O 67 1.52 10.41 20.66
C SER O 67 2.92 10.79 20.17
N ARG O 68 3.14 10.76 18.86
CA ARG O 68 4.47 11.06 18.33
C ARG O 68 4.71 12.55 18.23
N VAL O 69 3.69 13.31 17.79
CA VAL O 69 3.85 14.76 17.72
C VAL O 69 3.90 15.38 19.10
N LEU O 70 3.43 14.66 20.12
CA LEU O 70 3.54 15.12 21.50
C LEU O 70 4.77 14.59 22.21
N GLY O 71 5.52 13.68 21.58
CA GLY O 71 6.73 13.16 22.19
C GLY O 71 6.51 12.17 23.30
N LEU O 72 5.41 11.42 23.26
CA LEU O 72 5.09 10.49 24.32
C LEU O 72 5.72 9.13 24.06
N LYS O 73 6.05 8.43 25.15
CA LYS O 73 6.59 7.08 25.04
C LYS O 73 5.46 6.06 24.95
N THR O 74 5.68 5.02 24.16
CA THR O 74 4.72 3.94 23.99
C THR O 74 5.38 2.60 24.26
N LEU O 75 4.56 1.61 24.60
CA LEU O 75 5.08 0.28 24.87
C LEU O 75 5.69 -0.34 23.62
N ALA O 76 5.09 -0.07 22.46
CA ALA O 76 5.56 -0.68 21.22
C ALA O 76 6.96 -0.21 20.83
N THR O 77 7.29 1.05 21.14
CA THR O 77 8.56 1.62 20.75
C THR O 77 9.51 1.86 21.91
N HIS O 78 9.04 1.76 23.16
CA HIS O 78 9.89 2.05 24.31
C HIS O 78 9.82 1.01 25.42
N GLY O 79 8.93 0.03 25.35
CA GLY O 79 8.94 -1.05 26.33
C GLY O 79 8.40 -0.61 27.68
N LEU O 80 8.99 -1.20 28.73
CA LEU O 80 8.50 -1.00 30.09
C LEU O 80 8.66 0.45 30.57
N ALA O 81 9.57 1.22 29.97
CA ALA O 81 9.78 2.60 30.41
C ALA O 81 8.60 3.50 30.11
N ALA O 82 7.65 3.06 29.28
CA ALA O 82 6.49 3.87 28.93
C ALA O 82 5.37 3.81 29.97
N VAL O 83 5.56 3.06 31.05
CA VAL O 83 4.52 2.95 32.07
C VAL O 83 4.45 4.26 32.85
N ASN O 84 3.28 4.90 32.83
CA ASN O 84 3.04 6.15 33.54
C ASN O 84 4.07 7.22 33.17
N SER O 85 4.48 7.21 31.90
CA SER O 85 5.58 8.04 31.43
C SER O 85 5.14 9.36 30.79
N VAL O 86 3.86 9.51 30.47
CA VAL O 86 3.37 10.71 29.80
C VAL O 86 3.51 11.89 30.76
N PRO O 87 4.30 12.91 30.43
CA PRO O 87 4.55 13.98 31.39
C PRO O 87 3.31 14.85 31.60
N TRP O 88 3.22 15.40 32.82
CA TRP O 88 2.04 16.19 33.19
C TRP O 88 1.93 17.45 32.34
N ASP O 89 3.07 18.10 32.05
CA ASP O 89 3.03 19.33 31.28
C ASP O 89 2.56 19.10 29.85
N THR O 90 2.82 17.91 29.29
CA THR O 90 2.30 17.60 27.97
C THR O 90 0.78 17.40 28.01
N ILE O 91 0.29 16.69 29.02
CA ILE O 91 -1.15 16.56 29.19
C ILE O 91 -1.79 17.92 29.44
N ALA O 92 -1.15 18.72 30.29
CA ALA O 92 -1.70 20.04 30.61
C ALA O 92 -1.75 20.94 29.38
N ASN O 93 -0.65 21.01 28.64
CA ASN O 93 -0.58 21.92 27.49
C ASN O 93 -1.56 21.51 26.40
N TYR O 94 -1.78 20.20 26.21
CA TYR O 94 -2.77 19.77 25.23
C TYR O 94 -4.18 20.13 25.67
N ALA O 95 -4.46 20.07 26.98
CA ALA O 95 -5.81 20.26 27.48
C ALA O 95 -6.19 21.73 27.63
N LYS O 96 -5.21 22.65 27.62
CA LYS O 96 -5.54 24.06 27.81
C LYS O 96 -6.45 24.63 26.73
N PRO O 97 -6.18 24.46 25.42
CA PRO O 97 -7.06 25.08 24.42
C PRO O 97 -8.47 24.51 24.38
N PHE O 98 -8.72 23.38 25.05
CA PHE O 98 -10.04 22.76 25.06
C PHE O 98 -10.86 23.12 26.29
N LEU O 99 -10.32 23.95 27.18
CA LEU O 99 -11.05 24.43 28.34
C LEU O 99 -11.32 25.92 28.32
N ASN O 100 -10.76 26.64 27.35
CA ASN O 100 -10.96 28.08 27.24
C ASN O 100 -12.25 28.39 26.47
N LYS P 12 3.58 -16.09 -0.38
CA LYS P 12 2.16 -15.89 -0.15
C LYS P 12 1.45 -17.20 0.18
N ASP P 13 0.23 -17.10 0.70
CA ASP P 13 -0.58 -18.28 0.97
C ASP P 13 -1.30 -18.70 -0.30
N VAL P 14 -1.48 -20.02 -0.45
CA VAL P 14 -2.04 -20.61 -1.66
C VAL P 14 -3.26 -21.44 -1.28
N LEU P 15 -4.32 -21.33 -2.08
CA LEU P 15 -5.54 -22.09 -1.90
C LEU P 15 -5.86 -22.81 -3.20
N GLU P 16 -5.94 -24.14 -3.13
CA GLU P 16 -6.32 -24.94 -4.29
C GLU P 16 -7.83 -24.93 -4.44
N CYS P 17 -8.33 -24.34 -5.53
CA CYS P 17 -9.76 -24.17 -5.72
C CYS P 17 -10.09 -24.35 -7.20
N ASN P 18 -11.38 -24.18 -7.53
CA ASN P 18 -11.90 -24.42 -8.87
C ASN P 18 -11.64 -23.27 -9.84
N VAL P 19 -10.71 -22.37 -9.53
CA VAL P 19 -10.36 -21.33 -10.48
C VAL P 19 -9.67 -21.94 -11.69
N LYS P 20 -9.77 -21.26 -12.84
CA LYS P 20 -9.20 -21.77 -14.07
C LYS P 20 -7.77 -21.31 -14.31
N THR P 21 -7.40 -20.13 -13.79
CA THR P 21 -6.07 -19.60 -13.96
C THR P 21 -5.48 -19.20 -12.61
N THR P 22 -4.15 -19.20 -12.53
CA THR P 22 -3.47 -18.74 -11.33
C THR P 22 -3.78 -17.26 -11.10
N GLU P 23 -4.34 -16.95 -9.93
CA GLU P 23 -4.88 -15.62 -9.66
C GLU P 23 -4.44 -15.15 -8.29
N VAL P 24 -3.89 -13.95 -8.22
CA VAL P 24 -3.55 -13.31 -6.95
C VAL P 24 -4.78 -12.54 -6.46
N VAL P 25 -5.22 -12.86 -5.25
CA VAL P 25 -6.43 -12.28 -4.67
C VAL P 25 -6.09 -11.86 -3.23
N GLY P 26 -6.08 -10.55 -2.99
CA GLY P 26 -5.71 -10.04 -1.67
C GLY P 26 -4.30 -10.40 -1.27
N ASP P 27 -4.15 -11.15 -0.19
CA ASP P 27 -2.85 -11.58 0.29
C ASP P 27 -2.51 -13.00 -0.14
N ILE P 28 -3.39 -13.67 -0.89
CA ILE P 28 -3.25 -15.08 -1.20
C ILE P 28 -3.28 -15.28 -2.72
N ILE P 29 -3.02 -16.53 -3.12
CA ILE P 29 -3.01 -16.92 -4.52
C ILE P 29 -4.00 -18.07 -4.70
N LEU P 30 -4.79 -18.00 -5.77
CA LEU P 30 -5.66 -19.11 -6.14
C LEU P 30 -4.93 -20.02 -7.11
N LYS P 31 -4.86 -21.31 -6.77
CA LYS P 31 -4.22 -22.30 -7.62
C LYS P 31 -5.26 -23.25 -8.19
N PRO P 32 -5.31 -23.42 -9.51
CA PRO P 32 -6.32 -24.32 -10.10
C PRO P 32 -6.16 -25.74 -9.60
N ALA P 33 -7.30 -26.36 -9.29
CA ALA P 33 -7.36 -27.77 -8.90
C ALA P 33 -8.63 -28.38 -9.48
N ASN P 34 -8.59 -29.68 -9.73
CA ASN P 34 -9.63 -30.35 -10.50
C ASN P 34 -10.75 -30.93 -9.65
N ASN P 35 -10.63 -30.91 -8.32
CA ASN P 35 -11.68 -31.54 -7.50
C ASN P 35 -11.86 -30.85 -6.15
N SER P 36 -11.47 -29.58 -6.00
CA SER P 36 -11.47 -28.96 -4.69
C SER P 36 -12.57 -27.91 -4.54
N LEU P 37 -12.20 -26.77 -3.97
CA LEU P 37 -13.18 -25.78 -3.53
C LEU P 37 -13.85 -25.07 -4.71
N LYS P 38 -15.16 -24.91 -4.62
CA LYS P 38 -15.92 -24.08 -5.53
C LYS P 38 -15.93 -22.65 -5.01
N ILE P 39 -15.49 -21.71 -5.84
CA ILE P 39 -15.33 -20.31 -5.44
C ILE P 39 -16.48 -19.49 -5.98
N THR P 40 -17.07 -18.66 -5.12
CA THR P 40 -18.08 -17.69 -5.52
C THR P 40 -17.39 -16.35 -5.74
N GLU P 41 -17.37 -15.89 -6.99
CA GLU P 41 -16.72 -14.62 -7.32
C GLU P 41 -17.24 -13.50 -6.43
N GLU P 42 -18.53 -13.20 -6.53
CA GLU P 42 -19.20 -12.27 -5.64
C GLU P 42 -20.57 -12.85 -5.29
N VAL P 43 -20.93 -12.77 -4.02
CA VAL P 43 -22.13 -13.45 -3.54
C VAL P 43 -23.38 -12.80 -4.13
N GLY P 44 -24.38 -13.63 -4.42
CA GLY P 44 -25.64 -13.15 -4.95
C GLY P 44 -26.81 -13.93 -4.40
N HIS P 45 -28.00 -13.73 -4.95
CA HIS P 45 -29.19 -14.39 -4.45
C HIS P 45 -29.12 -15.90 -4.70
N THR P 46 -28.75 -16.30 -5.92
CA THR P 46 -28.71 -17.72 -6.26
C THR P 46 -27.66 -18.46 -5.45
N ASP P 47 -26.54 -17.81 -5.14
CA ASP P 47 -25.51 -18.45 -4.32
C ASP P 47 -26.04 -18.76 -2.92
N LEU P 48 -26.74 -17.81 -2.30
CA LEU P 48 -27.24 -18.02 -0.95
C LEU P 48 -28.38 -19.02 -0.93
N MET P 49 -29.26 -18.96 -1.93
CA MET P 49 -30.40 -19.89 -1.99
C MET P 49 -29.93 -21.32 -2.23
N ALA P 50 -28.93 -21.51 -3.10
CA ALA P 50 -28.41 -22.84 -3.34
C ALA P 50 -27.67 -23.38 -2.12
N ALA P 51 -27.03 -22.50 -1.35
CA ALA P 51 -26.34 -22.94 -0.14
C ALA P 51 -27.34 -23.35 0.94
N TYR P 52 -28.44 -22.60 1.08
CA TYR P 52 -29.48 -22.98 2.03
C TYR P 52 -30.12 -24.31 1.63
N VAL P 53 -30.41 -24.48 0.35
CA VAL P 53 -31.00 -25.73 -0.13
C VAL P 53 -30.04 -26.88 0.06
N ASP P 54 -28.77 -26.68 -0.28
CA ASP P 54 -27.77 -27.74 -0.19
C ASP P 54 -27.24 -27.95 1.21
N ASN P 55 -27.64 -27.12 2.18
CA ASN P 55 -27.15 -27.19 3.55
C ASN P 55 -25.63 -27.08 3.59
N SER P 56 -25.10 -26.11 2.86
CA SER P 56 -23.67 -25.90 2.71
C SER P 56 -23.30 -24.47 3.10
N SER P 57 -22.04 -24.12 2.87
CA SER P 57 -21.54 -22.77 3.08
C SER P 57 -20.98 -22.26 1.75
N LEU P 58 -20.25 -21.14 1.82
CA LEU P 58 -19.74 -20.50 0.62
C LEU P 58 -18.33 -19.98 0.87
N THR P 59 -17.59 -19.79 -0.22
CA THR P 59 -16.29 -19.14 -0.21
C THR P 59 -16.33 -18.02 -1.24
N ILE P 60 -16.38 -16.78 -0.76
CA ILE P 60 -16.52 -15.61 -1.62
C ILE P 60 -15.13 -15.05 -1.91
N LYS P 61 -14.89 -14.71 -3.19
CA LYS P 61 -13.58 -14.19 -3.59
C LYS P 61 -13.46 -12.70 -3.32
N LYS P 62 -14.38 -11.91 -3.86
CA LYS P 62 -14.35 -10.47 -3.69
C LYS P 62 -15.60 -9.97 -2.98
N PRO P 63 -15.49 -8.94 -2.16
CA PRO P 63 -16.66 -8.44 -1.42
C PRO P 63 -17.53 -7.53 -2.27
N ASN P 64 -18.81 -7.49 -1.90
CA ASN P 64 -19.78 -6.54 -2.44
C ASN P 64 -20.70 -6.11 -1.31
N GLU P 65 -21.66 -5.24 -1.62
CA GLU P 65 -22.51 -4.67 -0.58
C GLU P 65 -23.28 -5.77 0.16
N LEU P 66 -23.72 -6.79 -0.57
CA LEU P 66 -24.45 -7.88 0.08
C LEU P 66 -23.55 -8.66 1.03
N SER P 67 -22.32 -8.96 0.62
CA SER P 67 -21.41 -9.72 1.48
C SER P 67 -21.06 -8.93 2.74
N ARG P 68 -20.86 -7.62 2.60
CA ARG P 68 -20.50 -6.81 3.76
C ARG P 68 -21.69 -6.66 4.71
N VAL P 69 -22.88 -6.39 4.18
CA VAL P 69 -24.03 -6.17 5.04
C VAL P 69 -24.45 -7.44 5.77
N LEU P 70 -24.11 -8.61 5.24
CA LEU P 70 -24.33 -9.87 5.93
C LEU P 70 -23.18 -10.25 6.85
N GLY P 71 -22.13 -9.43 6.91
CA GLY P 71 -21.01 -9.71 7.77
C GLY P 71 -20.17 -10.89 7.36
N LEU P 72 -20.03 -11.12 6.05
CA LEU P 72 -19.36 -12.31 5.55
C LEU P 72 -17.89 -12.05 5.31
N LYS P 73 -17.12 -13.13 5.32
CA LYS P 73 -15.69 -13.10 5.03
C LYS P 73 -15.46 -13.44 3.55
N THR P 74 -14.49 -12.77 2.94
CA THR P 74 -14.10 -13.04 1.57
C THR P 74 -12.61 -13.34 1.50
N LEU P 75 -12.20 -13.96 0.39
CA LEU P 75 -10.79 -14.31 0.22
C LEU P 75 -9.92 -13.06 0.10
N ALA P 76 -10.38 -12.05 -0.63
CA ALA P 76 -9.58 -10.85 -0.84
C ALA P 76 -9.36 -10.09 0.46
N THR P 77 -10.36 -10.10 1.35
CA THR P 77 -10.28 -9.34 2.59
C THR P 77 -9.85 -10.16 3.79
N HIS P 78 -10.06 -11.47 3.78
CA HIS P 78 -9.76 -12.31 4.94
C HIS P 78 -8.84 -13.48 4.64
N GLY P 79 -8.50 -13.73 3.38
CA GLY P 79 -7.55 -14.80 3.09
C GLY P 79 -8.17 -16.18 3.27
N LEU P 80 -7.37 -17.09 3.83
CA LEU P 80 -7.79 -18.49 3.97
C LEU P 80 -8.92 -18.66 4.99
N ALA P 81 -9.14 -17.67 5.87
CA ALA P 81 -10.18 -17.80 6.89
C ALA P 81 -11.58 -17.77 6.31
N ALA P 82 -11.74 -17.27 5.07
CA ALA P 82 -13.05 -17.20 4.45
C ALA P 82 -13.49 -18.50 3.79
N VAL P 83 -12.67 -19.54 3.85
CA VAL P 83 -12.98 -20.81 3.21
C VAL P 83 -14.16 -21.44 3.96
N ASN P 84 -15.30 -21.54 3.27
CA ASN P 84 -16.51 -22.15 3.82
C ASN P 84 -16.86 -21.57 5.19
N SER P 85 -16.77 -20.25 5.28
CA SER P 85 -16.92 -19.54 6.55
C SER P 85 -18.27 -18.86 6.72
N VAL P 86 -19.09 -18.81 5.67
CA VAL P 86 -20.41 -18.18 5.76
C VAL P 86 -21.27 -18.99 6.71
N PRO P 87 -21.71 -18.41 7.83
CA PRO P 87 -22.46 -19.18 8.82
C PRO P 87 -23.80 -19.65 8.27
N TRP P 88 -24.28 -20.76 8.85
CA TRP P 88 -25.54 -21.34 8.39
C TRP P 88 -26.73 -20.44 8.75
N ASP P 89 -26.74 -19.89 9.98
CA ASP P 89 -27.84 -19.04 10.40
C ASP P 89 -27.97 -17.82 9.51
N THR P 90 -26.86 -17.29 9.00
CA THR P 90 -26.92 -16.17 8.07
C THR P 90 -27.54 -16.60 6.75
N ILE P 91 -27.15 -17.76 6.23
CA ILE P 91 -27.74 -18.26 4.98
C ILE P 91 -29.23 -18.53 5.17
N ALA P 92 -29.58 -19.19 6.28
CA ALA P 92 -30.99 -19.50 6.54
C ALA P 92 -31.80 -18.23 6.71
N ASN P 93 -31.27 -17.24 7.42
CA ASN P 93 -32.01 -16.01 7.66
C ASN P 93 -32.23 -15.22 6.38
N TYR P 94 -31.27 -15.26 5.45
CA TYR P 94 -31.47 -14.58 4.18
C TYR P 94 -32.54 -15.27 3.34
N ALA P 95 -32.51 -16.60 3.29
CA ALA P 95 -33.33 -17.34 2.35
C ALA P 95 -34.81 -17.37 2.75
N LYS P 96 -35.11 -17.43 4.04
CA LYS P 96 -36.48 -17.71 4.48
C LYS P 96 -37.52 -16.74 3.93
N PRO P 97 -37.29 -15.41 3.87
CA PRO P 97 -38.27 -14.54 3.22
C PRO P 97 -38.58 -14.92 1.78
N PHE P 98 -37.74 -15.74 1.14
CA PHE P 98 -37.95 -16.13 -0.25
C PHE P 98 -38.59 -17.50 -0.40
N LEU P 99 -38.69 -18.29 0.68
CA LEU P 99 -39.41 -19.55 0.64
C LEU P 99 -40.82 -19.33 1.18
N ASN P 100 -41.54 -20.43 1.42
CA ASN P 100 -42.88 -20.37 1.96
C ASN P 100 -43.10 -21.44 3.03
#